data_5O6U
#
_entry.id   5O6U
#
_cell.length_a   143.316
_cell.length_b   143.316
_cell.length_c   172.698
_cell.angle_alpha   90.00
_cell.angle_beta   90.00
_cell.angle_gamma   120.00
#
_symmetry.space_group_name_H-M   'P 32 2 1'
#
loop_
_entity.id
_entity.type
_entity.pdbx_description
1 polymer crRNA
2 polymer 'CRISPR-associated protein, Csy4 family'
3 polymer 'Uncharacterized protein'
4 polymer 'Uncharacterized protein'
5 polymer 'non-target DNA'
6 polymer 'target DNA'
#
loop_
_entity_poly.entity_id
_entity_poly.type
_entity_poly.pdbx_seq_one_letter_code
_entity_poly.pdbx_strand_id
1 'polyribonucleotide' CUUAGAAAGCAAACCUAUAACCGUUCACCGCCGCACAGGCGGC A
2 'polypeptide(L)'
;NSYIDIRLKPDAEMREAELSSKVFTKFHKALVTLNSHKIGISFPQMKLSLGQLFRIHGDASLLHDLQGLDWLGPLAGYCQ
VTAVSAVPDHVQYRIVSVKRSNLSKAKLKRLIARGSIDKDGEKRYKVKMLGQGFDNPYLDLFSSSTGQVYRKFFEFSDIQ
AHPLDGEFDSYGLSKTATVPWF
;
B
3 'polypeptide(L)'
;MQKVTGIKSVDFKIKALGHGVVNWNGPTTLTGDDGKTVDNHTLPKLRGYTNLTGKVKDETGYKYKKQATDINFKETPLYI
SQNCIRHHLFREQAFDLHYASDKNLKNVLASITGLIRGYVVPSSQCKRTSPLLLEDFVDQLGNGNFEQYGQAGARDSTSF
FSKTTFGDTEYISYGSISIEQLQFISLDKKFDRAAMVIKEGEGEVIAAELQNYIQSLNPSLNPQAIFHSNYVRRGTIFEE
GECGILLNDDAVKALVAETLERLANLSIRQAKGYMYVDDITVDYNDSHKMMRIKRDESEIINEQHAPFAQYFYAK
;
C,D,E
4 'polypeptide(L)'
;MKIIIEYDSCWRNAFLGGSNNEPVPKKGREFLGSMTSLKKEGNFKVCENTLDTVMGVLNRLIGDQRKLYQARSKMYESAY
YFEALEDKVSFIDKPQLTNEISFIRNMNGSTDQNAFTGMIKVSDPVFTSEYSQQFWGVLALDFTQLCDFIIKQSQVVGSI
ELNPLSIINRLESLNQEKALENSDDLAQVLKVLNEYFPDIEYLNNKGLITPISIYCSALYLQLARLETSFNMTTAKTKAG
GISGISKRGFTKKDFMDRYTTGPKKTIWGNPFIKKEKIKGQGEVTSMMTKASGQLEISIDVDRDKAQEIKILIENAGVSS
FYLGKKGLAYVSNIKL
;
F
5 'polydeoxyribonucleotide'
;(DC)(DC)(DC)(DG)(DG)(DC)(DC)(DC)(DC)(DG)(DT)(DC)(DC)(DA)(DT)(DT)(DA)(DT)(DT)(DA)
(DT)
;
H
6 'polydeoxyribonucleotide'
;(DG)(DG)(DT)(DT)(DA)(DT)(DA)(DG)(DG)(DT)(DT)(DT)(DG)(DC)(DG)(DG)(DA)(DC)(DG)(DG)
(DG)(DG)(DC)(DC)(DG)(DG)(DG)
;
I
#
# COMPACT_ATOMS: atom_id res chain seq x y z
N ASN B 1 14.66 -70.66 -21.33
CA ASN B 1 15.77 -71.09 -22.17
C ASN B 1 16.26 -69.96 -23.04
N SER B 2 15.43 -68.97 -23.23
CA SER B 2 15.78 -67.84 -24.05
C SER B 2 15.40 -66.60 -23.28
N TYR B 3 16.16 -65.53 -23.45
CA TYR B 3 15.92 -64.28 -22.73
C TYR B 3 16.17 -63.06 -23.57
N ILE B 4 15.58 -61.95 -23.15
CA ILE B 4 15.77 -60.69 -23.84
C ILE B 4 15.98 -59.56 -22.84
N ASP B 5 16.85 -58.62 -23.16
CA ASP B 5 17.08 -57.50 -22.25
C ASP B 5 16.46 -56.21 -22.75
N ILE B 6 15.90 -55.43 -21.83
CA ILE B 6 15.41 -54.10 -22.14
C ILE B 6 16.02 -53.09 -21.19
N ARG B 7 16.87 -52.21 -21.73
CA ARG B 7 17.51 -51.20 -20.90
C ARG B 7 16.80 -49.86 -21.05
N LEU B 8 16.39 -49.28 -19.92
CA LEU B 8 15.71 -48.00 -19.92
C LEU B 8 16.64 -46.87 -20.34
N LYS B 9 16.18 -46.04 -21.28
CA LYS B 9 16.88 -44.82 -21.61
C LYS B 9 16.26 -43.67 -20.83
N PRO B 10 16.96 -43.19 -19.79
CA PRO B 10 16.46 -42.12 -18.93
C PRO B 10 16.19 -40.84 -19.71
N ASP B 11 15.12 -40.13 -19.35
CA ASP B 11 14.72 -38.94 -20.09
C ASP B 11 14.34 -37.81 -19.16
N ALA B 12 14.38 -36.58 -19.67
CA ALA B 12 13.97 -35.41 -18.90
C ALA B 12 12.47 -35.46 -18.64
N GLU B 13 11.72 -35.99 -19.60
CA GLU B 13 10.28 -36.13 -19.46
C GLU B 13 9.94 -37.26 -18.49
N MET B 14 10.56 -38.42 -18.68
CA MET B 14 10.33 -39.56 -17.81
C MET B 14 11.63 -40.09 -17.20
N ARG B 15 11.75 -39.94 -15.89
CA ARG B 15 12.86 -40.51 -15.13
C ARG B 15 12.66 -42.02 -14.96
N GLU B 16 13.73 -42.72 -14.60
CA GLU B 16 13.76 -44.18 -14.58
C GLU B 16 12.55 -44.85 -13.91
N ALA B 17 12.04 -44.24 -12.84
CA ALA B 17 10.90 -44.80 -12.11
C ALA B 17 9.64 -44.91 -12.98
N GLU B 18 9.22 -43.77 -13.53
CA GLU B 18 8.01 -43.71 -14.34
C GLU B 18 8.11 -44.61 -15.57
N LEU B 19 9.28 -44.58 -16.22
CA LEU B 19 9.56 -45.46 -17.34
C LEU B 19 9.40 -46.92 -16.95
N SER B 20 9.99 -47.28 -15.82
CA SER B 20 9.92 -48.65 -15.30
C SER B 20 8.46 -49.06 -15.10
N SER B 21 7.68 -48.20 -14.46
CA SER B 21 6.27 -48.47 -14.22
C SER B 21 5.52 -48.70 -15.52
N LYS B 22 5.64 -47.77 -16.45
CA LYS B 22 4.89 -47.84 -17.70
C LYS B 22 5.27 -49.05 -18.55
N VAL B 23 6.57 -49.34 -18.66
CA VAL B 23 7.01 -50.48 -19.46
C VAL B 23 6.59 -51.78 -18.78
N PHE B 24 6.54 -51.77 -17.45
CA PHE B 24 6.12 -52.94 -16.69
C PHE B 24 4.64 -53.24 -16.94
N THR B 25 3.81 -52.20 -16.87
CA THR B 25 2.37 -52.36 -17.11
C THR B 25 2.10 -52.74 -18.56
N LYS B 26 2.87 -52.18 -19.49
CA LYS B 26 2.74 -52.54 -20.91
C LYS B 26 3.08 -54.01 -21.11
N PHE B 27 4.13 -54.46 -20.43
CA PHE B 27 4.50 -55.88 -20.45
C PHE B 27 3.38 -56.74 -19.89
N HIS B 28 2.72 -56.23 -18.85
CA HIS B 28 1.58 -56.91 -18.24
C HIS B 28 0.44 -57.11 -19.23
N LYS B 29 0.07 -56.02 -19.91
CA LYS B 29 -0.99 -56.08 -20.90
C LYS B 29 -0.60 -57.02 -22.04
N ALA B 30 0.69 -57.00 -22.38
CA ALA B 30 1.23 -57.91 -23.38
C ALA B 30 0.99 -59.36 -22.99
N LEU B 31 1.34 -59.71 -21.76
CA LEU B 31 1.15 -61.07 -21.28
C LEU B 31 -0.34 -61.42 -21.17
N VAL B 32 -1.16 -60.42 -20.89
CA VAL B 32 -2.61 -60.61 -20.84
C VAL B 32 -3.14 -61.01 -22.20
N THR B 33 -2.67 -60.32 -23.25
CA THR B 33 -3.08 -60.64 -24.61
C THR B 33 -2.53 -62.00 -25.05
N LEU B 34 -1.24 -62.19 -24.80
CA LEU B 34 -0.59 -63.40 -25.21
C LEU B 34 -1.00 -64.58 -24.36
N ASN B 35 -1.68 -64.31 -23.25
CA ASN B 35 -2.21 -65.39 -22.43
C ASN B 35 -1.21 -66.47 -22.07
N SER B 36 -0.01 -66.12 -21.65
CA SER B 36 0.95 -67.15 -21.33
C SER B 36 1.28 -67.20 -19.86
N HIS B 37 1.21 -68.39 -19.27
CA HIS B 37 1.54 -68.53 -17.88
C HIS B 37 3.03 -68.83 -17.76
N LYS B 38 3.67 -68.99 -18.91
CA LYS B 38 5.10 -69.30 -18.98
C LYS B 38 6.15 -68.21 -19.22
N ILE B 39 5.76 -66.97 -19.44
CA ILE B 39 6.72 -65.89 -19.68
C ILE B 39 7.14 -65.15 -18.41
N GLY B 40 8.44 -65.18 -18.09
CA GLY B 40 8.95 -64.57 -16.89
C GLY B 40 9.75 -63.29 -17.06
N ILE B 41 10.20 -62.73 -15.93
CA ILE B 41 11.10 -61.57 -15.92
C ILE B 41 12.04 -61.56 -14.72
N SER B 42 13.10 -60.76 -14.83
CA SER B 42 13.96 -60.45 -13.70
C SER B 42 14.52 -59.03 -13.82
N PHE B 43 15.25 -58.60 -12.80
CA PHE B 43 15.79 -57.25 -12.73
C PHE B 43 17.24 -57.30 -12.29
N PRO B 44 18.14 -57.62 -13.24
CA PRO B 44 19.55 -57.97 -13.00
C PRO B 44 20.34 -56.90 -12.26
N GLN B 45 20.13 -55.67 -12.66
CA GLN B 45 20.82 -54.51 -12.10
C GLN B 45 20.13 -54.01 -10.86
N MET B 46 19.12 -54.73 -10.40
CA MET B 46 18.44 -54.25 -9.22
C MET B 46 19.40 -54.23 -8.04
N LYS B 47 19.41 -53.12 -7.33
CA LYS B 47 20.24 -52.94 -6.14
C LYS B 47 19.53 -51.89 -5.31
N LEU B 48 18.44 -52.30 -4.69
CA LEU B 48 17.50 -51.53 -3.84
C LEU B 48 16.46 -50.72 -4.62
N SER B 49 16.57 -50.78 -5.94
CA SER B 49 15.68 -50.19 -6.88
C SER B 49 15.76 -51.19 -8.01
N LEU B 50 14.63 -51.57 -8.53
CA LEU B 50 14.60 -52.58 -9.60
C LEU B 50 15.68 -52.39 -10.67
N GLY B 51 16.17 -51.17 -10.84
CA GLY B 51 17.24 -50.91 -11.79
C GLY B 51 16.74 -50.48 -13.15
N GLN B 52 17.68 -50.26 -14.07
CA GLN B 52 17.35 -49.76 -15.41
C GLN B 52 17.23 -50.86 -16.47
N LEU B 53 17.43 -52.11 -16.07
CA LEU B 53 17.31 -53.21 -17.03
C LEU B 53 16.25 -54.23 -16.62
N PHE B 54 15.31 -54.48 -17.53
CA PHE B 54 14.27 -55.48 -17.33
C PHE B 54 14.54 -56.65 -18.27
N ARG B 55 14.75 -57.84 -17.71
CA ARG B 55 15.06 -58.99 -18.56
C ARG B 55 13.89 -59.96 -18.66
N ILE B 56 13.44 -60.25 -19.88
CA ILE B 56 12.33 -61.17 -20.07
C ILE B 56 12.81 -62.57 -20.40
N HIS B 57 12.27 -63.58 -19.73
CA HIS B 57 12.69 -64.96 -19.93
C HIS B 57 11.56 -65.81 -20.52
N GLY B 58 11.93 -66.81 -21.32
CA GLY B 58 10.95 -67.72 -21.89
C GLY B 58 11.38 -68.40 -23.17
N ASP B 59 10.41 -68.85 -23.95
CA ASP B 59 10.65 -69.49 -25.23
C ASP B 59 11.03 -68.47 -26.30
N ALA B 60 11.94 -68.86 -27.19
CA ALA B 60 12.45 -67.97 -28.22
C ALA B 60 11.35 -67.45 -29.14
N SER B 61 10.39 -68.30 -29.47
CA SER B 61 9.30 -67.91 -30.35
C SER B 61 8.35 -66.92 -29.67
N LEU B 62 8.25 -67.02 -28.35
CA LEU B 62 7.39 -66.13 -27.58
C LEU B 62 8.04 -64.75 -27.46
N LEU B 63 9.36 -64.74 -27.29
CA LEU B 63 10.11 -63.49 -27.25
C LEU B 63 10.07 -62.83 -28.62
N HIS B 64 10.13 -63.66 -29.67
CA HIS B 64 9.96 -63.18 -31.04
C HIS B 64 8.56 -62.59 -31.20
N ASP B 65 7.58 -63.22 -30.57
CA ASP B 65 6.21 -62.73 -30.60
C ASP B 65 6.13 -61.37 -29.92
N LEU B 66 6.90 -61.17 -28.87
CA LEU B 66 6.93 -59.90 -28.17
C LEU B 66 7.59 -58.81 -29.03
N GLN B 67 8.75 -59.11 -29.60
CA GLN B 67 9.45 -58.16 -30.47
C GLN B 67 8.60 -57.77 -31.67
N GLY B 68 7.92 -58.75 -32.27
CA GLY B 68 7.08 -58.51 -33.43
C GLY B 68 5.78 -57.78 -33.13
N LEU B 69 5.14 -58.14 -32.02
CA LEU B 69 3.89 -57.52 -31.61
C LEU B 69 4.09 -56.07 -31.21
N ASP B 70 5.34 -55.71 -30.91
CA ASP B 70 5.72 -54.38 -30.42
C ASP B 70 4.72 -53.86 -29.39
N TRP B 71 4.65 -54.58 -28.29
CA TRP B 71 3.82 -54.26 -27.16
C TRP B 71 4.15 -52.85 -26.74
N LEU B 72 5.39 -52.61 -26.40
CA LEU B 72 5.70 -51.28 -25.90
C LEU B 72 5.98 -50.34 -27.03
N GLY B 73 4.96 -50.09 -27.86
CA GLY B 73 5.16 -49.22 -29.01
C GLY B 73 5.51 -47.76 -28.85
N PRO B 74 4.80 -47.03 -27.98
CA PRO B 74 5.14 -45.61 -27.89
C PRO B 74 6.53 -45.28 -27.35
N LEU B 75 6.87 -46.08 -26.35
CA LEU B 75 8.02 -46.01 -25.49
C LEU B 75 9.23 -46.72 -26.01
N ALA B 76 9.19 -47.12 -27.27
CA ALA B 76 10.32 -47.82 -27.84
C ALA B 76 11.59 -46.96 -27.79
N GLY B 77 11.46 -45.67 -28.05
CA GLY B 77 12.60 -44.79 -28.04
C GLY B 77 13.33 -44.73 -26.71
N TYR B 78 12.63 -44.74 -25.58
CA TYR B 78 13.38 -44.66 -24.36
C TYR B 78 14.04 -46.00 -24.12
N CYS B 79 13.75 -46.98 -24.96
CA CYS B 79 14.27 -48.30 -24.62
C CYS B 79 15.32 -48.82 -25.60
N GLN B 80 16.33 -49.47 -25.04
CA GLN B 80 17.40 -50.10 -25.82
C GLN B 80 17.28 -51.62 -25.69
N VAL B 81 17.16 -52.31 -26.81
CA VAL B 81 16.81 -53.73 -26.79
C VAL B 81 17.80 -54.62 -27.53
N THR B 82 18.36 -55.60 -26.81
CA THR B 82 19.18 -56.63 -27.40
C THR B 82 18.30 -57.69 -28.09
N ALA B 83 18.88 -58.42 -29.03
CA ALA B 83 18.16 -59.51 -29.69
C ALA B 83 17.96 -60.67 -28.75
N VAL B 84 16.99 -61.53 -29.06
CA VAL B 84 16.78 -62.75 -28.28
C VAL B 84 18.02 -63.64 -28.40
N SER B 85 18.36 -64.31 -27.30
CA SER B 85 19.53 -65.19 -27.28
C SER B 85 19.36 -66.24 -26.18
N ALA B 86 20.08 -67.35 -26.33
CA ALA B 86 20.09 -68.39 -25.31
C ALA B 86 20.90 -67.90 -24.12
N VAL B 87 20.43 -68.22 -22.91
CA VAL B 87 21.13 -67.81 -21.69
C VAL B 87 22.51 -68.45 -21.62
N PRO B 88 23.46 -67.78 -20.96
CA PRO B 88 24.80 -68.35 -20.78
C PRO B 88 24.75 -69.67 -19.99
N ASP B 89 25.72 -70.54 -20.23
CA ASP B 89 25.70 -71.89 -19.67
C ASP B 89 25.87 -71.91 -18.15
N HIS B 90 26.67 -70.99 -17.62
CA HIS B 90 26.89 -70.93 -16.17
C HIS B 90 26.02 -69.83 -15.57
N VAL B 91 24.97 -70.24 -14.88
CA VAL B 91 23.95 -69.31 -14.43
C VAL B 91 23.30 -69.76 -13.12
N GLN B 92 23.06 -68.82 -12.20
CA GLN B 92 22.32 -69.13 -10.98
C GLN B 92 20.84 -68.88 -11.20
N TYR B 93 20.02 -69.17 -10.21
CA TYR B 93 18.57 -69.02 -10.39
C TYR B 93 17.93 -68.38 -9.17
N ARG B 94 16.86 -67.64 -9.39
CA ARG B 94 16.06 -67.14 -8.28
C ARG B 94 14.61 -66.88 -8.70
N ILE B 95 13.68 -67.10 -7.78
CA ILE B 95 12.29 -66.80 -8.07
C ILE B 95 12.05 -65.31 -7.90
N VAL B 96 10.85 -64.86 -8.24
CA VAL B 96 10.44 -63.51 -7.89
C VAL B 96 9.09 -63.58 -7.19
N SER B 97 9.09 -63.28 -5.91
CA SER B 97 7.87 -63.33 -5.13
C SER B 97 7.36 -61.92 -4.90
N VAL B 98 6.19 -61.61 -5.45
CA VAL B 98 5.59 -60.32 -5.20
C VAL B 98 5.15 -60.29 -3.75
N LYS B 99 5.66 -59.32 -3.00
CA LYS B 99 5.33 -59.26 -1.58
C LYS B 99 4.21 -58.27 -1.34
N ARG B 100 3.05 -58.78 -0.95
CA ARG B 100 1.92 -57.94 -0.63
C ARG B 100 1.41 -58.27 0.76
N SER B 101 1.13 -57.23 1.54
CA SER B 101 0.64 -57.41 2.90
C SER B 101 -0.78 -57.96 2.89
N ASN B 102 -1.17 -58.61 3.98
CA ASN B 102 -2.53 -59.08 4.16
C ASN B 102 -3.42 -58.00 4.73
N LEU B 103 -2.83 -56.82 4.95
CA LEU B 103 -3.56 -55.69 5.52
C LEU B 103 -3.69 -54.54 4.53
N SER B 104 -4.87 -53.95 4.47
CA SER B 104 -5.14 -52.82 3.59
C SER B 104 -6.31 -52.00 4.12
N LYS B 105 -6.42 -50.75 3.66
CA LYS B 105 -7.52 -49.89 4.07
C LYS B 105 -8.85 -50.44 3.59
N ALA B 106 -8.85 -50.99 2.37
CA ALA B 106 -10.06 -51.58 1.80
C ALA B 106 -10.51 -52.79 2.61
N LYS B 107 -9.53 -53.55 3.11
CA LYS B 107 -9.83 -54.72 3.92
C LYS B 107 -10.34 -54.31 5.30
N LEU B 108 -9.85 -53.19 5.82
CA LEU B 108 -10.32 -52.68 7.10
C LEU B 108 -11.75 -52.19 6.97
N LYS B 109 -12.02 -51.45 5.90
CA LYS B 109 -13.36 -50.97 5.58
C LYS B 109 -14.31 -52.15 5.40
N ARG B 110 -13.78 -53.22 4.82
CA ARG B 110 -14.53 -54.45 4.62
C ARG B 110 -14.86 -55.11 5.95
N LEU B 111 -13.89 -55.13 6.87
CA LEU B 111 -14.09 -55.73 8.19
C LEU B 111 -15.10 -54.93 9.00
N ILE B 112 -15.10 -53.61 8.83
CA ILE B 112 -16.09 -52.76 9.47
C ILE B 112 -17.47 -53.01 8.88
N ALA B 113 -17.51 -53.21 7.57
CA ALA B 113 -18.77 -53.46 6.87
C ALA B 113 -19.36 -54.83 7.24
N ARG B 114 -18.49 -55.78 7.57
CA ARG B 114 -18.93 -57.13 7.93
C ARG B 114 -19.28 -57.21 9.41
N GLY B 115 -18.98 -56.16 10.16
CA GLY B 115 -19.23 -56.12 11.59
C GLY B 115 -18.32 -57.06 12.35
N SER B 116 -17.16 -57.31 11.77
CA SER B 116 -16.21 -58.22 12.36
C SER B 116 -15.20 -57.62 13.35
N ILE B 117 -15.08 -56.31 13.44
CA ILE B 117 -14.08 -55.77 14.36
C ILE B 117 -14.50 -54.59 15.22
N ASP B 118 -13.95 -54.54 16.43
CA ASP B 118 -14.22 -53.51 17.40
C ASP B 118 -13.46 -52.18 17.22
N LYS B 119 -13.97 -51.15 17.86
CA LYS B 119 -13.39 -49.83 17.80
C LYS B 119 -11.89 -49.90 18.11
N ASP B 120 -11.54 -50.60 19.18
CA ASP B 120 -10.15 -50.78 19.56
C ASP B 120 -9.45 -51.67 18.54
N GLY B 121 -10.22 -52.57 17.94
CA GLY B 121 -9.72 -53.46 16.92
C GLY B 121 -9.24 -52.69 15.70
N GLU B 122 -9.90 -51.58 15.39
CA GLU B 122 -9.47 -50.71 14.31
C GLU B 122 -8.11 -50.12 14.61
N LYS B 123 -7.92 -49.69 15.86
CA LYS B 123 -6.67 -49.09 16.28
C LYS B 123 -5.52 -50.10 16.23
N ARG B 124 -5.77 -51.30 16.75
CA ARG B 124 -4.76 -52.35 16.71
C ARG B 124 -4.43 -52.77 15.27
N TYR B 125 -5.47 -52.78 14.43
CA TYR B 125 -5.32 -53.06 13.01
C TYR B 125 -4.41 -52.04 12.34
N LYS B 126 -4.66 -50.76 12.63
CA LYS B 126 -3.89 -49.67 12.04
C LYS B 126 -2.44 -49.68 12.53
N VAL B 127 -2.24 -49.98 13.81
CA VAL B 127 -0.90 -50.02 14.37
C VAL B 127 -0.11 -51.19 13.79
N LYS B 128 -0.77 -52.33 13.59
CA LYS B 128 -0.09 -53.47 12.98
C LYS B 128 0.20 -53.22 11.51
N MET B 129 -0.71 -52.51 10.85
CA MET B 129 -0.58 -52.24 9.41
C MET B 129 0.50 -51.22 9.11
N LEU B 130 0.50 -50.10 9.84
CA LEU B 130 1.46 -49.03 9.62
C LEU B 130 2.76 -49.31 10.37
N GLY B 131 2.72 -50.28 11.29
CA GLY B 131 3.90 -50.66 12.04
C GLY B 131 4.88 -51.41 11.17
N GLN B 132 4.36 -52.31 10.33
CA GLN B 132 5.19 -53.04 9.39
C GLN B 132 5.61 -52.14 8.24
N GLY B 133 6.69 -52.51 7.57
CA GLY B 133 7.17 -51.76 6.43
C GLY B 133 7.98 -52.64 5.50
N PHE B 134 8.04 -52.26 4.22
CA PHE B 134 8.77 -53.03 3.24
C PHE B 134 9.98 -52.25 2.71
N ASP B 135 11.17 -52.74 3.06
CA ASP B 135 12.40 -52.16 2.53
C ASP B 135 12.64 -52.66 1.11
N ASN B 136 11.82 -53.63 0.70
CA ASN B 136 11.92 -54.23 -0.62
C ASN B 136 11.68 -53.21 -1.74
N PRO B 137 12.34 -53.43 -2.89
CA PRO B 137 12.11 -52.61 -4.09
C PRO B 137 10.64 -52.65 -4.51
N TYR B 138 10.10 -51.52 -4.91
CA TYR B 138 8.70 -51.44 -5.27
C TYR B 138 8.54 -50.70 -6.59
N LEU B 139 7.34 -50.75 -7.13
CA LEU B 139 7.00 -49.98 -8.31
C LEU B 139 5.53 -49.56 -8.20
N ASP B 140 5.24 -48.31 -8.55
CA ASP B 140 3.86 -47.83 -8.53
C ASP B 140 3.21 -48.02 -9.88
N LEU B 141 2.17 -48.85 -9.91
CA LEU B 141 1.51 -49.23 -11.14
C LEU B 141 0.18 -48.50 -11.33
N PHE B 142 0.06 -47.84 -12.48
CA PHE B 142 -1.21 -47.24 -12.88
C PHE B 142 -2.12 -48.33 -13.42
N SER B 143 -3.43 -48.14 -13.32
CA SER B 143 -4.36 -49.16 -13.78
C SER B 143 -5.56 -48.58 -14.53
N SER B 144 -6.43 -49.47 -14.99
CA SER B 144 -7.62 -49.10 -15.74
C SER B 144 -8.86 -49.72 -15.12
N SER B 145 -8.89 -51.05 -15.09
CA SER B 145 -10.02 -51.81 -14.56
C SER B 145 -10.43 -51.36 -13.16
N THR B 146 -9.48 -51.38 -12.23
CA THR B 146 -9.73 -50.91 -10.87
C THR B 146 -9.64 -49.39 -10.80
N GLY B 147 -8.97 -48.79 -11.79
CA GLY B 147 -8.83 -47.35 -11.87
C GLY B 147 -8.05 -46.78 -10.71
N GLN B 148 -7.01 -47.51 -10.27
CA GLN B 148 -6.21 -47.10 -9.13
C GLN B 148 -4.72 -47.15 -9.43
N VAL B 149 -3.93 -46.44 -8.63
CA VAL B 149 -2.48 -46.52 -8.71
C VAL B 149 -1.95 -47.21 -7.47
N TYR B 150 -1.45 -48.43 -7.63
CA TYR B 150 -1.08 -49.24 -6.47
C TYR B 150 0.40 -49.63 -6.44
N ARG B 151 0.95 -49.71 -5.24
CA ARG B 151 2.36 -50.03 -5.07
C ARG B 151 2.57 -51.53 -4.89
N LYS B 152 3.27 -52.14 -5.84
CA LYS B 152 3.58 -53.57 -5.79
C LYS B 152 5.03 -53.78 -5.36
N PHE B 153 5.28 -54.79 -4.54
CA PHE B 153 6.62 -55.03 -4.00
C PHE B 153 7.21 -56.32 -4.53
N PHE B 154 8.54 -56.37 -4.58
CA PHE B 154 9.25 -57.52 -5.12
C PHE B 154 10.26 -58.07 -4.12
N GLU B 155 10.35 -59.40 -4.05
CA GLU B 155 11.33 -60.08 -3.22
C GLU B 155 11.83 -61.31 -3.98
N PHE B 156 13.09 -61.69 -3.78
CA PHE B 156 13.70 -62.84 -4.47
C PHE B 156 14.47 -63.80 -3.57
N SER B 157 14.59 -65.06 -4.01
CA SER B 157 15.34 -66.07 -3.29
C SER B 157 16.83 -65.90 -3.53
N ASP B 158 17.68 -66.50 -2.70
CA ASP B 158 19.10 -66.25 -2.92
C ASP B 158 19.80 -67.37 -3.68
N ILE B 159 20.24 -67.04 -4.89
CA ILE B 159 21.18 -67.81 -5.71
C ILE B 159 20.96 -69.34 -5.73
N GLN B 160 19.71 -69.77 -5.89
CA GLN B 160 19.44 -71.19 -6.04
C GLN B 160 20.16 -71.74 -7.27
N ALA B 161 20.94 -72.79 -7.06
CA ALA B 161 21.80 -73.33 -8.13
C ALA B 161 21.01 -74.11 -9.17
N HIS B 162 19.82 -74.57 -8.79
CA HIS B 162 19.01 -75.41 -9.66
C HIS B 162 17.66 -74.77 -9.98
N PRO B 163 17.18 -74.98 -11.21
CA PRO B 163 15.88 -74.43 -11.64
C PRO B 163 14.68 -75.19 -11.06
N LEU B 164 13.61 -74.47 -10.77
CA LEU B 164 12.34 -75.08 -10.39
C LEU B 164 11.24 -74.63 -11.34
N ASP B 165 10.68 -75.58 -12.09
CA ASP B 165 9.63 -75.27 -13.04
C ASP B 165 8.38 -74.75 -12.32
N GLY B 166 7.79 -73.69 -12.85
CA GLY B 166 6.61 -73.10 -12.24
C GLY B 166 5.89 -72.10 -13.13
N GLU B 167 4.75 -71.61 -12.65
CA GLU B 167 3.97 -70.63 -13.40
C GLU B 167 4.46 -69.20 -13.20
N PHE B 168 4.35 -68.41 -14.26
CA PHE B 168 4.56 -66.98 -14.20
C PHE B 168 3.17 -66.37 -14.41
N ASP B 169 2.64 -65.73 -13.36
CA ASP B 169 1.20 -65.52 -13.29
C ASP B 169 0.64 -64.48 -14.26
N SER B 170 0.95 -63.20 -14.03
CA SER B 170 0.35 -62.13 -14.82
C SER B 170 1.41 -61.17 -15.36
N TYR B 171 2.10 -60.51 -14.44
CA TYR B 171 3.05 -59.46 -14.79
C TYR B 171 4.43 -60.03 -15.13
N GLY B 172 4.55 -61.35 -15.07
CA GLY B 172 5.80 -61.99 -15.42
C GLY B 172 6.65 -62.36 -14.22
N LEU B 173 6.39 -61.76 -13.05
CA LEU B 173 7.09 -62.18 -11.86
C LEU B 173 6.69 -63.61 -11.54
N SER B 174 7.64 -64.41 -11.10
CA SER B 174 7.26 -65.77 -10.82
C SER B 174 7.31 -66.12 -9.36
N LYS B 175 6.25 -66.77 -8.90
CA LYS B 175 6.22 -67.25 -7.54
C LYS B 175 6.40 -68.72 -7.79
N THR B 176 7.46 -69.27 -7.22
CA THR B 176 7.90 -70.67 -7.28
C THR B 176 8.60 -71.09 -8.57
N ALA B 177 8.82 -70.18 -9.51
CA ALA B 177 9.57 -70.59 -10.69
C ALA B 177 10.82 -69.77 -10.71
N THR B 178 11.97 -70.42 -10.76
CA THR B 178 13.23 -69.72 -10.70
C THR B 178 13.69 -69.28 -12.09
N VAL B 179 13.89 -67.97 -12.26
CA VAL B 179 14.44 -67.43 -13.49
C VAL B 179 15.96 -67.35 -13.39
N PRO B 180 16.65 -67.46 -14.54
CA PRO B 180 18.11 -67.31 -14.63
C PRO B 180 18.59 -65.92 -14.23
N TRP B 181 19.61 -65.88 -13.39
CA TRP B 181 20.13 -64.64 -12.84
C TRP B 181 21.60 -64.46 -13.21
N PHE B 182 21.90 -63.45 -14.03
CA PHE B 182 23.26 -63.22 -14.50
C PHE B 182 23.47 -61.76 -14.90
N MET C 1 -30.95 -10.85 -1.66
CA MET C 1 -30.19 -9.74 -1.10
C MET C 1 -29.95 -9.92 0.40
N GLN C 2 -29.92 -8.78 1.09
CA GLN C 2 -29.73 -8.69 2.54
C GLN C 2 -28.49 -9.40 3.08
N LYS C 3 -28.72 -10.32 4.01
CA LYS C 3 -27.66 -10.99 4.74
C LYS C 3 -27.56 -12.47 4.40
N VAL C 4 -26.37 -13.05 4.59
CA VAL C 4 -26.16 -14.47 4.35
C VAL C 4 -26.40 -15.25 5.65
N THR C 5 -27.21 -16.30 5.55
CA THR C 5 -27.52 -17.14 6.71
C THR C 5 -27.26 -18.60 6.38
N GLY C 6 -27.25 -19.45 7.41
CA GLY C 6 -26.93 -20.85 7.23
C GLY C 6 -25.54 -21.17 7.70
N ILE C 7 -25.05 -22.37 7.35
CA ILE C 7 -23.74 -22.80 7.82
C ILE C 7 -22.64 -22.07 7.06
N LYS C 8 -21.82 -21.34 7.79
CA LYS C 8 -20.73 -20.58 7.18
C LYS C 8 -19.54 -21.46 6.84
N SER C 9 -19.15 -22.33 7.77
CA SER C 9 -17.99 -23.19 7.53
C SER C 9 -18.08 -24.48 8.33
N VAL C 10 -17.37 -25.51 7.90
CA VAL C 10 -17.36 -26.75 8.66
C VAL C 10 -16.02 -26.96 9.33
N ASP C 11 -15.96 -26.74 10.64
CA ASP C 11 -14.70 -26.87 11.36
C ASP C 11 -14.53 -28.30 11.88
N PHE C 12 -13.33 -28.61 12.36
CA PHE C 12 -13.07 -29.89 12.99
C PHE C 12 -11.83 -29.92 13.87
N LYS C 13 -11.81 -30.87 14.80
CA LYS C 13 -10.64 -31.17 15.60
C LYS C 13 -10.13 -32.57 15.28
N ILE C 14 -8.85 -32.69 14.94
CA ILE C 14 -8.26 -33.98 14.63
C ILE C 14 -7.32 -34.40 15.76
N LYS C 15 -7.52 -35.61 16.29
CA LYS C 15 -6.53 -36.16 17.22
C LYS C 15 -5.95 -37.44 16.63
N ALA C 16 -4.64 -37.46 16.41
CA ALA C 16 -3.99 -38.60 15.78
C ALA C 16 -2.89 -39.20 16.67
N LEU C 17 -2.49 -40.42 16.35
CA LEU C 17 -1.43 -41.12 17.08
C LEU C 17 -0.41 -41.70 16.12
N GLY C 18 0.80 -41.94 16.61
CA GLY C 18 1.86 -42.46 15.76
C GLY C 18 3.14 -42.77 16.50
N HIS C 19 4.15 -43.19 15.74
CA HIS C 19 5.48 -43.45 16.29
C HIS C 19 6.56 -42.97 15.33
N GLY C 20 7.55 -42.25 15.84
CA GLY C 20 8.62 -41.74 15.01
C GLY C 20 8.24 -40.47 14.25
N VAL C 21 9.20 -39.91 13.53
CA VAL C 21 8.98 -38.68 12.78
C VAL C 21 8.42 -38.95 11.39
N VAL C 22 7.24 -38.39 11.13
CA VAL C 22 6.60 -38.49 9.83
C VAL C 22 7.16 -37.47 8.83
N ASN C 23 7.43 -36.26 9.31
CA ASN C 23 7.80 -35.16 8.42
C ASN C 23 9.06 -34.44 8.90
N TRP C 24 10.11 -34.46 8.07
CA TRP C 24 11.40 -33.89 8.45
C TRP C 24 11.59 -32.51 7.83
N ASN C 25 12.23 -31.61 8.54
CA ASN C 25 12.58 -30.30 7.97
C ASN C 25 13.79 -30.40 7.04
N GLY C 26 14.89 -30.95 7.56
CA GLY C 26 16.11 -31.15 6.79
C GLY C 26 17.35 -31.08 7.67
N PRO C 27 18.51 -31.26 7.06
CA PRO C 27 19.79 -31.29 7.74
C PRO C 27 20.32 -29.90 7.98
N THR C 28 20.47 -29.55 9.24
CA THR C 28 21.00 -28.26 9.60
C THR C 28 21.92 -28.51 10.77
N THR C 29 22.96 -27.70 10.89
CA THR C 29 23.89 -27.89 11.99
C THR C 29 23.28 -27.47 13.30
N ASP C 39 30.13 -30.89 12.22
CA ASP C 39 29.06 -31.58 12.93
C ASP C 39 27.68 -31.09 12.50
N ASN C 40 26.90 -31.95 11.84
CA ASN C 40 25.54 -31.54 11.42
C ASN C 40 24.40 -32.62 11.51
N HIS C 41 23.15 -32.16 11.65
CA HIS C 41 21.94 -33.01 11.71
C HIS C 41 20.76 -32.42 10.86
N THR C 42 20.11 -33.33 10.17
CA THR C 42 19.01 -33.06 9.25
C THR C 42 17.77 -32.50 9.91
N LEU C 43 17.46 -33.09 11.06
CA LEU C 43 16.33 -32.77 11.92
C LEU C 43 14.97 -33.14 11.37
N PRO C 44 13.93 -32.72 12.07
CA PRO C 44 12.51 -32.86 11.86
C PRO C 44 11.87 -31.51 12.07
N LYS C 45 10.70 -31.30 11.50
CA LYS C 45 10.11 -30.00 11.69
C LYS C 45 9.69 -29.82 13.14
N LEU C 46 10.15 -28.74 13.73
CA LEU C 46 9.86 -28.34 15.09
C LEU C 46 9.42 -26.89 15.13
N ARG C 47 8.32 -26.61 15.80
CA ARG C 47 7.75 -25.27 15.76
C ARG C 47 8.46 -24.31 16.72
N GLY C 48 9.02 -23.24 16.16
CA GLY C 48 9.70 -22.23 16.93
C GLY C 48 11.19 -22.46 17.13
N TYR C 49 11.70 -23.56 16.58
CA TYR C 49 13.11 -23.90 16.76
C TYR C 49 14.03 -23.12 15.84
N THR C 50 15.15 -22.64 16.38
CA THR C 50 16.23 -22.08 15.58
C THR C 50 17.56 -22.63 16.08
N ASN C 51 18.46 -22.94 15.16
CA ASN C 51 19.76 -23.48 15.52
C ASN C 51 20.79 -22.41 15.87
N LEU C 52 20.42 -21.15 15.68
CA LEU C 52 21.37 -20.06 15.87
C LEU C 52 21.43 -19.49 17.28
N THR C 53 22.65 -19.30 17.76
CA THR C 53 22.93 -18.63 19.02
C THR C 53 23.43 -17.21 18.73
N GLY C 54 23.16 -16.28 19.64
CA GLY C 54 23.51 -14.89 19.42
C GLY C 54 25.00 -14.66 19.22
N LYS C 66 24.46 -23.86 17.30
CA LYS C 66 24.19 -24.52 18.57
C LYS C 66 24.37 -26.02 18.45
N GLN C 67 24.62 -26.69 19.57
CA GLN C 67 24.67 -28.15 19.60
C GLN C 67 23.29 -28.76 19.38
N ALA C 68 23.27 -29.91 18.71
CA ALA C 68 22.05 -30.65 18.44
C ALA C 68 21.38 -31.17 19.71
N THR C 69 22.18 -31.53 20.70
CA THR C 69 21.66 -32.16 21.91
C THR C 69 20.83 -31.24 22.81
N ASP C 70 20.96 -29.93 22.64
CA ASP C 70 20.17 -29.03 23.48
C ASP C 70 18.89 -28.63 22.75
N ILE C 71 17.77 -29.21 23.20
CA ILE C 71 16.45 -28.88 22.69
C ILE C 71 15.42 -29.14 23.79
N ASN C 72 14.41 -28.28 23.89
CA ASN C 72 13.26 -28.61 24.71
C ASN C 72 12.05 -28.83 23.83
N PHE C 73 11.58 -30.08 23.79
CA PHE C 73 10.50 -30.49 22.91
C PHE C 73 9.15 -29.98 23.41
N LYS C 74 9.13 -29.49 24.64
CA LYS C 74 7.94 -28.87 25.19
C LYS C 74 7.79 -27.44 24.65
N GLU C 75 8.90 -26.73 24.56
CA GLU C 75 8.92 -25.37 24.03
C GLU C 75 8.88 -25.34 22.51
N THR C 76 9.65 -26.24 21.89
CA THR C 76 9.65 -26.36 20.43
C THR C 76 9.22 -27.76 20.01
N PRO C 77 7.90 -27.99 19.95
CA PRO C 77 7.34 -29.32 19.68
C PRO C 77 7.42 -29.76 18.22
N LEU C 78 7.41 -31.07 18.02
CA LEU C 78 7.39 -31.65 16.68
C LEU C 78 6.04 -31.41 16.04
N TYR C 79 6.03 -31.11 14.74
CA TYR C 79 4.78 -30.93 14.03
C TYR C 79 4.88 -31.43 12.59
N ILE C 80 3.73 -31.67 11.99
CA ILE C 80 3.66 -32.09 10.58
C ILE C 80 3.08 -30.95 9.74
N SER C 81 3.79 -30.59 8.67
CA SER C 81 3.38 -29.50 7.80
C SER C 81 2.02 -29.77 7.18
N GLN C 82 1.21 -28.71 7.08
CA GLN C 82 -0.07 -28.79 6.39
C GLN C 82 0.12 -29.31 4.96
N ASN C 83 1.26 -28.97 4.36
CA ASN C 83 1.62 -29.44 3.03
C ASN C 83 1.70 -30.96 2.95
N CYS C 84 2.36 -31.55 3.92
CA CYS C 84 2.53 -33.00 4.00
C CYS C 84 1.18 -33.68 4.19
N ILE C 85 0.44 -33.18 5.17
CA ILE C 85 -0.90 -33.68 5.48
C ILE C 85 -1.77 -33.68 4.24
N ARG C 86 -1.79 -32.55 3.54
CA ARG C 86 -2.56 -32.42 2.30
C ARG C 86 -2.10 -33.42 1.23
N HIS C 87 -0.78 -33.54 1.10
CA HIS C 87 -0.18 -34.45 0.12
C HIS C 87 -0.67 -35.87 0.32
N HIS C 88 -0.58 -36.38 1.55
CA HIS C 88 -1.01 -37.75 1.83
C HIS C 88 -2.54 -37.86 1.86
N LEU C 89 -3.21 -36.76 2.15
CA LEU C 89 -4.67 -36.70 2.18
C LEU C 89 -5.31 -36.95 0.83
N PHE C 90 -4.90 -36.19 -0.18
CA PHE C 90 -5.54 -36.31 -1.49
C PHE C 90 -4.92 -37.44 -2.31
N ARG C 91 -3.60 -37.62 -2.15
CA ARG C 91 -2.83 -38.63 -2.87
C ARG C 91 -3.14 -38.69 -4.37
N GLU C 92 -3.21 -37.52 -5.01
CA GLU C 92 -3.53 -37.47 -6.43
C GLU C 92 -2.77 -36.34 -7.12
N LEU C 105 -7.21 -28.73 -16.53
CA LEU C 105 -8.00 -29.55 -17.46
C LEU C 105 -9.33 -29.95 -16.81
N LYS C 106 -10.27 -30.39 -17.64
CA LYS C 106 -11.56 -30.89 -17.20
C LYS C 106 -11.43 -31.96 -16.12
N ASN C 107 -10.50 -32.88 -16.33
CA ASN C 107 -10.27 -33.98 -15.39
C ASN C 107 -9.75 -33.48 -14.05
N VAL C 108 -8.88 -32.48 -14.08
CA VAL C 108 -8.36 -31.91 -12.84
C VAL C 108 -9.50 -31.24 -12.07
N LEU C 109 -10.31 -30.48 -12.79
CA LEU C 109 -11.42 -29.72 -12.21
C LEU C 109 -12.47 -30.64 -11.61
N ALA C 110 -12.68 -31.80 -12.24
CA ALA C 110 -13.66 -32.76 -11.73
C ALA C 110 -13.07 -33.69 -10.67
N SER C 111 -11.76 -33.68 -10.52
CA SER C 111 -11.13 -34.50 -9.50
C SER C 111 -11.37 -33.88 -8.13
N ILE C 112 -11.14 -34.65 -7.07
CA ILE C 112 -11.19 -34.11 -5.72
C ILE C 112 -10.02 -33.13 -5.53
N THR C 113 -8.96 -33.33 -6.32
CA THR C 113 -7.81 -32.45 -6.30
C THR C 113 -8.24 -31.06 -6.71
N GLY C 114 -9.13 -30.99 -7.69
CA GLY C 114 -9.65 -29.72 -8.18
C GLY C 114 -10.63 -29.05 -7.23
N LEU C 115 -11.57 -29.83 -6.69
CA LEU C 115 -12.65 -29.25 -5.89
C LEU C 115 -12.28 -28.91 -4.44
N ILE C 116 -11.53 -29.78 -3.80
CA ILE C 116 -11.23 -29.61 -2.38
C ILE C 116 -9.85 -29.01 -2.23
N ARG C 117 -8.84 -29.76 -2.68
CA ARG C 117 -7.49 -29.23 -2.75
C ARG C 117 -7.50 -28.12 -3.80
N GLY C 118 -6.54 -27.22 -3.74
CA GLY C 118 -6.50 -26.14 -4.71
C GLY C 118 -5.46 -26.45 -5.77
N TYR C 119 -5.30 -25.57 -6.75
CA TYR C 119 -4.22 -25.79 -7.72
C TYR C 119 -3.81 -24.49 -8.42
N VAL C 120 -2.63 -24.51 -9.04
CA VAL C 120 -2.14 -23.41 -9.86
C VAL C 120 -1.42 -23.96 -11.09
N VAL C 121 -1.69 -23.39 -12.26
CA VAL C 121 -0.91 -23.72 -13.44
C VAL C 121 -0.11 -22.50 -13.91
N PRO C 122 1.20 -22.63 -13.95
CA PRO C 122 2.09 -21.51 -14.24
C PRO C 122 1.77 -20.90 -15.57
N SER C 123 1.46 -21.70 -16.57
CA SER C 123 1.09 -21.15 -17.85
C SER C 123 -0.19 -20.37 -17.62
N SER C 124 -0.24 -19.19 -18.25
CA SER C 124 -1.32 -18.22 -18.11
C SER C 124 -1.39 -17.92 -16.62
N GLN C 125 -2.58 -17.92 -16.05
CA GLN C 125 -2.73 -17.73 -14.62
C GLN C 125 -4.04 -18.33 -14.21
N CYS C 126 -4.09 -19.63 -14.20
CA CYS C 126 -5.32 -20.32 -13.82
C CYS C 126 -5.10 -20.98 -12.47
N LYS C 127 -6.04 -20.76 -11.55
CA LYS C 127 -5.89 -21.28 -10.21
C LYS C 127 -7.23 -21.51 -9.52
N ARG C 128 -7.20 -22.29 -8.46
CA ARG C 128 -8.34 -22.41 -7.57
C ARG C 128 -7.87 -22.52 -6.13
N THR C 129 -8.52 -21.74 -5.27
CA THR C 129 -8.18 -21.68 -3.84
C THR C 129 -8.81 -22.85 -3.10
N SER C 130 -8.02 -23.47 -2.22
CA SER C 130 -8.51 -24.59 -1.43
C SER C 130 -9.40 -24.10 -0.29
N PRO C 131 -10.66 -24.55 -0.28
CA PRO C 131 -11.58 -24.27 0.83
C PRO C 131 -11.13 -24.97 2.10
N LEU C 132 -10.23 -25.94 1.97
CA LEU C 132 -9.70 -26.66 3.11
C LEU C 132 -8.55 -25.91 3.77
N LEU C 133 -8.71 -25.62 5.05
CA LEU C 133 -7.69 -24.98 5.86
C LEU C 133 -7.30 -25.90 7.00
N LEU C 134 -6.00 -26.07 7.21
CA LEU C 134 -5.51 -26.99 8.22
C LEU C 134 -4.42 -26.37 9.07
N GLU C 135 -4.54 -26.50 10.39
CA GLU C 135 -3.47 -26.10 11.28
C GLU C 135 -2.39 -27.16 11.29
N ASP C 136 -1.33 -26.92 12.05
CA ASP C 136 -0.27 -27.89 12.21
C ASP C 136 -0.75 -29.06 13.07
N PHE C 137 -0.17 -30.23 12.87
CA PHE C 137 -0.42 -31.35 13.75
C PHE C 137 0.67 -31.32 14.81
N VAL C 138 0.31 -30.98 16.04
CA VAL C 138 1.30 -30.75 17.07
C VAL C 138 1.40 -31.89 18.05
N ASP C 139 2.60 -32.45 18.17
CA ASP C 139 2.85 -33.58 19.04
C ASP C 139 2.85 -33.13 20.51
N GLN C 140 2.00 -33.76 21.32
CA GLN C 140 1.93 -33.41 22.73
C GLN C 140 2.92 -34.21 23.56
N LEU C 141 3.46 -35.28 22.97
CA LEU C 141 4.42 -36.13 23.65
C LEU C 141 5.84 -35.59 23.49
N GLY C 142 6.54 -35.44 24.61
CA GLY C 142 7.89 -34.90 24.64
C GLY C 142 9.03 -35.89 24.52
N ASN C 143 8.86 -36.99 23.80
CA ASN C 143 9.94 -37.96 23.69
C ASN C 143 10.84 -37.75 22.48
N GLY C 144 12.00 -37.16 22.75
CA GLY C 144 13.07 -37.00 21.78
C GLY C 144 14.28 -37.84 22.14
N ASN C 145 15.32 -37.79 21.30
CA ASN C 145 16.65 -38.31 21.63
C ASN C 145 17.67 -38.02 20.54
N PHE C 146 18.94 -38.11 20.90
CA PHE C 146 20.02 -37.93 19.94
C PHE C 146 20.14 -39.11 18.98
N LYS C 163 20.86 -38.83 13.31
CA LYS C 163 19.55 -38.18 13.27
C LYS C 163 18.93 -38.04 14.66
N THR C 164 18.04 -37.06 14.80
CA THR C 164 17.21 -36.93 16.00
C THR C 164 15.86 -37.60 15.79
N THR C 165 15.63 -38.70 16.49
CA THR C 165 14.43 -39.50 16.29
C THR C 165 13.38 -39.28 17.37
N PHE C 166 12.23 -39.93 17.20
CA PHE C 166 11.10 -39.78 18.11
C PHE C 166 10.45 -41.10 18.49
N GLY C 167 9.89 -41.16 19.70
CA GLY C 167 9.16 -42.31 20.16
C GLY C 167 7.68 -42.13 19.86
N ASP C 168 6.82 -42.63 20.76
CA ASP C 168 5.38 -42.43 20.63
C ASP C 168 5.02 -40.96 20.51
N THR C 169 4.18 -40.64 19.53
CA THR C 169 3.75 -39.27 19.26
C THR C 169 2.23 -39.16 19.23
N GLU C 170 1.70 -38.10 19.82
CA GLU C 170 0.27 -37.82 19.78
C GLU C 170 0.02 -36.43 19.22
N TYR C 171 -0.59 -36.36 18.04
CA TYR C 171 -0.81 -35.09 17.36
C TYR C 171 -2.20 -34.54 17.64
N ILE C 172 -2.28 -33.22 17.82
CA ILE C 172 -3.57 -32.54 17.91
C ILE C 172 -3.62 -31.44 16.86
N SER C 173 -4.77 -31.28 16.21
CA SER C 173 -4.91 -30.31 15.13
C SER C 173 -6.32 -29.79 15.01
N TYR C 174 -6.47 -28.69 14.27
CA TYR C 174 -7.78 -28.11 13.99
C TYR C 174 -7.88 -27.81 12.50
N GLY C 175 -9.10 -27.54 12.03
CA GLY C 175 -9.28 -27.27 10.61
C GLY C 175 -10.64 -26.76 10.23
N SER C 176 -10.79 -26.35 8.96
CA SER C 176 -12.03 -25.77 8.48
C SER C 176 -12.27 -25.97 6.99
N ILE C 177 -13.53 -26.06 6.60
CA ILE C 177 -13.90 -26.07 5.20
C ILE C 177 -14.81 -24.88 4.90
N SER C 178 -14.38 -24.03 3.98
CA SER C 178 -15.11 -22.81 3.66
C SER C 178 -16.15 -23.04 2.58
N ILE C 179 -17.41 -22.84 2.92
CA ILE C 179 -18.51 -23.04 2.00
C ILE C 179 -18.44 -22.05 0.82
N GLU C 180 -18.04 -20.82 1.09
CA GLU C 180 -17.93 -19.80 0.06
C GLU C 180 -17.01 -20.22 -1.07
N GLN C 181 -15.84 -20.73 -0.71
CA GLN C 181 -14.83 -21.13 -1.68
C GLN C 181 -15.16 -22.47 -2.32
N LEU C 182 -15.87 -23.31 -1.59
CA LEU C 182 -16.21 -24.65 -2.06
C LEU C 182 -17.36 -24.67 -3.07
N GLN C 183 -18.42 -23.92 -2.75
CA GLN C 183 -19.65 -23.99 -3.53
C GLN C 183 -19.54 -23.28 -4.87
N PHE C 184 -18.58 -22.37 -5.00
CA PHE C 184 -18.43 -21.61 -6.23
C PHE C 184 -17.11 -21.90 -6.93
N ILE C 185 -17.17 -22.04 -8.25
CA ILE C 185 -15.98 -22.23 -9.06
C ILE C 185 -15.96 -21.15 -10.13
N SER C 186 -14.98 -20.26 -10.04
CA SER C 186 -14.90 -19.12 -10.94
C SER C 186 -14.20 -19.51 -12.22
N LEU C 187 -14.94 -19.42 -13.32
CA LEU C 187 -14.42 -19.73 -14.64
C LEU C 187 -14.04 -18.50 -15.45
N ASP C 188 -14.16 -17.32 -14.85
CA ASP C 188 -13.94 -16.08 -15.59
C ASP C 188 -12.63 -15.38 -15.19
N LYS C 189 -11.98 -14.80 -16.18
CA LYS C 189 -10.69 -14.13 -15.97
C LYS C 189 -10.85 -12.70 -15.45
N LYS C 190 -12.10 -12.26 -15.29
CA LYS C 190 -12.39 -10.91 -14.83
C LYS C 190 -11.68 -10.58 -13.52
N PHE C 191 -11.91 -11.43 -12.52
CA PHE C 191 -11.29 -11.25 -11.21
C PHE C 191 -10.01 -12.07 -11.06
N ASP C 192 -9.56 -12.67 -12.17
CA ASP C 192 -8.34 -13.48 -12.20
C ASP C 192 -8.45 -14.69 -11.26
N ARG C 193 -9.68 -15.10 -10.99
CA ARG C 193 -9.93 -16.27 -10.18
C ARG C 193 -10.18 -17.46 -11.10
N ALA C 194 -10.01 -17.23 -12.40
CA ALA C 194 -10.40 -18.17 -13.44
C ALA C 194 -9.77 -19.56 -13.28
N ALA C 195 -10.62 -20.55 -13.15
CA ALA C 195 -10.19 -21.93 -13.06
C ALA C 195 -9.65 -22.48 -14.38
N MET C 196 -10.31 -22.12 -15.47
CA MET C 196 -9.97 -22.58 -16.82
C MET C 196 -10.42 -21.58 -17.88
N VAL C 197 -9.92 -21.77 -19.10
CA VAL C 197 -10.29 -20.94 -20.21
C VAL C 197 -11.35 -21.82 -20.84
N ILE C 198 -12.56 -21.30 -21.02
CA ILE C 198 -13.64 -22.19 -21.43
C ILE C 198 -14.47 -21.72 -22.60
N LYS C 199 -15.08 -22.73 -23.21
CA LYS C 199 -16.08 -22.56 -24.28
C LYS C 199 -17.48 -22.79 -23.77
N GLU C 200 -18.48 -22.14 -24.40
CA GLU C 200 -19.87 -22.16 -23.93
C GLU C 200 -20.37 -23.56 -23.78
N GLY C 201 -19.98 -24.37 -24.74
CA GLY C 201 -20.24 -25.79 -24.58
C GLY C 201 -19.32 -26.42 -23.57
N GLU C 202 -18.10 -25.90 -23.44
CA GLU C 202 -17.20 -26.44 -22.44
C GLU C 202 -17.71 -26.05 -21.07
N GLY C 203 -18.33 -24.87 -20.98
CA GLY C 203 -18.93 -24.44 -19.73
C GLY C 203 -19.98 -25.44 -19.27
N GLU C 204 -20.93 -25.71 -20.16
CA GLU C 204 -22.04 -26.59 -19.80
C GLU C 204 -21.58 -28.04 -19.56
N VAL C 205 -20.64 -28.50 -20.38
CA VAL C 205 -20.09 -29.84 -20.26
C VAL C 205 -19.35 -30.00 -18.93
N ILE C 206 -18.56 -29.00 -18.57
CA ILE C 206 -17.86 -29.02 -17.29
C ILE C 206 -18.84 -29.09 -16.14
N ALA C 207 -19.91 -28.31 -16.19
CA ALA C 207 -20.82 -28.35 -15.09
C ALA C 207 -21.32 -29.75 -15.01
N ALA C 208 -21.63 -30.32 -16.15
CA ALA C 208 -22.20 -31.65 -16.15
C ALA C 208 -21.30 -32.69 -15.55
N GLU C 209 -20.03 -32.67 -15.93
CA GLU C 209 -19.15 -33.69 -15.40
C GLU C 209 -18.98 -33.63 -13.90
N LEU C 210 -18.88 -32.42 -13.37
CA LEU C 210 -18.71 -32.24 -11.96
C LEU C 210 -19.94 -32.79 -11.32
N GLN C 211 -21.10 -32.46 -11.89
CA GLN C 211 -22.33 -33.03 -11.34
C GLN C 211 -22.22 -34.56 -11.29
N ASN C 212 -21.71 -35.15 -12.37
CA ASN C 212 -21.53 -36.60 -12.44
C ASN C 212 -20.56 -37.13 -11.39
N TYR C 213 -19.40 -36.51 -11.26
CA TYR C 213 -18.39 -36.94 -10.29
C TYR C 213 -18.93 -36.84 -8.85
N ILE C 214 -19.46 -35.67 -8.51
CA ILE C 214 -19.99 -35.42 -7.17
C ILE C 214 -21.12 -36.41 -6.89
N GLN C 215 -21.88 -36.76 -7.93
CA GLN C 215 -22.90 -37.81 -7.83
C GLN C 215 -22.28 -39.16 -7.52
N SER C 216 -21.15 -39.45 -8.16
CA SER C 216 -20.44 -40.71 -7.95
C SER C 216 -19.93 -40.85 -6.52
N LEU C 217 -19.80 -39.72 -5.82
CA LEU C 217 -19.40 -39.78 -4.41
C LEU C 217 -20.47 -40.42 -3.50
N ASN C 218 -21.69 -39.87 -3.52
CA ASN C 218 -22.77 -40.38 -2.68
C ASN C 218 -24.08 -40.56 -3.44
N PRO C 219 -24.33 -41.76 -3.96
CA PRO C 219 -25.50 -42.10 -4.79
C PRO C 219 -26.85 -41.75 -4.19
N SER C 220 -26.96 -41.76 -2.86
CA SER C 220 -28.23 -41.43 -2.22
C SER C 220 -28.65 -39.99 -2.49
N LEU C 221 -27.70 -39.07 -2.45
CA LEU C 221 -27.99 -37.65 -2.67
C LEU C 221 -28.14 -37.35 -4.16
N ASN C 222 -28.71 -36.18 -4.47
CA ASN C 222 -28.89 -35.75 -5.85
C ASN C 222 -28.35 -34.34 -6.05
N PRO C 223 -27.04 -34.23 -6.28
CA PRO C 223 -26.32 -32.96 -6.42
C PRO C 223 -26.61 -32.21 -7.71
N GLN C 224 -26.49 -30.89 -7.66
CA GLN C 224 -26.66 -30.04 -8.83
C GLN C 224 -25.47 -29.13 -9.04
N ALA C 225 -24.89 -29.18 -10.23
CA ALA C 225 -23.84 -28.27 -10.62
C ALA C 225 -24.37 -27.33 -11.68
N ILE C 226 -24.56 -26.06 -11.31
CA ILE C 226 -25.23 -25.11 -12.19
C ILE C 226 -24.28 -24.06 -12.73
N PHE C 227 -24.10 -24.07 -14.05
CA PHE C 227 -23.29 -23.07 -14.72
C PHE C 227 -24.10 -21.83 -15.04
N HIS C 228 -23.48 -20.66 -14.94
CA HIS C 228 -24.11 -19.42 -15.36
C HIS C 228 -23.08 -18.41 -15.85
N SER C 229 -23.53 -17.53 -16.73
CA SER C 229 -22.66 -16.54 -17.35
C SER C 229 -22.32 -15.40 -16.38
N ASN C 230 -23.20 -15.16 -15.42
CA ASN C 230 -22.97 -14.13 -14.43
C ASN C 230 -23.31 -14.58 -13.00
N TYR C 231 -22.29 -14.63 -12.16
CA TYR C 231 -22.48 -14.96 -10.75
C TYR C 231 -21.97 -13.83 -9.87
N VAL C 232 -22.85 -13.24 -9.07
CA VAL C 232 -22.47 -12.11 -8.23
C VAL C 232 -22.45 -12.51 -6.76
N ARG C 233 -21.38 -12.14 -6.06
CA ARG C 233 -21.26 -12.41 -4.64
C ARG C 233 -22.12 -11.44 -3.82
N ARG C 234 -22.70 -11.96 -2.74
CA ARG C 234 -23.59 -11.18 -1.89
C ARG C 234 -22.85 -10.02 -1.21
N GLY C 235 -23.42 -8.81 -1.30
CA GLY C 235 -22.84 -7.64 -0.66
C GLY C 235 -22.19 -6.59 -1.53
N THR C 236 -22.13 -6.82 -2.84
CA THR C 236 -21.51 -5.84 -3.74
C THR C 236 -22.46 -4.68 -3.98
N ILE C 237 -21.91 -3.47 -4.17
CA ILE C 237 -22.75 -2.32 -4.47
C ILE C 237 -23.06 -2.20 -5.95
N PHE C 238 -22.32 -2.92 -6.77
CA PHE C 238 -22.54 -2.92 -8.22
C PHE C 238 -22.94 -4.34 -8.58
N GLU C 239 -23.58 -4.50 -9.73
CA GLU C 239 -23.85 -5.87 -10.17
C GLU C 239 -22.82 -6.13 -11.25
N GLU C 240 -21.83 -6.94 -10.88
CA GLU C 240 -20.75 -7.32 -11.76
C GLU C 240 -20.46 -8.75 -11.36
N GLY C 241 -20.24 -9.62 -12.33
CA GLY C 241 -20.10 -11.02 -12.02
C GLY C 241 -19.18 -11.75 -12.97
N GLU C 242 -18.96 -13.03 -12.66
CA GLU C 242 -18.05 -13.84 -13.44
C GLU C 242 -18.80 -15.09 -13.89
N CYS C 243 -18.40 -15.64 -15.03
CA CYS C 243 -18.99 -16.89 -15.48
C CYS C 243 -18.45 -18.02 -14.63
N GLY C 244 -19.32 -18.89 -14.14
CA GLY C 244 -18.86 -19.96 -13.28
C GLY C 244 -19.89 -21.02 -12.92
N ILE C 245 -19.53 -21.86 -11.97
CA ILE C 245 -20.40 -22.95 -11.55
C ILE C 245 -20.69 -22.91 -10.04
N LEU C 246 -21.97 -22.93 -9.70
CA LEU C 246 -22.39 -22.98 -8.31
C LEU C 246 -22.85 -24.39 -7.99
N LEU C 247 -22.51 -24.86 -6.79
CA LEU C 247 -22.89 -26.22 -6.37
C LEU C 247 -24.03 -26.21 -5.36
N ASN C 248 -24.97 -27.13 -5.56
CA ASN C 248 -26.14 -27.26 -4.69
C ASN C 248 -25.80 -27.87 -3.34
N ASP C 249 -26.73 -27.79 -2.40
CA ASP C 249 -26.57 -28.30 -1.05
C ASP C 249 -26.05 -29.73 -0.99
N ASP C 250 -26.64 -30.61 -1.80
CA ASP C 250 -26.26 -32.01 -1.81
C ASP C 250 -24.81 -32.18 -2.26
N ALA C 251 -24.42 -31.43 -3.29
CA ALA C 251 -23.05 -31.49 -3.79
C ALA C 251 -22.06 -31.04 -2.74
N VAL C 252 -22.31 -29.88 -2.16
CA VAL C 252 -21.46 -29.31 -1.13
C VAL C 252 -21.32 -30.24 0.07
N LYS C 253 -22.44 -30.77 0.55
CA LYS C 253 -22.41 -31.71 1.66
C LYS C 253 -21.66 -32.98 1.31
N ALA C 254 -21.83 -33.46 0.08
CA ALA C 254 -21.14 -34.65 -0.38
C ALA C 254 -19.63 -34.44 -0.34
N LEU C 255 -19.19 -33.28 -0.84
CA LEU C 255 -17.78 -32.95 -0.87
C LEU C 255 -17.20 -32.80 0.54
N VAL C 256 -17.95 -32.13 1.42
CA VAL C 256 -17.56 -31.97 2.82
C VAL C 256 -17.40 -33.32 3.49
N ALA C 257 -18.37 -34.20 3.27
CA ALA C 257 -18.38 -35.53 3.86
C ALA C 257 -17.21 -36.36 3.34
N GLU C 258 -16.91 -36.22 2.05
CA GLU C 258 -15.78 -36.90 1.44
C GLU C 258 -14.46 -36.45 2.06
N THR C 259 -14.33 -35.14 2.22
CA THR C 259 -13.13 -34.56 2.83
C THR C 259 -12.95 -35.05 4.26
N LEU C 260 -14.01 -34.94 5.06
CA LEU C 260 -13.99 -35.39 6.45
C LEU C 260 -13.71 -36.89 6.56
N GLU C 261 -14.20 -37.65 5.60
CA GLU C 261 -13.96 -39.09 5.55
C GLU C 261 -12.49 -39.37 5.31
N ARG C 262 -11.91 -38.65 4.36
CA ARG C 262 -10.49 -38.78 4.06
C ARG C 262 -9.65 -38.38 5.28
N LEU C 263 -10.12 -37.37 6.00
CA LEU C 263 -9.44 -36.90 7.20
C LEU C 263 -9.47 -37.93 8.33
N ALA C 264 -10.62 -38.59 8.50
CA ALA C 264 -10.80 -39.56 9.57
C ALA C 264 -9.96 -40.82 9.35
N ASN C 265 -9.83 -41.23 8.09
CA ASN C 265 -9.05 -42.42 7.75
C ASN C 265 -7.63 -42.08 7.35
N LEU C 266 -7.28 -40.79 7.44
CA LEU C 266 -5.96 -40.32 7.03
C LEU C 266 -4.83 -41.03 7.77
N SER C 267 -3.85 -41.52 7.01
CA SER C 267 -2.67 -42.16 7.58
C SER C 267 -1.44 -41.89 6.73
N ILE C 268 -0.31 -41.70 7.37
CA ILE C 268 0.93 -41.42 6.66
C ILE C 268 2.00 -42.44 7.03
N ARG C 269 2.63 -43.02 6.02
CA ARG C 269 3.70 -43.98 6.20
C ARG C 269 5.08 -43.47 5.80
N GLN C 270 5.94 -43.30 6.79
CA GLN C 270 7.31 -42.85 6.62
C GLN C 270 8.21 -44.03 6.94
N ALA C 271 9.42 -44.05 6.36
CA ALA C 271 10.36 -45.15 6.54
C ALA C 271 10.43 -45.67 7.98
N LYS C 272 10.95 -44.85 8.90
CA LYS C 272 10.96 -45.24 10.30
C LYS C 272 9.81 -44.71 11.14
N GLY C 273 8.80 -44.12 10.52
CA GLY C 273 7.65 -43.64 11.29
C GLY C 273 6.29 -43.68 10.61
N TYR C 274 5.24 -43.58 11.41
CA TYR C 274 3.89 -43.64 10.88
C TYR C 274 2.90 -42.78 11.68
N MET C 275 1.78 -42.44 11.06
CA MET C 275 0.71 -41.72 11.74
C MET C 275 -0.64 -42.24 11.28
N TYR C 276 -1.58 -42.36 12.23
CA TYR C 276 -2.96 -42.63 11.89
C TYR C 276 -3.88 -41.71 12.70
N VAL C 277 -4.96 -41.26 12.08
CA VAL C 277 -5.91 -40.40 12.78
C VAL C 277 -6.82 -41.22 13.68
N ASP C 278 -6.77 -40.93 14.97
CA ASP C 278 -7.52 -41.68 15.96
C ASP C 278 -8.96 -41.20 16.04
N ASP C 279 -9.14 -39.93 16.44
CA ASP C 279 -10.47 -39.39 16.64
C ASP C 279 -10.66 -38.11 15.84
N ILE C 280 -11.89 -37.86 15.41
CA ILE C 280 -12.23 -36.62 14.70
C ILE C 280 -13.56 -36.04 15.19
N THR C 281 -13.53 -34.78 15.58
CA THR C 281 -14.73 -34.08 16.03
C THR C 281 -15.14 -33.03 15.00
N VAL C 282 -16.40 -33.01 14.62
CA VAL C 282 -16.84 -32.12 13.54
C VAL C 282 -17.84 -31.09 14.06
N ASP C 283 -17.71 -29.85 13.60
CA ASP C 283 -18.64 -28.79 13.97
C ASP C 283 -19.17 -28.06 12.75
N TYR C 284 -20.49 -27.98 12.63
CA TYR C 284 -21.09 -27.18 11.57
C TYR C 284 -21.35 -25.78 12.09
N ASN C 285 -20.59 -24.83 11.54
CA ASN C 285 -20.57 -23.47 12.07
C ASN C 285 -21.38 -22.50 11.23
N ASP C 286 -22.51 -22.09 11.81
CA ASP C 286 -23.38 -21.05 11.25
C ASP C 286 -23.08 -19.69 11.86
N SER C 287 -22.24 -19.67 12.89
CA SER C 287 -21.91 -18.43 13.59
C SER C 287 -20.85 -17.63 12.86
N HIS C 288 -20.56 -16.44 13.39
CA HIS C 288 -19.51 -15.59 12.84
C HIS C 288 -18.17 -15.92 13.48
N LYS C 289 -18.20 -16.75 14.52
CA LYS C 289 -16.99 -17.18 15.19
C LYS C 289 -16.11 -18.07 14.31
N MET C 290 -14.80 -17.80 14.30
CA MET C 290 -13.85 -18.67 13.62
C MET C 290 -13.23 -19.63 14.63
N MET C 291 -13.15 -20.91 14.26
CA MET C 291 -12.65 -21.95 15.16
C MET C 291 -13.37 -21.90 16.49
N ARG C 292 -14.71 -21.80 16.41
CA ARG C 292 -15.54 -21.89 17.60
C ARG C 292 -15.17 -23.12 18.40
N ILE C 293 -14.93 -24.21 17.70
CA ILE C 293 -14.54 -25.47 18.32
C ILE C 293 -13.25 -25.35 19.12
N LYS C 294 -12.37 -24.46 18.68
CA LYS C 294 -11.08 -24.28 19.34
C LYS C 294 -11.17 -23.50 20.65
N ARG C 295 -11.84 -22.35 20.61
CA ARG C 295 -11.97 -21.50 21.79
C ARG C 295 -12.99 -22.04 22.80
N ASP C 296 -14.17 -22.44 22.32
CA ASP C 296 -15.23 -22.93 23.20
C ASP C 296 -15.82 -24.20 22.60
N GLU C 297 -15.71 -25.31 23.33
CA GLU C 297 -16.21 -26.58 22.80
C GLU C 297 -17.59 -26.94 23.34
N SER C 298 -18.19 -26.02 24.09
CA SER C 298 -19.54 -26.24 24.58
C SER C 298 -20.59 -25.83 23.54
N GLU C 299 -20.18 -25.00 22.59
CA GLU C 299 -21.12 -24.45 21.62
C GLU C 299 -21.13 -25.26 20.31
N ILE C 300 -20.36 -26.33 20.28
CA ILE C 300 -20.20 -27.13 19.07
C ILE C 300 -21.48 -27.85 18.66
N ILE C 301 -21.69 -27.98 17.36
CA ILE C 301 -22.86 -28.66 16.81
C ILE C 301 -22.39 -29.76 15.86
N ASN C 302 -22.74 -31.00 16.18
CA ASN C 302 -22.21 -32.15 15.46
C ASN C 302 -22.94 -32.50 14.16
N GLU C 303 -24.26 -32.45 14.19
CA GLU C 303 -25.06 -32.76 13.00
C GLU C 303 -25.56 -31.47 12.36
N GLN C 304 -25.70 -31.49 11.04
CA GLN C 304 -26.11 -30.28 10.33
C GLN C 304 -27.60 -29.99 10.48
N HIS C 305 -27.91 -28.88 11.17
CA HIS C 305 -29.27 -28.42 11.38
C HIS C 305 -29.78 -27.56 10.23
N ALA C 306 -28.89 -26.72 9.71
CA ALA C 306 -29.24 -25.67 8.77
C ALA C 306 -28.72 -25.96 7.36
N PRO C 307 -29.40 -25.44 6.34
CA PRO C 307 -28.89 -25.64 4.98
C PRO C 307 -27.63 -24.80 4.79
N PHE C 308 -26.78 -25.15 3.83
CA PHE C 308 -25.56 -24.39 3.62
C PHE C 308 -25.85 -22.99 3.11
N ALA C 309 -25.01 -22.05 3.53
CA ALA C 309 -25.16 -20.65 3.18
C ALA C 309 -24.90 -20.43 1.69
N GLN C 310 -25.73 -19.60 1.05
CA GLN C 310 -25.54 -19.29 -0.35
C GLN C 310 -24.89 -17.92 -0.50
N TYR C 311 -23.63 -17.91 -0.92
CA TYR C 311 -22.88 -16.66 -0.98
C TYR C 311 -23.00 -15.96 -2.33
N PHE C 312 -23.55 -16.66 -3.33
CA PHE C 312 -23.61 -16.09 -4.66
C PHE C 312 -25.01 -16.20 -5.25
N TYR C 313 -25.32 -15.33 -6.22
CA TYR C 313 -26.58 -15.45 -6.95
C TYR C 313 -26.35 -15.17 -8.43
N ALA C 314 -27.04 -15.91 -9.29
CA ALA C 314 -26.97 -15.65 -10.73
C ALA C 314 -27.64 -14.31 -11.02
N LYS C 315 -27.15 -13.59 -12.02
CA LYS C 315 -27.79 -12.35 -12.44
C LYS C 315 -27.59 -12.10 -13.93
N MET D 1 -15.67 31.15 15.58
CA MET D 1 -14.34 30.55 15.40
C MET D 1 -13.86 29.96 16.73
N GLN D 2 -14.80 29.66 17.62
CA GLN D 2 -14.46 29.10 18.92
C GLN D 2 -13.92 27.68 18.79
N LYS D 3 -13.20 27.24 19.82
CA LYS D 3 -12.55 25.94 19.80
C LYS D 3 -13.61 24.84 19.73
N VAL D 4 -13.22 23.68 19.19
CA VAL D 4 -14.15 22.56 19.04
C VAL D 4 -14.12 21.61 20.24
N THR D 5 -15.31 21.26 20.72
CA THR D 5 -15.48 20.35 21.84
C THR D 5 -16.41 19.20 21.47
N GLY D 6 -16.43 18.17 22.32
CA GLY D 6 -17.20 16.95 22.06
C GLY D 6 -16.22 15.87 21.64
N ILE D 7 -16.70 14.73 21.16
CA ILE D 7 -15.78 13.64 20.85
C ILE D 7 -15.01 13.94 19.57
N LYS D 8 -13.69 14.04 19.72
CA LYS D 8 -12.81 14.35 18.61
C LYS D 8 -12.53 13.13 17.75
N SER D 9 -12.26 12.00 18.40
CA SER D 9 -11.97 10.78 17.63
C SER D 9 -12.33 9.55 18.44
N VAL D 10 -12.56 8.43 17.77
CA VAL D 10 -12.85 7.21 18.49
C VAL D 10 -11.70 6.21 18.35
N ASP D 11 -10.92 6.06 19.41
CA ASP D 11 -9.78 5.16 19.36
C ASP D 11 -10.16 3.76 19.80
N PHE D 12 -9.29 2.80 19.56
CA PHE D 12 -9.49 1.45 20.05
C PHE D 12 -8.20 0.60 20.05
N LYS D 13 -8.21 -0.43 20.89
CA LYS D 13 -7.17 -1.45 20.91
C LYS D 13 -7.74 -2.80 20.52
N ILE D 14 -7.11 -3.43 19.53
CA ILE D 14 -7.55 -4.72 19.01
C ILE D 14 -6.64 -5.86 19.44
N LYS D 15 -7.25 -6.93 19.96
CA LYS D 15 -6.54 -8.17 20.24
C LYS D 15 -7.09 -9.26 19.34
N ALA D 16 -6.21 -9.84 18.53
CA ALA D 16 -6.61 -10.88 17.58
C ALA D 16 -5.85 -12.17 17.82
N LEU D 17 -6.38 -13.27 17.29
CA LEU D 17 -5.74 -14.57 17.39
C LEU D 17 -5.73 -15.25 16.03
N GLY D 18 -4.82 -16.19 15.85
CA GLY D 18 -4.73 -16.89 14.58
C GLY D 18 -3.71 -18.00 14.54
N HIS D 19 -3.59 -18.65 13.39
CA HIS D 19 -2.57 -19.67 13.18
C HIS D 19 -1.98 -19.54 11.78
N GLY D 20 -0.65 -19.57 11.71
CA GLY D 20 0.04 -19.44 10.44
C GLY D 20 0.11 -18.00 9.96
N VAL D 21 0.79 -17.80 8.84
CA VAL D 21 0.95 -16.47 8.27
C VAL D 21 -0.22 -16.12 7.35
N VAL D 22 -0.95 -15.06 7.71
CA VAL D 22 -2.06 -14.59 6.90
C VAL D 22 -1.59 -13.74 5.73
N ASN D 23 -0.56 -12.94 5.98
CA ASN D 23 -0.09 -11.96 5.00
C ASN D 23 1.41 -12.07 4.77
N TRP D 24 1.79 -12.40 3.54
CA TRP D 24 3.19 -12.62 3.19
C TRP D 24 3.77 -11.40 2.50
N ASN D 25 5.05 -11.13 2.75
CA ASN D 25 5.75 -10.06 2.06
C ASN D 25 6.09 -10.48 0.64
N GLY D 26 6.74 -11.64 0.50
CA GLY D 26 7.08 -12.18 -0.80
C GLY D 26 8.35 -12.99 -0.81
N PRO D 27 8.77 -13.46 -1.99
CA PRO D 27 10.03 -14.18 -2.15
C PRO D 27 11.19 -13.20 -1.97
N THR D 28 12.27 -13.64 -1.34
CA THR D 28 13.37 -12.72 -1.05
C THR D 28 14.73 -13.40 -1.26
N THR D 29 15.68 -12.63 -1.80
CA THR D 29 17.02 -13.16 -2.04
C THR D 29 17.78 -13.28 -0.72
N LEU D 30 18.21 -14.50 -0.41
CA LEU D 30 18.92 -14.80 0.81
C LEU D 30 20.01 -15.81 0.49
N THR D 31 20.93 -16.04 1.43
CA THR D 31 21.99 -17.02 1.21
C THR D 31 21.54 -18.38 1.74
N GLY D 32 21.70 -19.41 0.91
CA GLY D 32 21.34 -20.76 1.30
C GLY D 32 22.33 -21.28 2.31
N ASP D 33 22.12 -22.47 2.84
CA ASP D 33 22.99 -22.92 3.91
C ASP D 33 24.29 -23.43 3.38
N ASP D 34 25.26 -22.52 3.36
CA ASP D 34 26.62 -22.83 2.93
C ASP D 34 26.70 -22.98 1.44
N GLY D 35 25.60 -22.72 0.75
CA GLY D 35 25.56 -22.84 -0.69
C GLY D 35 25.46 -21.48 -1.35
N LYS D 36 25.81 -20.45 -0.58
CA LYS D 36 25.74 -19.05 -0.97
C LYS D 36 24.31 -18.61 -1.30
N THR D 37 24.11 -17.90 -2.40
CA THR D 37 22.78 -17.37 -2.71
C THR D 37 21.67 -18.32 -3.12
N VAL D 38 20.50 -18.04 -2.56
CA VAL D 38 19.26 -18.75 -2.88
C VAL D 38 18.20 -17.73 -3.27
N ASP D 39 17.68 -17.87 -4.48
CA ASP D 39 16.74 -16.89 -5.01
C ASP D 39 15.29 -17.19 -4.61
N ASN D 40 15.02 -18.38 -4.08
CA ASN D 40 13.68 -18.64 -3.58
C ASN D 40 13.60 -18.98 -2.10
N HIS D 41 13.04 -18.05 -1.34
CA HIS D 41 12.58 -18.28 0.01
C HIS D 41 11.41 -17.33 0.16
N THR D 42 10.30 -17.80 0.72
CA THR D 42 9.19 -16.91 0.93
C THR D 42 9.22 -16.35 2.35
N LEU D 43 9.04 -15.04 2.47
CA LEU D 43 9.05 -14.41 3.78
C LEU D 43 7.72 -13.71 4.06
N PRO D 44 7.27 -13.76 5.31
CA PRO D 44 6.09 -13.01 5.73
C PRO D 44 6.47 -11.55 5.94
N LYS D 45 5.51 -10.70 6.28
CA LYS D 45 5.85 -9.31 6.56
C LYS D 45 6.39 -9.20 7.97
N LEU D 46 7.65 -8.77 8.08
CA LEU D 46 8.31 -8.64 9.36
C LEU D 46 8.73 -7.20 9.56
N ARG D 47 8.40 -6.64 10.72
CA ARG D 47 8.64 -5.21 10.94
C ARG D 47 10.08 -4.94 11.34
N GLY D 48 10.75 -4.11 10.54
CA GLY D 48 12.13 -3.72 10.80
C GLY D 48 13.16 -4.65 10.15
N TYR D 49 12.67 -5.65 9.44
CA TYR D 49 13.55 -6.65 8.83
C TYR D 49 14.20 -6.16 7.53
N THR D 50 15.47 -6.49 7.36
CA THR D 50 16.16 -6.29 6.09
C THR D 50 16.96 -7.55 5.74
N ASN D 51 17.01 -7.88 4.46
CA ASN D 51 17.73 -9.08 4.02
C ASN D 51 19.23 -8.81 3.90
N LEU D 52 19.61 -7.57 4.11
CA LEU D 52 21.00 -7.12 3.98
C LEU D 52 21.78 -7.30 5.28
N THR D 53 23.03 -7.73 5.18
CA THR D 53 23.87 -7.89 6.36
C THR D 53 24.63 -6.61 6.70
N GLY D 54 24.51 -5.61 5.83
CA GLY D 54 25.24 -4.37 5.98
C GLY D 54 26.74 -4.58 5.88
N LYS D 55 27.14 -5.52 5.03
CA LYS D 55 28.54 -5.74 4.78
C LYS D 55 28.60 -5.70 3.28
N VAL D 56 29.55 -4.97 2.72
CA VAL D 56 29.63 -4.79 1.27
C VAL D 56 30.98 -5.10 0.61
N LYS D 57 30.94 -5.25 -0.71
CA LYS D 57 32.11 -5.56 -1.55
C LYS D 57 32.98 -4.40 -2.02
N ASP D 58 32.49 -3.18 -1.79
CA ASP D 58 33.10 -1.89 -2.13
C ASP D 58 33.13 -1.51 -3.62
N GLU D 59 33.83 -2.27 -4.45
CA GLU D 59 33.82 -1.90 -5.86
C GLU D 59 32.87 -2.78 -6.61
N THR D 60 32.86 -4.03 -6.19
CA THR D 60 31.98 -5.02 -6.78
C THR D 60 30.56 -4.53 -6.70
N GLY D 61 30.21 -3.95 -5.57
CA GLY D 61 28.88 -3.44 -5.31
C GLY D 61 27.93 -4.47 -4.75
N TYR D 62 28.38 -5.70 -4.61
CA TYR D 62 27.53 -6.73 -4.04
C TYR D 62 27.27 -6.38 -2.58
N LYS D 63 26.08 -6.69 -2.09
CA LYS D 63 25.78 -6.48 -0.69
C LYS D 63 25.53 -7.84 -0.07
N TYR D 64 26.08 -8.09 1.11
CA TYR D 64 25.97 -9.41 1.71
C TYR D 64 24.58 -9.64 2.28
N LYS D 65 23.87 -10.57 1.68
CA LYS D 65 22.51 -10.91 2.09
C LYS D 65 22.53 -11.81 3.32
N LYS D 66 21.54 -11.64 4.19
CA LYS D 66 21.44 -12.44 5.42
C LYS D 66 21.16 -13.90 5.15
N GLN D 67 21.45 -14.74 6.12
CA GLN D 67 21.05 -16.13 6.08
C GLN D 67 19.53 -16.21 6.20
N ALA D 68 18.92 -17.17 5.53
CA ALA D 68 17.47 -17.35 5.64
C ALA D 68 17.09 -17.76 7.05
N THR D 69 17.93 -18.56 7.68
CA THR D 69 17.67 -19.09 9.01
C THR D 69 17.84 -18.04 10.11
N ASP D 70 18.48 -16.93 9.79
CA ASP D 70 18.72 -15.90 10.81
C ASP D 70 17.66 -14.81 10.83
N ILE D 71 16.82 -14.85 11.87
CA ILE D 71 15.81 -13.83 12.13
C ILE D 71 15.57 -13.77 13.64
N ASN D 72 15.39 -12.57 14.18
CA ASN D 72 14.92 -12.44 15.56
C ASN D 72 13.50 -11.89 15.57
N PHE D 73 12.56 -12.73 15.97
CA PHE D 73 11.15 -12.36 15.91
C PHE D 73 10.78 -11.40 17.03
N LYS D 74 11.62 -11.29 18.05
CA LYS D 74 11.39 -10.31 19.09
C LYS D 74 11.80 -8.92 18.63
N GLU D 75 12.92 -8.85 17.91
CA GLU D 75 13.39 -7.59 17.36
C GLU D 75 12.65 -7.23 16.07
N THR D 76 12.43 -8.22 15.21
CA THR D 76 11.68 -8.04 13.98
C THR D 76 10.46 -8.95 13.94
N PRO D 77 9.36 -8.51 14.58
CA PRO D 77 8.14 -9.31 14.72
C PRO D 77 7.30 -9.42 13.46
N LEU D 78 6.50 -10.47 13.38
CA LEU D 78 5.54 -10.67 12.29
C LEU D 78 4.40 -9.68 12.40
N TYR D 79 3.94 -9.17 11.26
CA TYR D 79 2.79 -8.28 11.27
C TYR D 79 1.91 -8.45 10.04
N ILE D 80 0.67 -7.97 10.14
CA ILE D 80 -0.25 -7.99 9.02
C ILE D 80 -0.46 -6.58 8.51
N SER D 81 -0.27 -6.38 7.21
CA SER D 81 -0.36 -5.05 6.62
C SER D 81 -1.75 -4.45 6.82
N GLN D 82 -1.77 -3.15 7.11
CA GLN D 82 -3.02 -2.40 7.19
C GLN D 82 -3.81 -2.55 5.91
N ASN D 83 -3.10 -2.66 4.80
CA ASN D 83 -3.71 -2.85 3.49
C ASN D 83 -4.54 -4.13 3.44
N CYS D 84 -3.97 -5.21 3.98
CA CYS D 84 -4.66 -6.51 4.01
C CYS D 84 -5.89 -6.47 4.91
N ILE D 85 -5.72 -5.99 6.14
CA ILE D 85 -6.81 -5.85 7.10
C ILE D 85 -7.96 -5.07 6.50
N ARG D 86 -7.63 -3.91 5.92
CA ARG D 86 -8.62 -3.09 5.26
C ARG D 86 -9.30 -3.85 4.13
N HIS D 87 -8.52 -4.58 3.34
CA HIS D 87 -9.09 -5.37 2.24
C HIS D 87 -10.14 -6.35 2.73
N HIS D 88 -9.80 -7.13 3.74
CA HIS D 88 -10.71 -8.15 4.24
C HIS D 88 -11.90 -7.59 5.01
N LEU D 89 -11.76 -6.41 5.58
CA LEU D 89 -12.88 -5.76 6.26
C LEU D 89 -14.00 -5.47 5.27
N PHE D 90 -13.63 -4.77 4.21
CA PHE D 90 -14.52 -4.29 3.15
C PHE D 90 -14.64 -5.28 2.00
N ARG D 91 -14.07 -6.47 2.20
CA ARG D 91 -13.92 -7.54 1.19
C ARG D 91 -15.10 -7.92 0.29
N GLU D 92 -16.29 -7.44 0.61
CA GLU D 92 -17.44 -7.80 -0.22
C GLU D 92 -17.58 -6.84 -1.41
N GLN D 93 -17.23 -5.58 -1.19
CA GLN D 93 -17.35 -4.55 -2.22
C GLN D 93 -16.01 -4.31 -2.93
N ALA D 94 -15.02 -5.13 -2.59
CA ALA D 94 -13.62 -4.92 -3.00
C ALA D 94 -13.41 -4.62 -4.49
N PHE D 95 -14.13 -5.31 -5.37
CA PHE D 95 -13.91 -5.18 -6.81
C PHE D 95 -14.76 -4.07 -7.43
N ASP D 96 -15.62 -3.46 -6.63
CA ASP D 96 -16.61 -2.51 -7.15
C ASP D 96 -15.99 -1.16 -7.56
N LEU D 97 -14.98 -0.72 -6.84
CA LEU D 97 -14.40 0.61 -7.04
C LEU D 97 -13.77 0.82 -8.42
N HIS D 98 -13.32 -0.27 -9.04
CA HIS D 98 -12.75 -0.22 -10.38
C HIS D 98 -13.76 0.24 -11.43
N TYR D 99 -15.04 -0.06 -11.18
CA TYR D 99 -16.11 0.22 -12.13
C TYR D 99 -16.77 1.59 -11.93
N ALA D 100 -16.21 2.40 -11.05
CA ALA D 100 -16.82 3.68 -10.68
C ALA D 100 -16.85 4.73 -11.80
N SER D 101 -17.92 5.52 -11.76
CA SER D 101 -18.18 6.66 -12.65
C SER D 101 -19.14 7.56 -11.88
N ASP D 102 -19.62 8.64 -12.49
CA ASP D 102 -20.40 9.66 -11.77
C ASP D 102 -21.62 9.11 -11.01
N LYS D 103 -22.49 8.39 -11.71
CA LYS D 103 -23.66 7.83 -11.05
C LYS D 103 -23.14 6.65 -10.25
N ASN D 104 -22.10 6.02 -10.77
CA ASN D 104 -21.49 4.94 -10.05
C ASN D 104 -20.91 5.50 -8.75
N LEU D 105 -20.43 6.74 -8.82
CA LEU D 105 -19.97 7.47 -7.64
C LEU D 105 -21.11 7.70 -6.67
N LYS D 106 -22.27 8.05 -7.21
CA LYS D 106 -23.48 8.17 -6.41
C LYS D 106 -23.72 6.92 -5.60
N ASN D 107 -23.60 5.75 -6.22
CA ASN D 107 -23.79 4.49 -5.50
C ASN D 107 -22.68 4.17 -4.48
N VAL D 108 -21.43 4.47 -4.84
CA VAL D 108 -20.29 4.24 -3.94
C VAL D 108 -20.34 5.12 -2.69
N LEU D 109 -20.72 6.38 -2.89
CA LEU D 109 -20.66 7.36 -1.82
C LEU D 109 -21.55 6.95 -0.64
N ALA D 110 -22.72 6.38 -0.92
CA ALA D 110 -23.50 5.80 0.16
C ALA D 110 -23.16 4.32 0.25
N SER D 111 -22.35 3.96 1.25
CA SER D 111 -21.87 2.59 1.46
C SER D 111 -20.85 2.59 2.59
N ILE D 112 -20.50 1.39 3.06
CA ILE D 112 -19.42 1.25 4.02
C ILE D 112 -18.08 1.56 3.34
N THR D 113 -18.00 1.26 2.05
CA THR D 113 -16.82 1.56 1.26
C THR D 113 -16.59 3.06 1.06
N GLY D 114 -17.67 3.79 0.80
CA GLY D 114 -17.59 5.22 0.57
C GLY D 114 -17.37 6.06 1.82
N LEU D 115 -18.13 5.76 2.87
CA LEU D 115 -18.14 6.58 4.08
C LEU D 115 -16.96 6.32 5.01
N ILE D 116 -16.58 5.06 5.15
CA ILE D 116 -15.55 4.67 6.11
C ILE D 116 -14.23 4.43 5.39
N ARG D 117 -14.21 3.44 4.51
CA ARG D 117 -13.04 3.26 3.66
C ARG D 117 -12.97 4.47 2.74
N GLY D 118 -11.80 4.78 2.19
CA GLY D 118 -11.69 5.92 1.32
C GLY D 118 -11.76 5.44 -0.11
N TYR D 119 -11.68 6.34 -1.08
CA TYR D 119 -11.60 5.89 -2.47
C TYR D 119 -11.00 6.95 -3.39
N VAL D 120 -10.53 6.51 -4.56
CA VAL D 120 -10.05 7.41 -5.61
C VAL D 120 -10.48 6.95 -7.00
N VAL D 121 -10.96 7.90 -7.80
CA VAL D 121 -11.18 7.68 -9.21
C VAL D 121 -10.24 8.62 -9.97
N PRO D 122 -9.26 8.02 -10.68
CA PRO D 122 -8.22 8.72 -11.44
C PRO D 122 -8.74 9.53 -12.62
N SER D 123 -9.68 8.96 -13.36
CA SER D 123 -10.24 9.60 -14.55
C SER D 123 -10.80 10.98 -14.26
N SER D 124 -11.76 11.05 -13.34
CA SER D 124 -12.45 12.30 -13.04
C SER D 124 -11.82 13.00 -11.84
N GLN D 125 -10.75 12.39 -11.32
CA GLN D 125 -10.01 12.93 -10.18
C GLN D 125 -10.96 13.21 -9.02
N CYS D 126 -11.70 12.18 -8.63
CA CYS D 126 -12.64 12.30 -7.51
C CYS D 126 -12.17 11.43 -6.36
N LYS D 127 -12.21 11.95 -5.14
CA LYS D 127 -11.64 11.19 -4.04
C LYS D 127 -12.28 11.44 -2.67
N ARG D 128 -12.06 10.50 -1.76
CA ARG D 128 -12.41 10.68 -0.36
C ARG D 128 -11.41 10.00 0.57
N THR D 129 -11.02 10.73 1.61
CA THR D 129 -10.07 10.24 2.61
C THR D 129 -10.74 9.35 3.65
N SER D 130 -10.11 8.23 3.96
CA SER D 130 -10.64 7.29 4.94
C SER D 130 -10.43 7.77 6.38
N PRO D 131 -11.53 7.96 7.12
CA PRO D 131 -11.48 8.27 8.56
C PRO D 131 -10.97 7.11 9.41
N LEU D 132 -10.91 5.91 8.84
CA LEU D 132 -10.40 4.76 9.55
C LEU D 132 -8.88 4.63 9.45
N LEU D 133 -8.22 4.65 10.60
CA LEU D 133 -6.76 4.51 10.70
C LEU D 133 -6.37 3.29 11.52
N LEU D 134 -5.43 2.50 11.01
CA LEU D 134 -5.02 1.27 11.69
C LEU D 134 -3.49 1.10 11.75
N GLU D 135 -2.99 0.78 12.94
CA GLU D 135 -1.59 0.41 13.09
C GLU D 135 -1.39 -1.02 12.62
N ASP D 136 -0.15 -1.49 12.70
CA ASP D 136 0.15 -2.86 12.33
C ASP D 136 -0.43 -3.82 13.36
N PHE D 137 -0.73 -5.04 12.92
CA PHE D 137 -1.11 -6.09 13.85
C PHE D 137 0.16 -6.86 14.20
N VAL D 138 0.62 -6.74 15.43
CA VAL D 138 1.93 -7.27 15.80
C VAL D 138 1.84 -8.57 16.61
N ASP D 139 2.50 -9.61 16.13
CA ASP D 139 2.48 -10.89 16.83
C ASP D 139 3.30 -10.82 18.11
N GLN D 140 2.67 -11.11 19.23
CA GLN D 140 3.33 -11.10 20.53
C GLN D 140 3.90 -12.45 20.94
N LEU D 141 3.48 -13.51 20.23
CA LEU D 141 3.94 -14.86 20.56
C LEU D 141 5.31 -15.10 19.95
N GLY D 142 5.46 -14.68 18.71
CA GLY D 142 6.72 -14.80 18.02
C GLY D 142 7.21 -16.21 17.76
N ASN D 143 6.31 -17.14 17.41
CA ASN D 143 6.79 -18.46 17.09
C ASN D 143 6.90 -18.60 15.58
N GLY D 144 8.11 -18.41 15.07
CA GLY D 144 8.42 -18.65 13.67
C GLY D 144 9.37 -19.81 13.52
N ASN D 145 9.67 -20.18 12.27
CA ASN D 145 10.78 -21.07 11.98
C ASN D 145 11.01 -21.27 10.49
N PHE D 146 12.20 -21.74 10.15
CA PHE D 146 12.51 -22.10 8.78
C PHE D 146 11.80 -23.41 8.48
N GLU D 147 10.98 -23.41 7.43
CA GLU D 147 10.26 -24.60 7.04
C GLU D 147 10.54 -24.95 5.58
N GLN D 148 10.99 -26.18 5.38
CA GLN D 148 11.34 -26.65 4.05
C GLN D 148 10.13 -27.24 3.34
N TYR D 149 10.03 -26.98 2.06
CA TYR D 149 8.92 -27.45 1.24
C TYR D 149 9.41 -28.12 -0.03
N GLY D 150 8.58 -28.99 -0.59
CA GLY D 150 8.97 -29.73 -1.78
C GLY D 150 7.80 -30.11 -2.68
N GLN D 151 8.13 -30.57 -3.87
CA GLN D 151 7.15 -31.06 -4.84
C GLN D 151 7.34 -32.57 -5.01
N ALA D 152 6.29 -33.25 -5.42
CA ALA D 152 6.32 -34.71 -5.49
C ALA D 152 7.04 -35.24 -6.72
N GLY D 153 7.12 -34.43 -7.77
CA GLY D 153 7.91 -34.83 -8.93
C GLY D 153 9.36 -34.97 -8.54
N ALA D 154 9.79 -34.16 -7.58
CA ALA D 154 11.13 -34.19 -7.01
C ALA D 154 12.24 -34.22 -8.06
N ARG D 155 12.02 -33.57 -9.19
CA ARG D 155 13.09 -33.52 -10.18
C ARG D 155 13.59 -32.16 -10.64
N ASP D 156 12.63 -31.34 -11.08
CA ASP D 156 12.80 -30.02 -11.69
C ASP D 156 12.81 -28.74 -10.85
N SER D 157 12.57 -27.64 -11.57
CA SER D 157 12.53 -26.26 -11.08
C SER D 157 11.50 -25.96 -10.02
N THR D 158 10.34 -26.57 -10.09
CA THR D 158 9.38 -26.36 -9.02
C THR D 158 10.15 -26.92 -7.85
N SER D 159 10.54 -28.16 -7.98
CA SER D 159 11.48 -28.78 -7.07
C SER D 159 11.25 -28.57 -5.59
N PHE D 160 12.30 -28.11 -4.93
CA PHE D 160 12.31 -27.86 -3.50
C PHE D 160 12.41 -26.39 -3.26
N PHE D 161 11.57 -25.87 -2.38
CA PHE D 161 11.65 -24.46 -2.00
C PHE D 161 11.43 -24.35 -0.50
N SER D 162 11.29 -23.14 0.01
CA SER D 162 11.15 -22.99 1.46
C SER D 162 10.42 -21.71 1.85
N LYS D 163 9.90 -21.69 3.07
CA LYS D 163 9.22 -20.52 3.61
C LYS D 163 9.56 -20.38 5.09
N THR D 164 9.48 -19.17 5.61
CA THR D 164 9.55 -18.98 7.05
C THR D 164 8.13 -18.95 7.59
N THR D 165 7.75 -20.00 8.32
CA THR D 165 6.36 -20.12 8.76
C THR D 165 6.16 -19.78 10.22
N PHE D 166 4.90 -19.82 10.65
CA PHE D 166 4.53 -19.44 12.01
C PHE D 166 3.52 -20.42 12.60
N GLY D 167 3.58 -20.57 13.91
CA GLY D 167 2.64 -21.41 14.64
C GLY D 167 1.49 -20.55 15.14
N ASP D 168 0.99 -20.86 16.33
CA ASP D 168 -0.03 -20.05 16.96
C ASP D 168 0.43 -18.59 17.03
N THR D 169 -0.45 -17.68 16.63
CA THR D 169 -0.12 -16.27 16.60
C THR D 169 -1.13 -15.44 17.40
N GLU D 170 -0.64 -14.47 18.16
CA GLU D 170 -1.50 -13.55 18.89
C GLU D 170 -1.16 -12.12 18.51
N TYR D 171 -2.10 -11.44 17.86
CA TYR D 171 -1.86 -10.10 17.37
C TYR D 171 -2.39 -9.02 18.31
N ILE D 172 -1.64 -7.92 18.42
CA ILE D 172 -2.10 -6.74 19.12
C ILE D 172 -2.02 -5.56 18.15
N SER D 173 -3.00 -4.68 18.20
CA SER D 173 -3.08 -3.57 17.27
C SER D 173 -3.82 -2.39 17.90
N TYR D 174 -3.69 -1.23 17.28
CA TYR D 174 -4.44 -0.05 17.72
C TYR D 174 -5.03 0.64 16.50
N GLY D 175 -5.98 1.55 16.73
CA GLY D 175 -6.60 2.25 15.62
C GLY D 175 -7.49 3.40 16.06
N SER D 176 -7.96 4.17 15.09
CA SER D 176 -8.77 5.35 15.39
C SER D 176 -9.72 5.72 14.27
N ILE D 177 -10.85 6.30 14.63
CA ILE D 177 -11.81 6.82 13.66
C ILE D 177 -11.94 8.33 13.82
N SER D 178 -11.65 9.06 12.75
CA SER D 178 -11.66 10.52 12.79
C SER D 178 -13.04 11.07 12.48
N ILE D 179 -13.61 11.75 13.47
CA ILE D 179 -14.93 12.33 13.33
C ILE D 179 -14.95 13.40 12.24
N GLU D 180 -13.86 14.17 12.14
CA GLU D 180 -13.76 15.23 11.15
C GLU D 180 -13.91 14.71 9.71
N GLN D 181 -13.21 13.62 9.40
CA GLN D 181 -13.24 13.06 8.05
C GLN D 181 -14.50 12.25 7.79
N LEU D 182 -15.07 11.69 8.86
CA LEU D 182 -16.24 10.82 8.75
C LEU D 182 -17.53 11.63 8.57
N GLN D 183 -17.70 12.69 9.35
CA GLN D 183 -18.95 13.42 9.41
C GLN D 183 -19.22 14.32 8.20
N PHE D 184 -18.18 14.70 7.48
CA PHE D 184 -18.34 15.62 6.35
C PHE D 184 -18.02 14.99 5.00
N ILE D 185 -18.83 15.30 4.00
CA ILE D 185 -18.60 14.83 2.65
C ILE D 185 -18.53 16.02 1.69
N SER D 186 -17.37 16.24 1.10
CA SER D 186 -17.17 17.38 0.23
C SER D 186 -17.59 17.05 -1.21
N LEU D 187 -18.58 17.78 -1.71
CA LEU D 187 -19.06 17.58 -3.07
C LEU D 187 -18.45 18.58 -4.07
N ASP D 188 -17.57 19.44 -3.57
CA ASP D 188 -17.01 20.52 -4.38
C ASP D 188 -15.53 20.29 -4.70
N LYS D 189 -15.14 20.63 -5.93
CA LYS D 189 -13.75 20.44 -6.37
C LYS D 189 -12.84 21.59 -5.97
N LYS D 190 -13.40 22.58 -5.27
CA LYS D 190 -12.65 23.77 -4.86
C LYS D 190 -11.37 23.44 -4.11
N PHE D 191 -11.50 22.63 -3.06
CA PHE D 191 -10.34 22.25 -2.25
C PHE D 191 -9.74 20.91 -2.71
N ASP D 192 -10.24 20.40 -3.83
CA ASP D 192 -9.81 19.12 -4.40
C ASP D 192 -10.14 17.96 -3.47
N ARG D 193 -11.13 18.18 -2.60
CA ARG D 193 -11.61 17.14 -1.69
C ARG D 193 -12.87 16.46 -2.22
N ALA D 194 -13.26 16.83 -3.44
CA ALA D 194 -14.53 16.44 -4.03
C ALA D 194 -14.77 14.92 -4.07
N ALA D 195 -15.96 14.52 -3.61
CA ALA D 195 -16.38 13.12 -3.67
C ALA D 195 -16.92 12.82 -5.07
N MET D 196 -17.97 13.54 -5.45
CA MET D 196 -18.58 13.37 -6.75
C MET D 196 -18.98 14.74 -7.30
N VAL D 197 -18.85 14.92 -8.61
CA VAL D 197 -19.32 16.13 -9.27
C VAL D 197 -20.83 16.15 -9.38
N ILE D 198 -21.47 17.16 -8.81
CA ILE D 198 -22.92 17.18 -8.66
C ILE D 198 -23.59 18.36 -9.33
N LYS D 199 -24.89 18.21 -9.59
CA LYS D 199 -25.69 19.22 -10.24
C LYS D 199 -26.45 19.95 -9.14
N GLU D 200 -27.36 20.86 -9.48
CA GLU D 200 -27.92 21.75 -8.47
C GLU D 200 -28.89 21.02 -7.54
N GLY D 201 -29.72 20.17 -8.11
CA GLY D 201 -30.74 19.46 -7.36
C GLY D 201 -30.27 18.13 -6.81
N GLU D 202 -29.23 17.57 -7.43
CA GLU D 202 -28.72 16.25 -7.08
C GLU D 202 -28.13 16.14 -5.67
N GLY D 203 -27.61 17.24 -5.13
CA GLY D 203 -27.04 17.24 -3.80
C GLY D 203 -27.96 16.67 -2.73
N GLU D 204 -29.18 17.20 -2.67
CA GLU D 204 -30.16 16.77 -1.67
C GLU D 204 -30.55 15.31 -1.87
N VAL D 205 -30.63 14.89 -3.14
CA VAL D 205 -30.96 13.50 -3.45
C VAL D 205 -29.88 12.57 -2.92
N ILE D 206 -28.62 12.94 -3.16
CA ILE D 206 -27.48 12.17 -2.69
C ILE D 206 -27.50 12.08 -1.16
N ALA D 207 -27.71 13.22 -0.52
CA ALA D 207 -27.85 13.28 0.92
C ALA D 207 -28.95 12.34 1.41
N ALA D 208 -30.08 12.33 0.71
CA ALA D 208 -31.21 11.48 1.06
C ALA D 208 -30.83 10.01 1.01
N GLU D 209 -30.14 9.59 -0.05
CA GLU D 209 -29.73 8.19 -0.17
C GLU D 209 -28.74 7.81 0.92
N LEU D 210 -27.78 8.69 1.18
CA LEU D 210 -26.86 8.51 2.29
C LEU D 210 -27.64 8.26 3.59
N GLN D 211 -28.60 9.15 3.85
CA GLN D 211 -29.47 9.04 5.02
C GLN D 211 -30.16 7.67 5.07
N ASN D 212 -30.63 7.21 3.92
CA ASN D 212 -31.27 5.91 3.82
C ASN D 212 -30.33 4.78 4.24
N TYR D 213 -29.11 4.79 3.72
CA TYR D 213 -28.14 3.75 4.06
C TYR D 213 -27.81 3.75 5.56
N ILE D 214 -27.43 4.93 6.06
CA ILE D 214 -27.03 5.07 7.45
C ILE D 214 -28.18 4.66 8.37
N GLN D 215 -29.41 4.98 7.96
CA GLN D 215 -30.59 4.55 8.68
C GLN D 215 -30.73 3.03 8.65
N SER D 216 -30.46 2.46 7.48
CA SER D 216 -30.57 1.01 7.28
C SER D 216 -29.57 0.26 8.14
N LEU D 217 -28.52 0.94 8.59
CA LEU D 217 -27.59 0.33 9.53
C LEU D 217 -28.24 0.07 10.90
N ASN D 218 -28.77 1.12 11.52
CA ASN D 218 -29.38 1.01 12.84
C ASN D 218 -30.73 1.70 12.93
N PRO D 219 -31.82 0.96 12.71
CA PRO D 219 -33.20 1.47 12.70
C PRO D 219 -33.56 2.24 13.98
N SER D 220 -32.95 1.88 15.10
CA SER D 220 -33.23 2.54 16.37
C SER D 220 -32.84 4.02 16.37
N LEU D 221 -31.71 4.34 15.74
CA LEU D 221 -31.21 5.72 15.73
C LEU D 221 -31.93 6.58 14.70
N ASN D 222 -31.65 7.88 14.71
CA ASN D 222 -32.27 8.81 13.78
C ASN D 222 -31.24 9.67 13.04
N PRO D 223 -30.63 9.11 11.99
CA PRO D 223 -29.58 9.84 11.26
C PRO D 223 -30.13 10.94 10.34
N GLN D 224 -29.37 12.01 10.19
CA GLN D 224 -29.70 13.07 9.24
C GLN D 224 -28.50 13.44 8.37
N ALA D 225 -28.70 13.44 7.06
CA ALA D 225 -27.66 13.89 6.12
C ALA D 225 -28.10 15.21 5.49
N ILE D 226 -27.42 16.29 5.86
CA ILE D 226 -27.85 17.61 5.43
C ILE D 226 -26.91 18.23 4.41
N PHE D 227 -27.42 18.45 3.21
CA PHE D 227 -26.66 19.11 2.16
C PHE D 227 -26.74 20.63 2.25
N HIS D 228 -25.65 21.29 1.90
CA HIS D 228 -25.62 22.75 1.81
C HIS D 228 -24.62 23.21 0.76
N SER D 229 -24.89 24.38 0.20
CA SER D 229 -24.05 24.94 -0.86
C SER D 229 -22.74 25.49 -0.29
N ASN D 230 -22.76 25.88 0.98
CA ASN D 230 -21.56 26.39 1.63
C ASN D 230 -21.33 25.79 3.01
N TYR D 231 -20.24 25.05 3.16
CA TYR D 231 -19.85 24.48 4.43
C TYR D 231 -18.46 24.97 4.83
N VAL D 232 -18.37 25.62 5.99
CA VAL D 232 -17.12 26.22 6.40
C VAL D 232 -16.43 25.48 7.54
N ARG D 233 -15.13 25.27 7.38
CA ARG D 233 -14.29 24.64 8.37
C ARG D 233 -13.98 25.57 9.53
N ARG D 234 -13.98 25.02 10.74
CA ARG D 234 -13.72 25.81 11.93
C ARG D 234 -12.29 26.34 11.95
N GLY D 235 -12.13 27.64 12.18
CA GLY D 235 -10.80 28.23 12.29
C GLY D 235 -10.28 29.08 11.13
N THR D 236 -11.04 29.16 10.03
CA THR D 236 -10.60 29.98 8.90
C THR D 236 -10.85 31.44 9.25
N ILE D 237 -9.98 32.33 8.78
CA ILE D 237 -10.21 33.75 9.05
C ILE D 237 -11.12 34.43 8.01
N PHE D 238 -11.26 33.84 6.83
CA PHE D 238 -12.14 34.42 5.82
C PHE D 238 -13.45 33.67 5.63
N GLU D 239 -13.61 32.57 6.35
CA GLU D 239 -14.86 31.79 6.32
C GLU D 239 -15.27 31.38 4.91
N GLU D 240 -14.37 30.66 4.23
CA GLU D 240 -14.59 30.21 2.86
C GLU D 240 -14.90 28.71 2.88
N GLY D 241 -15.86 28.29 2.07
CA GLY D 241 -16.32 26.92 2.14
C GLY D 241 -16.81 26.28 0.85
N GLU D 242 -17.15 25.00 0.95
CA GLU D 242 -17.51 24.18 -0.21
C GLU D 242 -18.89 23.55 -0.06
N CYS D 243 -19.49 23.21 -1.19
CA CYS D 243 -20.76 22.50 -1.20
C CYS D 243 -20.57 21.06 -0.73
N GLY D 244 -21.43 20.60 0.18
CA GLY D 244 -21.28 19.27 0.72
C GLY D 244 -22.40 18.77 1.61
N ILE D 245 -22.17 17.64 2.27
CA ILE D 245 -23.14 17.02 3.15
C ILE D 245 -22.57 16.78 4.55
N LEU D 246 -23.25 17.29 5.57
CA LEU D 246 -22.84 17.07 6.95
C LEU D 246 -23.74 16.04 7.64
N LEU D 247 -23.13 15.18 8.45
CA LEU D 247 -23.86 14.16 9.19
C LEU D 247 -23.99 14.51 10.67
N ASN D 248 -25.18 14.32 11.22
CA ASN D 248 -25.44 14.60 12.63
C ASN D 248 -24.87 13.53 13.56
N ASP D 249 -24.96 13.77 14.86
CA ASP D 249 -24.45 12.85 15.88
C ASP D 249 -24.90 11.41 15.68
N ASP D 250 -26.20 11.23 15.44
CA ASP D 250 -26.77 9.89 15.31
C ASP D 250 -26.18 9.12 14.12
N ALA D 251 -26.02 9.80 12.98
CA ALA D 251 -25.44 9.18 11.80
C ALA D 251 -24.01 8.74 12.09
N VAL D 252 -23.21 9.66 12.62
CA VAL D 252 -21.82 9.38 12.96
C VAL D 252 -21.74 8.19 13.91
N LYS D 253 -22.64 8.14 14.89
CA LYS D 253 -22.73 7.01 15.81
C LYS D 253 -23.02 5.71 15.06
N ALA D 254 -23.90 5.78 14.07
CA ALA D 254 -24.23 4.61 13.26
C ALA D 254 -23.04 4.09 12.48
N LEU D 255 -22.32 4.98 11.80
CA LEU D 255 -21.14 4.56 11.04
C LEU D 255 -20.01 4.05 11.92
N VAL D 256 -19.75 4.77 13.02
CA VAL D 256 -18.73 4.33 13.97
C VAL D 256 -19.06 2.95 14.52
N ALA D 257 -20.32 2.75 14.92
CA ALA D 257 -20.77 1.49 15.49
C ALA D 257 -20.68 0.37 14.45
N GLU D 258 -21.01 0.68 13.20
CA GLU D 258 -20.89 -0.27 12.11
C GLU D 258 -19.43 -0.69 11.90
N THR D 259 -18.54 0.30 11.89
CA THR D 259 -17.11 0.06 11.72
C THR D 259 -16.56 -0.82 12.84
N LEU D 260 -16.81 -0.42 14.08
CA LEU D 260 -16.36 -1.18 15.24
C LEU D 260 -16.93 -2.59 15.23
N GLU D 261 -18.15 -2.73 14.75
CA GLU D 261 -18.80 -4.04 14.63
C GLU D 261 -18.07 -4.91 13.61
N ARG D 262 -17.76 -4.34 12.46
CA ARG D 262 -17.01 -5.05 11.43
C ARG D 262 -15.62 -5.45 11.92
N LEU D 263 -15.01 -4.58 12.72
CA LEU D 263 -13.70 -4.84 13.30
C LEU D 263 -13.72 -5.95 14.34
N ALA D 264 -14.76 -5.96 15.16
CA ALA D 264 -14.87 -6.94 16.24
C ALA D 264 -15.11 -8.36 15.73
N ASN D 265 -15.86 -8.48 14.64
CA ASN D 265 -16.15 -9.79 14.06
C ASN D 265 -15.23 -10.17 12.92
N LEU D 266 -14.23 -9.33 12.66
CA LEU D 266 -13.31 -9.52 11.55
C LEU D 266 -12.57 -10.86 11.58
N SER D 267 -12.60 -11.56 10.46
CA SER D 267 -11.86 -12.80 10.34
C SER D 267 -11.31 -12.94 8.94
N ILE D 268 -10.10 -13.47 8.83
CA ILE D 268 -9.44 -13.64 7.55
C ILE D 268 -8.97 -15.06 7.32
N ARG D 269 -9.37 -15.64 6.19
CA ARG D 269 -8.86 -16.94 5.80
C ARG D 269 -7.99 -16.68 4.58
N GLN D 270 -6.67 -16.73 4.78
CA GLN D 270 -5.76 -16.42 3.69
C GLN D 270 -4.43 -17.15 3.80
N ALA D 271 -3.82 -17.46 2.66
CA ALA D 271 -2.51 -18.11 2.59
C ALA D 271 -2.38 -19.30 3.56
N LYS D 272 -3.36 -20.19 3.54
CA LYS D 272 -3.30 -21.43 4.33
C LYS D 272 -3.20 -21.15 5.83
N GLY D 273 -3.67 -19.97 6.23
CA GLY D 273 -3.67 -19.58 7.63
C GLY D 273 -4.90 -18.72 7.90
N TYR D 274 -5.19 -18.48 9.18
CA TYR D 274 -6.39 -17.74 9.51
C TYR D 274 -6.19 -16.78 10.68
N MET D 275 -7.08 -15.81 10.79
CA MET D 275 -7.08 -14.87 11.89
C MET D 275 -8.50 -14.53 12.33
N TYR D 276 -8.71 -14.44 13.63
CA TYR D 276 -9.94 -13.86 14.14
C TYR D 276 -9.62 -12.88 15.26
N VAL D 277 -10.35 -11.77 15.30
CA VAL D 277 -10.17 -10.79 16.36
C VAL D 277 -10.90 -11.24 17.61
N ASP D 278 -10.15 -11.37 18.69
CA ASP D 278 -10.66 -11.87 19.96
C ASP D 278 -11.35 -10.77 20.73
N ASP D 279 -10.60 -9.73 21.08
CA ASP D 279 -11.08 -8.66 21.93
C ASP D 279 -10.94 -7.28 21.29
N ILE D 280 -11.86 -6.37 21.65
CA ILE D 280 -11.74 -4.99 21.20
C ILE D 280 -12.10 -4.02 22.33
N THR D 281 -11.20 -3.08 22.61
CA THR D 281 -11.44 -2.07 23.63
C THR D 281 -11.61 -0.70 22.98
N VAL D 282 -12.67 0.01 23.31
CA VAL D 282 -12.96 1.28 22.61
C VAL D 282 -12.97 2.48 23.54
N ASP D 283 -12.40 3.59 23.07
CA ASP D 283 -12.41 4.84 23.83
C ASP D 283 -12.89 6.02 22.98
N TYR D 284 -13.88 6.75 23.46
CA TYR D 284 -14.32 7.95 22.79
C TYR D 284 -13.58 9.18 23.34
N ASN D 285 -12.73 9.76 22.52
CA ASN D 285 -11.80 10.80 22.94
C ASN D 285 -12.25 12.20 22.56
N ASP D 286 -12.65 12.96 23.58
CA ASP D 286 -12.96 14.39 23.43
C ASP D 286 -11.80 15.31 23.82
N SER D 287 -10.77 14.73 24.45
CA SER D 287 -9.59 15.50 24.85
C SER D 287 -8.67 15.69 23.66
N HIS D 288 -7.68 16.58 23.74
CA HIS D 288 -6.73 16.62 22.64
C HIS D 288 -5.55 15.71 22.94
N LYS D 289 -5.64 14.50 22.42
CA LYS D 289 -4.59 13.49 22.45
C LYS D 289 -4.90 12.52 21.32
N MET D 290 -3.90 12.06 20.58
CA MET D 290 -4.20 10.99 19.66
C MET D 290 -3.79 9.68 20.29
N MET D 291 -4.67 8.68 20.20
CA MET D 291 -4.45 7.37 20.81
C MET D 291 -4.14 7.45 22.31
N ARG D 292 -4.94 8.21 23.03
CA ARG D 292 -4.89 8.28 24.50
C ARG D 292 -4.87 6.91 25.14
N ILE D 293 -5.64 5.98 24.57
CA ILE D 293 -5.71 4.62 25.08
C ILE D 293 -4.34 3.93 25.06
N LYS D 294 -3.49 4.33 24.11
CA LYS D 294 -2.16 3.74 23.96
C LYS D 294 -1.22 4.24 25.06
N ARG D 295 -1.25 5.55 25.28
CA ARG D 295 -0.46 6.17 26.35
C ARG D 295 -1.11 5.76 27.66
N ASP D 296 -0.41 5.92 28.77
CA ASP D 296 -0.97 5.40 30.01
C ASP D 296 -2.08 6.28 30.58
N GLU D 297 -3.29 5.72 30.56
CA GLU D 297 -4.45 6.34 31.18
C GLU D 297 -5.33 5.23 31.76
N SER D 298 -5.42 5.15 33.07
CA SER D 298 -6.33 4.20 33.71
C SER D 298 -7.70 4.83 33.94
N GLU D 299 -7.72 6.16 33.83
CA GLU D 299 -8.85 6.99 34.24
C GLU D 299 -9.88 7.40 33.19
N ILE D 300 -9.80 6.90 31.96
CA ILE D 300 -10.68 7.41 30.91
C ILE D 300 -12.15 7.11 31.19
N ILE D 301 -13.01 8.10 30.92
CA ILE D 301 -14.45 7.94 31.11
C ILE D 301 -15.31 8.38 29.93
N ASN D 302 -15.99 7.42 29.29
CA ASN D 302 -16.86 7.71 28.17
C ASN D 302 -18.31 7.85 28.59
N GLU D 303 -18.92 9.02 28.41
CA GLU D 303 -20.30 9.22 28.82
C GLU D 303 -21.24 9.05 27.66
N GLN D 304 -22.41 8.46 27.90
CA GLN D 304 -23.36 8.25 26.84
C GLN D 304 -23.81 9.56 26.23
N HIS D 305 -24.04 10.53 27.09
CA HIS D 305 -24.46 11.85 26.67
C HIS D 305 -23.47 12.66 25.84
N ALA D 306 -22.18 12.64 26.20
CA ALA D 306 -21.25 13.50 25.47
C ALA D 306 -21.45 13.37 23.96
N PRO D 307 -21.70 14.51 23.30
CA PRO D 307 -21.90 14.63 21.84
C PRO D 307 -20.61 14.58 21.02
N PHE D 308 -20.73 14.18 19.75
CA PHE D 308 -19.61 14.19 18.83
C PHE D 308 -19.23 15.62 18.44
N ALA D 309 -17.94 15.87 18.20
CA ALA D 309 -17.46 17.19 17.85
C ALA D 309 -17.93 17.62 16.46
N GLN D 310 -18.38 18.87 16.33
CA GLN D 310 -18.81 19.41 15.05
C GLN D 310 -17.75 20.33 14.46
N TYR D 311 -17.10 19.88 13.38
CA TYR D 311 -15.99 20.61 12.81
C TYR D 311 -16.38 21.63 11.75
N PHE D 312 -17.64 21.59 11.30
CA PHE D 312 -18.06 22.47 10.22
C PHE D 312 -19.33 23.22 10.56
N TYR D 313 -19.56 24.34 9.89
CA TYR D 313 -20.81 25.09 10.06
C TYR D 313 -21.35 25.60 8.72
N ALA D 314 -22.66 25.58 8.59
CA ALA D 314 -23.31 26.10 7.38
C ALA D 314 -23.15 27.61 7.27
N LYS D 315 -23.18 28.12 6.04
CA LYS D 315 -23.13 29.56 5.82
C LYS D 315 -23.89 29.95 4.56
N MET E 1 19.53 51.25 23.04
CA MET E 1 20.47 51.54 24.11
C MET E 1 21.80 50.81 23.87
N GLN E 2 22.61 50.73 24.91
CA GLN E 2 23.92 50.08 24.78
C GLN E 2 23.76 48.56 24.69
N LYS E 3 22.79 48.02 25.40
CA LYS E 3 22.56 46.59 25.40
C LYS E 3 21.16 46.09 25.32
N VAL E 4 21.00 44.83 24.97
CA VAL E 4 19.69 44.24 24.88
C VAL E 4 19.63 43.23 25.99
N THR E 5 18.61 43.32 26.83
CA THR E 5 18.50 42.41 27.96
C THR E 5 17.13 41.74 27.99
N GLY E 6 17.02 40.65 28.75
CA GLY E 6 15.79 39.89 28.80
C GLY E 6 15.87 38.64 27.95
N ILE E 7 14.73 38.00 27.73
CA ILE E 7 14.70 36.76 26.95
C ILE E 7 14.81 37.11 25.46
N LYS E 8 15.86 36.60 24.81
CA LYS E 8 16.07 36.88 23.39
C LYS E 8 15.16 36.00 22.53
N SER E 9 15.09 34.73 22.88
CA SER E 9 14.29 33.79 22.13
C SER E 9 13.86 32.63 23.01
N VAL E 10 12.79 31.95 22.61
CA VAL E 10 12.37 30.77 23.34
C VAL E 10 12.66 29.52 22.51
N ASP E 11 13.71 28.81 22.91
CA ASP E 11 14.11 27.60 22.23
C ASP E 11 13.32 26.42 22.77
N PHE E 12 13.25 25.32 22.02
CA PHE E 12 12.61 24.12 22.53
C PHE E 12 13.06 22.86 21.79
N LYS E 13 12.93 21.73 22.51
CA LYS E 13 13.14 20.41 21.93
C LYS E 13 11.82 19.64 21.96
N ILE E 14 11.43 19.10 20.82
CA ILE E 14 10.20 18.34 20.71
C ILE E 14 10.46 16.84 20.60
N LYS E 15 9.78 16.08 21.44
CA LYS E 15 9.77 14.63 21.37
C LYS E 15 8.39 14.17 20.97
N ALA E 16 8.30 13.50 19.83
CA ALA E 16 7.03 13.05 19.31
C ALA E 16 7.00 11.54 19.14
N LEU E 17 5.79 11.00 19.05
CA LEU E 17 5.60 9.57 18.85
C LEU E 17 4.58 9.36 17.75
N GLY E 18 4.63 8.20 17.12
CA GLY E 18 3.69 7.91 16.05
C GLY E 18 3.82 6.50 15.50
N HIS E 19 3.03 6.19 14.49
CA HIS E 19 3.14 4.91 13.81
C HIS E 19 2.95 5.08 12.31
N GLY E 20 3.87 4.49 11.54
CA GLY E 20 3.80 4.57 10.10
C GLY E 20 4.31 5.91 9.59
N VAL E 21 4.39 6.04 8.27
CA VAL E 21 4.89 7.27 7.67
C VAL E 21 3.78 8.28 7.47
N VAL E 22 3.89 9.42 8.13
CA VAL E 22 2.91 10.49 7.97
C VAL E 22 3.21 11.30 6.72
N ASN E 23 4.49 11.40 6.39
CA ASN E 23 4.94 12.27 5.31
C ASN E 23 5.83 11.52 4.33
N TRP E 24 5.34 11.39 3.10
CA TRP E 24 6.02 10.61 2.07
C TRP E 24 6.79 11.48 1.08
N ASN E 25 7.92 10.98 0.60
CA ASN E 25 8.63 11.67 -0.44
C ASN E 25 7.91 11.48 -1.76
N GLY E 26 7.79 10.24 -2.20
CA GLY E 26 7.10 9.96 -3.46
C GLY E 26 7.65 8.76 -4.18
N PRO E 27 7.12 8.48 -5.38
CA PRO E 27 7.65 7.38 -6.20
C PRO E 27 9.05 7.72 -6.67
N THR E 28 9.92 6.72 -6.71
CA THR E 28 11.32 6.95 -7.02
C THR E 28 11.85 5.87 -7.95
N THR E 29 12.69 6.28 -8.90
CA THR E 29 13.27 5.35 -9.86
C THR E 29 14.32 4.47 -9.21
N LEU E 30 14.10 3.16 -9.29
CA LEU E 30 15.00 2.19 -8.70
C LEU E 30 15.14 1.00 -9.65
N THR E 31 16.16 0.16 -9.42
CA THR E 31 16.40 -0.99 -10.28
C THR E 31 15.75 -2.27 -9.76
N GLY E 32 15.02 -2.95 -10.65
CA GLY E 32 14.41 -4.23 -10.31
C GLY E 32 15.45 -5.33 -10.22
N ASP E 33 15.04 -6.50 -9.75
CA ASP E 33 15.95 -7.63 -9.59
C ASP E 33 16.42 -8.19 -10.93
N ASP E 34 15.62 -8.00 -11.96
CA ASP E 34 15.96 -8.44 -13.31
C ASP E 34 17.01 -7.55 -13.97
N GLY E 35 17.33 -6.45 -13.31
CA GLY E 35 18.27 -5.47 -13.86
C GLY E 35 17.54 -4.27 -14.43
N LYS E 36 16.32 -4.48 -14.93
CA LYS E 36 15.59 -3.37 -15.52
C LYS E 36 15.13 -2.47 -14.37
N THR E 37 15.08 -1.16 -14.60
CA THR E 37 14.55 -0.25 -13.58
C THR E 37 13.05 -0.41 -13.39
N VAL E 38 12.61 -0.44 -12.13
CA VAL E 38 11.18 -0.49 -11.83
C VAL E 38 10.79 0.90 -11.36
N ASP E 39 9.81 1.50 -12.02
CA ASP E 39 9.47 2.89 -11.72
C ASP E 39 8.42 3.00 -10.62
N ASN E 40 8.00 1.88 -10.05
CA ASN E 40 7.09 2.00 -8.91
C ASN E 40 7.64 1.46 -7.61
N HIS E 41 8.08 2.38 -6.76
CA HIS E 41 8.30 2.11 -5.35
C HIS E 41 8.04 3.45 -4.69
N THR E 42 7.30 3.46 -3.60
CA THR E 42 7.11 4.72 -2.90
C THR E 42 8.11 4.80 -1.75
N LEU E 43 8.75 5.95 -1.61
CA LEU E 43 9.71 6.12 -0.54
C LEU E 43 9.26 7.22 0.40
N PRO E 44 9.50 7.03 1.70
CA PRO E 44 9.21 8.07 2.68
C PRO E 44 10.29 9.12 2.64
N LYS E 45 10.17 10.17 3.45
CA LYS E 45 11.22 11.16 3.49
C LYS E 45 12.35 10.65 4.36
N LEU E 46 13.52 10.51 3.75
CA LEU E 46 14.71 9.98 4.40
C LEU E 46 15.85 10.99 4.36
N ARG E 47 16.52 11.16 5.49
CA ARG E 47 17.54 12.19 5.62
C ARG E 47 18.83 11.76 4.95
N GLY E 48 19.27 12.50 3.93
CA GLY E 48 20.54 12.20 3.30
C GLY E 48 20.48 11.13 2.23
N TYR E 49 19.29 10.63 1.92
CA TYR E 49 19.17 9.52 1.00
C TYR E 49 19.34 9.92 -0.47
N THR E 50 20.05 9.06 -1.20
CA THR E 50 20.13 9.16 -2.65
C THR E 50 19.92 7.78 -3.27
N ASN E 51 19.18 7.74 -4.39
CA ASN E 51 18.91 6.50 -5.09
C ASN E 51 20.05 6.10 -6.01
N LEU E 52 21.05 6.98 -6.11
CA LEU E 52 22.17 6.80 -7.02
C LEU E 52 23.35 6.04 -6.42
N THR E 53 23.91 5.09 -7.17
CA THR E 53 25.14 4.44 -6.77
C THR E 53 26.36 5.01 -7.49
N GLY E 54 26.12 5.92 -8.41
CA GLY E 54 27.19 6.43 -9.27
C GLY E 54 27.69 5.33 -10.19
N LYS E 55 29.01 5.20 -10.29
CA LYS E 55 29.70 4.11 -11.04
C LYS E 55 29.06 3.73 -12.37
N VAL E 56 29.23 4.59 -13.37
CA VAL E 56 28.66 4.35 -14.70
C VAL E 56 29.72 4.36 -15.81
N LYS E 57 29.37 3.79 -16.96
CA LYS E 57 30.22 3.84 -18.14
C LYS E 57 30.02 5.22 -18.75
N ASP E 58 31.12 5.84 -19.19
CA ASP E 58 31.11 7.21 -19.70
C ASP E 58 30.15 7.36 -20.89
N GLU E 59 30.18 6.42 -21.83
CA GLU E 59 29.31 6.56 -22.99
C GLU E 59 27.74 6.58 -22.77
N THR E 60 27.36 5.84 -21.73
CA THR E 60 26.01 5.99 -21.19
C THR E 60 25.54 7.26 -20.50
N GLY E 61 26.34 7.77 -19.57
CA GLY E 61 25.96 8.96 -18.82
C GLY E 61 24.91 8.68 -17.77
N TYR E 62 24.57 7.40 -17.59
CA TYR E 62 23.50 6.98 -16.68
C TYR E 62 23.98 6.95 -15.23
N LYS E 63 23.08 6.74 -14.28
CA LYS E 63 23.50 6.69 -12.87
C LYS E 63 23.53 5.36 -12.10
N TYR E 64 23.08 4.26 -12.69
CA TYR E 64 23.03 2.98 -11.97
C TYR E 64 22.25 3.04 -10.64
N LYS E 65 20.93 3.06 -10.73
CA LYS E 65 20.07 3.24 -9.56
C LYS E 65 20.16 2.11 -8.54
N LYS E 66 19.98 2.47 -7.28
CA LYS E 66 20.01 1.51 -6.16
C LYS E 66 18.84 0.54 -6.16
N GLN E 67 19.01 -0.61 -5.51
CA GLN E 67 17.89 -1.49 -5.21
C GLN E 67 17.01 -0.84 -4.15
N ALA E 68 15.70 -1.12 -4.21
CA ALA E 68 14.78 -0.60 -3.22
C ALA E 68 15.13 -1.14 -1.84
N THR E 69 15.61 -2.38 -1.80
CA THR E 69 15.90 -3.06 -0.56
C THR E 69 17.12 -2.47 0.16
N ASP E 70 17.92 -1.68 -0.54
CA ASP E 70 19.11 -1.11 0.08
C ASP E 70 18.87 0.29 0.65
N ILE E 71 18.80 0.35 1.98
CA ILE E 71 18.67 1.59 2.73
C ILE E 71 19.30 1.39 4.10
N ASN E 72 20.00 2.40 4.61
CA ASN E 72 20.42 2.37 6.00
C ASN E 72 19.69 3.44 6.80
N PHE E 73 18.81 3.01 7.70
CA PHE E 73 17.98 3.96 8.44
C PHE E 73 18.75 4.66 9.56
N LYS E 74 19.91 4.15 9.92
CA LYS E 74 20.75 4.85 10.88
C LYS E 74 21.47 6.00 10.19
N GLU E 75 21.95 5.74 8.97
CA GLU E 75 22.63 6.74 8.16
C GLU E 75 21.61 7.65 7.47
N THR E 76 20.54 7.05 6.95
CA THR E 76 19.47 7.82 6.33
C THR E 76 18.15 7.57 7.05
N PRO E 77 17.92 8.30 8.16
CA PRO E 77 16.74 8.11 8.99
C PRO E 77 15.47 8.70 8.39
N LEU E 78 14.31 8.19 8.81
CA LEU E 78 13.03 8.74 8.41
C LEU E 78 12.81 10.09 9.06
N TYR E 79 12.23 11.03 8.32
CA TYR E 79 11.92 12.33 8.89
C TYR E 79 10.62 12.91 8.36
N ILE E 80 10.08 13.86 9.11
CA ILE E 80 8.89 14.59 8.69
C ILE E 80 9.32 15.99 8.32
N SER E 81 8.97 16.42 7.11
CA SER E 81 9.39 17.72 6.62
C SER E 81 8.87 18.83 7.53
N GLN E 82 9.72 19.82 7.80
CA GLN E 82 9.31 21.01 8.54
C GLN E 82 8.11 21.67 7.86
N ASN E 83 8.07 21.56 6.54
CA ASN E 83 6.98 22.09 5.74
C ASN E 83 5.65 21.43 6.15
N CYS E 84 5.69 20.11 6.27
CA CYS E 84 4.53 19.32 6.66
C CYS E 84 4.05 19.67 8.07
N ILE E 85 4.99 19.65 9.02
CA ILE E 85 4.70 19.98 10.42
C ILE E 85 4.04 21.35 10.54
N ARG E 86 4.65 22.34 9.91
CA ARG E 86 4.09 23.69 9.94
C ARG E 86 2.71 23.69 9.30
N HIS E 87 2.56 22.99 8.18
CA HIS E 87 1.28 22.90 7.49
C HIS E 87 0.18 22.40 8.42
N HIS E 88 0.44 21.31 9.12
CA HIS E 88 -0.57 20.73 10.00
C HIS E 88 -0.80 21.57 11.26
N LEU E 89 0.20 22.35 11.66
CA LEU E 89 0.03 23.26 12.78
C LEU E 89 -1.02 24.32 12.46
N PHE E 90 -0.83 24.99 11.33
CA PHE E 90 -1.66 26.09 10.87
C PHE E 90 -2.80 25.66 9.95
N ARG E 91 -2.98 24.34 9.81
CA ARG E 91 -3.91 23.74 8.85
C ARG E 91 -5.33 24.27 8.81
N GLU E 92 -5.71 25.08 9.78
CA GLU E 92 -7.09 25.52 9.84
C GLU E 92 -7.23 26.66 8.85
N GLN E 93 -6.18 27.45 8.77
CA GLN E 93 -6.11 28.63 7.92
C GLN E 93 -5.41 28.41 6.58
N ALA E 94 -5.06 27.16 6.28
CA ALA E 94 -4.19 26.83 5.15
C ALA E 94 -4.54 27.53 3.83
N PHE E 95 -5.83 27.60 3.50
CA PHE E 95 -6.23 28.20 2.22
C PHE E 95 -6.51 29.70 2.29
N ASP E 96 -6.41 30.29 3.48
CA ASP E 96 -6.83 31.68 3.66
C ASP E 96 -5.89 32.68 2.97
N LEU E 97 -4.60 32.37 2.94
CA LEU E 97 -3.62 33.30 2.41
C LEU E 97 -3.84 33.59 0.93
N HIS E 98 -4.44 32.65 0.22
CA HIS E 98 -4.77 32.84 -1.18
C HIS E 98 -5.81 33.94 -1.38
N TYR E 99 -6.67 34.12 -0.38
CA TYR E 99 -7.72 35.14 -0.47
C TYR E 99 -7.27 36.46 0.12
N ALA E 100 -6.00 36.53 0.54
CA ALA E 100 -5.45 37.74 1.12
C ALA E 100 -5.27 38.82 0.04
N SER E 101 -5.67 40.01 0.44
CA SER E 101 -5.70 41.21 -0.36
C SER E 101 -5.30 42.36 0.53
N ASP E 102 -4.89 43.46 -0.05
CA ASP E 102 -4.49 44.59 0.75
C ASP E 102 -5.64 45.09 1.63
N LYS E 103 -6.83 45.24 1.09
CA LYS E 103 -7.91 45.73 1.96
C LYS E 103 -8.31 44.74 3.03
N ASN E 104 -8.43 43.48 2.64
CA ASN E 104 -8.85 42.41 3.56
C ASN E 104 -7.75 42.03 4.56
N LEU E 105 -6.53 42.43 4.26
CA LEU E 105 -5.35 42.10 5.06
C LEU E 105 -5.46 42.48 6.53
N LYS E 106 -6.33 43.45 6.82
CA LYS E 106 -6.62 43.83 8.21
C LYS E 106 -6.98 42.59 9.02
N ASN E 107 -7.80 41.73 8.44
CA ASN E 107 -8.20 40.49 9.07
C ASN E 107 -7.04 39.51 9.22
N VAL E 108 -6.16 39.48 8.22
CA VAL E 108 -5.01 38.58 8.25
C VAL E 108 -4.02 38.91 9.36
N LEU E 109 -3.74 40.20 9.54
CA LEU E 109 -2.72 40.61 10.51
C LEU E 109 -3.09 40.21 11.94
N ALA E 110 -4.36 40.33 12.30
CA ALA E 110 -4.80 39.83 13.60
C ALA E 110 -5.32 38.42 13.41
N SER E 111 -4.53 37.45 13.83
CA SER E 111 -4.81 36.02 13.69
C SER E 111 -3.59 35.23 14.13
N ILE E 112 -3.73 33.92 14.30
CA ILE E 112 -2.56 33.09 14.58
C ILE E 112 -1.62 33.00 13.38
N THR E 113 -2.17 33.06 12.16
CA THR E 113 -1.34 33.05 10.95
C THR E 113 -0.50 34.30 10.78
N GLY E 114 -1.07 35.46 11.09
CA GLY E 114 -0.36 36.71 10.92
C GLY E 114 0.75 36.90 11.93
N LEU E 115 0.47 36.61 13.18
CA LEU E 115 1.43 36.85 14.26
C LEU E 115 2.49 35.76 14.36
N ILE E 116 2.08 34.51 14.15
CA ILE E 116 2.98 33.37 14.32
C ILE E 116 3.47 32.73 13.01
N ARG E 117 2.54 32.23 12.21
CA ARG E 117 2.86 31.63 10.92
C ARG E 117 3.54 32.58 9.94
N GLY E 118 3.16 33.85 10.00
CA GLY E 118 3.65 34.83 9.04
C GLY E 118 2.74 34.75 7.85
N TYR E 119 2.94 35.61 6.84
CA TYR E 119 2.10 35.55 5.66
C TYR E 119 2.68 36.19 4.41
N VAL E 120 1.95 36.01 3.31
CA VAL E 120 2.26 36.60 2.02
C VAL E 120 1.00 37.14 1.39
N VAL E 121 1.11 38.28 0.72
CA VAL E 121 -0.02 38.81 -0.04
C VAL E 121 0.27 38.76 -1.53
N PRO E 122 -0.55 38.00 -2.26
CA PRO E 122 -0.38 37.78 -3.70
C PRO E 122 -0.47 39.08 -4.48
N SER E 123 0.41 39.25 -5.46
CA SER E 123 0.46 40.46 -6.27
C SER E 123 0.66 41.70 -5.38
N SER E 124 1.49 41.56 -4.36
CA SER E 124 1.70 42.60 -3.38
C SER E 124 3.09 42.50 -2.74
N GLN E 125 3.55 43.60 -2.16
CA GLN E 125 4.84 43.62 -1.48
C GLN E 125 4.74 43.43 0.03
N CYS E 126 3.53 43.20 0.54
CA CYS E 126 3.32 42.98 1.97
C CYS E 126 3.70 41.57 2.45
N LYS E 127 4.40 41.51 3.57
CA LYS E 127 4.89 40.23 4.11
C LYS E 127 5.03 40.29 5.62
N ARG E 128 5.11 39.13 6.25
CA ARG E 128 5.60 39.05 7.62
C ARG E 128 6.39 37.76 7.80
N THR E 129 7.56 37.86 8.42
CA THR E 129 8.42 36.71 8.64
C THR E 129 7.98 35.94 9.88
N SER E 130 7.97 34.61 9.80
CA SER E 130 7.55 33.78 10.92
C SER E 130 8.59 33.74 12.03
N PRO E 131 8.20 34.18 13.23
CA PRO E 131 9.05 34.07 14.42
C PRO E 131 9.27 32.62 14.85
N LEU E 132 8.43 31.71 14.35
CA LEU E 132 8.59 30.30 14.65
C LEU E 132 9.51 29.60 13.64
N LEU E 133 10.59 28.99 14.13
CA LEU E 133 11.50 28.24 13.29
C LEU E 133 11.54 26.79 13.73
N LEU E 134 11.40 25.87 12.77
CA LEU E 134 11.32 24.46 13.08
C LEU E 134 12.18 23.60 12.17
N GLU E 135 12.96 22.70 12.76
CA GLU E 135 13.71 21.71 12.02
C GLU E 135 12.79 20.57 11.58
N ASP E 136 13.35 19.61 10.85
CA ASP E 136 12.60 18.41 10.51
C ASP E 136 12.47 17.55 11.76
N PHE E 137 11.46 16.70 11.78
CA PHE E 137 11.34 15.72 12.86
C PHE E 137 12.05 14.43 12.44
N VAL E 138 13.13 14.09 13.13
CA VAL E 138 13.97 12.97 12.73
C VAL E 138 13.75 11.75 13.64
N ASP E 139 13.43 10.62 13.02
CA ASP E 139 13.13 9.38 13.75
C ASP E 139 14.34 8.73 14.42
N GLN E 140 14.23 8.51 15.74
CA GLN E 140 15.29 7.88 16.52
C GLN E 140 15.17 6.36 16.60
N LEU E 141 14.02 5.84 16.22
CA LEU E 141 13.78 4.39 16.29
C LEU E 141 14.31 3.71 15.05
N GLY E 142 13.76 4.08 13.91
CA GLY E 142 14.22 3.53 12.66
C GLY E 142 13.72 2.14 12.32
N ASN E 143 12.44 1.83 12.58
CA ASN E 143 11.98 0.53 12.13
C ASN E 143 11.28 0.74 10.81
N GLY E 144 12.01 0.52 9.73
CA GLY E 144 11.47 0.54 8.39
C GLY E 144 11.54 -0.86 7.83
N ASN E 145 11.01 -1.04 6.63
CA ASN E 145 11.29 -2.24 5.83
C ASN E 145 10.62 -2.17 4.47
N PHE E 146 11.09 -3.02 3.56
CA PHE E 146 10.46 -3.15 2.27
C PHE E 146 9.14 -3.88 2.46
N GLU E 147 8.06 -3.26 2.00
CA GLU E 147 6.75 -3.86 2.12
C GLU E 147 6.09 -3.93 0.74
N GLN E 148 5.66 -5.13 0.37
CA GLN E 148 5.07 -5.36 -0.94
C GLN E 148 3.56 -5.09 -0.91
N TYR E 149 3.06 -4.50 -1.98
CA TYR E 149 1.64 -4.22 -2.08
C TYR E 149 1.05 -4.65 -3.42
N GLY E 150 -0.24 -4.95 -3.43
CA GLY E 150 -0.88 -5.43 -4.64
C GLY E 150 -2.37 -5.11 -4.71
N GLN E 151 -2.95 -5.30 -5.88
CA GLN E 151 -4.40 -5.15 -6.03
C GLN E 151 -5.06 -6.48 -6.33
N ALA E 152 -6.29 -6.64 -5.83
CA ALA E 152 -7.03 -7.87 -6.01
C ALA E 152 -7.84 -7.86 -7.31
N GLY E 153 -7.92 -9.01 -7.97
CA GLY E 153 -8.81 -9.14 -9.10
C GLY E 153 -8.26 -8.95 -10.51
N ALA E 154 -7.19 -8.20 -10.65
CA ALA E 154 -6.64 -8.03 -11.98
C ALA E 154 -5.14 -7.83 -11.94
N ARG E 155 -4.50 -8.10 -13.07
CA ARG E 155 -3.08 -7.85 -13.20
C ARG E 155 -2.92 -6.77 -14.25
N ASP E 156 -2.60 -5.57 -13.78
CA ASP E 156 -2.58 -4.38 -14.62
C ASP E 156 -1.44 -3.48 -14.16
N SER E 157 -1.24 -2.38 -14.88
CA SER E 157 -0.31 -1.33 -14.48
C SER E 157 -0.43 -0.89 -13.01
N THR E 158 -1.65 -0.83 -12.51
CA THR E 158 -1.90 -0.51 -11.10
C THR E 158 -1.78 -1.68 -10.12
N SER E 159 -2.09 -2.88 -10.59
CA SER E 159 -2.10 -4.10 -9.77
C SER E 159 -0.95 -4.34 -8.80
N PHE E 160 0.29 -4.10 -9.21
CA PHE E 160 1.40 -4.52 -8.36
C PHE E 160 2.39 -3.40 -8.07
N PHE E 161 2.59 -3.11 -6.78
CA PHE E 161 3.46 -2.01 -6.38
C PHE E 161 4.13 -2.28 -5.03
N SER E 162 4.86 -1.31 -4.51
CA SER E 162 5.57 -1.50 -3.25
C SER E 162 5.88 -0.19 -2.55
N LYS E 163 6.12 -0.26 -1.25
CA LYS E 163 6.53 0.91 -0.47
C LYS E 163 7.55 0.53 0.58
N THR E 164 8.35 1.49 1.02
CA THR E 164 9.18 1.28 2.19
C THR E 164 8.37 1.82 3.37
N THR E 165 7.91 0.92 4.23
CA THR E 165 7.01 1.35 5.31
C THR E 165 7.73 1.41 6.64
N PHE E 166 7.02 1.89 7.65
CA PHE E 166 7.58 2.06 8.98
C PHE E 166 6.62 1.62 10.07
N GLY E 167 7.17 1.13 11.18
CA GLY E 167 6.39 0.76 12.34
C GLY E 167 6.33 1.94 13.30
N ASP E 168 6.33 1.64 14.59
CA ASP E 168 6.38 2.65 15.63
C ASP E 168 7.58 3.58 15.44
N THR E 169 7.32 4.89 15.51
CA THR E 169 8.35 5.91 15.30
C THR E 169 8.43 6.91 16.46
N GLU E 170 9.65 7.29 16.81
CA GLU E 170 9.87 8.31 17.82
C GLU E 170 10.72 9.44 17.25
N TYR E 171 10.13 10.62 17.14
CA TYR E 171 10.78 11.77 16.51
C TYR E 171 11.42 12.71 17.53
N ILE E 172 12.57 13.25 17.19
CA ILE E 172 13.17 14.34 17.96
C ILE E 172 13.41 15.51 17.04
N SER E 173 13.14 16.72 17.53
CA SER E 173 13.27 17.92 16.72
C SER E 173 13.61 19.09 17.61
N TYR E 174 14.04 20.19 17.01
CA TYR E 174 14.31 21.40 17.78
C TYR E 174 13.63 22.58 17.08
N GLY E 175 13.52 23.69 17.79
CA GLY E 175 12.88 24.86 17.23
C GLY E 175 13.04 26.07 18.11
N SER E 176 12.63 27.23 17.59
CA SER E 176 12.80 28.46 18.35
C SER E 176 11.76 29.51 17.99
N ILE E 177 11.46 30.36 18.97
CA ILE E 177 10.58 31.50 18.74
C ILE E 177 11.37 32.78 18.95
N SER E 178 11.43 33.62 17.92
CA SER E 178 12.22 34.84 17.97
C SER E 178 11.41 36.00 18.51
N ILE E 179 11.81 36.52 19.66
CA ILE E 179 11.13 37.64 20.28
C ILE E 179 11.24 38.88 19.39
N GLU E 180 12.40 39.05 18.76
CA GLU E 180 12.63 40.19 17.86
C GLU E 180 11.60 40.22 16.73
N GLN E 181 11.37 39.06 16.14
CA GLN E 181 10.44 38.95 15.00
C GLN E 181 8.99 38.97 15.45
N LEU E 182 8.75 38.48 16.66
CA LEU E 182 7.39 38.37 17.20
C LEU E 182 6.82 39.69 17.73
N GLN E 183 7.62 40.41 18.50
CA GLN E 183 7.14 41.57 19.24
C GLN E 183 6.94 42.81 18.36
N PHE E 184 7.55 42.82 17.18
CA PHE E 184 7.45 43.98 16.31
C PHE E 184 6.69 43.68 15.03
N ILE E 185 5.82 44.60 14.64
CA ILE E 185 5.09 44.49 13.38
C ILE E 185 5.32 45.76 12.56
N SER E 186 6.00 45.60 11.42
CA SER E 186 6.37 46.74 10.60
C SER E 186 5.29 47.14 9.60
N LEU E 187 4.78 48.35 9.74
CA LEU E 187 3.77 48.90 8.84
C LEU E 187 4.40 49.77 7.76
N ASP E 188 5.73 49.83 7.74
CA ASP E 188 6.44 50.74 6.85
C ASP E 188 7.08 50.02 5.67
N LYS E 189 7.01 50.66 4.51
CA LYS E 189 7.54 50.10 3.27
C LYS E 189 9.05 50.36 3.11
N LYS E 190 9.61 51.04 4.09
CA LYS E 190 11.02 51.45 4.06
C LYS E 190 12.00 50.31 3.81
N PHE E 191 11.95 49.27 4.64
CA PHE E 191 12.86 48.13 4.52
C PHE E 191 12.25 46.99 3.70
N ASP E 192 11.08 47.23 3.12
CA ASP E 192 10.34 46.24 2.34
C ASP E 192 9.92 45.04 3.16
N ARG E 193 9.83 45.21 4.47
CA ARG E 193 9.33 44.18 5.37
C ARG E 193 7.86 44.44 5.71
N ALA E 194 7.28 45.43 5.06
CA ALA E 194 5.97 45.97 5.42
C ALA E 194 4.86 44.93 5.52
N ALA E 195 4.13 45.00 6.62
CA ALA E 195 2.97 44.14 6.86
C ALA E 195 1.74 44.62 6.12
N MET E 196 1.43 45.90 6.27
CA MET E 196 0.23 46.48 5.68
C MET E 196 0.49 47.86 5.08
N VAL E 197 -0.17 48.14 3.96
CA VAL E 197 -0.14 49.48 3.39
C VAL E 197 -1.02 50.40 4.22
N ILE E 198 -0.44 51.47 4.75
CA ILE E 198 -1.10 52.26 5.78
C ILE E 198 -1.31 53.74 5.44
N LYS E 199 -2.46 54.26 5.84
CA LYS E 199 -2.82 55.66 5.63
C LYS E 199 -2.77 56.24 7.03
N GLU E 200 -2.54 57.55 7.16
CA GLU E 200 -2.21 58.09 8.46
C GLU E 200 -3.41 58.09 9.40
N GLY E 201 -3.20 57.59 10.61
CA GLY E 201 -4.27 57.39 11.57
C GLY E 201 -4.68 55.94 11.74
N GLU E 202 -4.42 55.13 10.72
CA GLU E 202 -4.76 53.71 10.72
C GLU E 202 -3.97 52.89 11.74
N GLY E 203 -2.79 53.39 12.08
CA GLY E 203 -1.94 52.74 13.05
C GLY E 203 -2.62 52.42 14.37
N GLU E 204 -3.26 53.39 14.98
CA GLU E 204 -3.90 53.19 16.28
C GLU E 204 -5.08 52.23 16.23
N VAL E 205 -5.93 52.31 15.20
CA VAL E 205 -7.06 51.38 15.10
C VAL E 205 -6.57 49.95 14.86
N ILE E 206 -5.59 49.78 13.97
CA ILE E 206 -5.00 48.46 13.74
C ILE E 206 -4.42 47.91 15.04
N ALA E 207 -3.68 48.77 15.76
CA ALA E 207 -3.15 48.43 17.06
C ALA E 207 -4.26 47.96 18.00
N ALA E 208 -5.41 48.64 17.94
CA ALA E 208 -6.57 48.27 18.74
C ALA E 208 -7.07 46.88 18.39
N GLU E 209 -7.14 46.55 17.10
CA GLU E 209 -7.60 45.23 16.68
C GLU E 209 -6.64 44.13 17.14
N LEU E 210 -5.34 44.37 16.95
CA LEU E 210 -4.31 43.48 17.47
C LEU E 210 -4.51 43.26 18.96
N GLN E 211 -4.72 44.37 19.66
CA GLN E 211 -4.98 44.36 21.09
C GLN E 211 -6.16 43.45 21.42
N ASN E 212 -7.22 43.55 20.62
CA ASN E 212 -8.40 42.71 20.80
C ASN E 212 -8.12 41.22 20.64
N TYR E 213 -7.43 40.86 19.57
CA TYR E 213 -7.10 39.45 19.34
C TYR E 213 -6.21 38.89 20.45
N ILE E 214 -5.09 39.57 20.70
CA ILE E 214 -4.14 39.12 21.70
C ILE E 214 -4.77 39.05 23.10
N GLN E 215 -5.66 39.98 23.39
CA GLN E 215 -6.41 39.94 24.64
C GLN E 215 -7.31 38.72 24.66
N SER E 216 -7.95 38.44 23.52
CA SER E 216 -8.86 37.30 23.40
C SER E 216 -8.11 35.98 23.54
N LEU E 217 -6.80 36.02 23.34
CA LEU E 217 -5.98 34.82 23.54
C LEU E 217 -5.96 34.44 25.02
N ASN E 218 -5.56 35.39 25.87
CA ASN E 218 -5.50 35.16 27.31
C ASN E 218 -6.10 36.32 28.09
N PRO E 219 -7.42 36.24 28.38
CA PRO E 219 -8.15 37.28 29.11
C PRO E 219 -7.50 37.66 30.44
N SER E 220 -6.81 36.70 31.06
CA SER E 220 -6.15 36.94 32.34
C SER E 220 -5.07 38.01 32.26
N LEU E 221 -4.31 38.01 31.17
CA LEU E 221 -3.21 38.95 31.00
C LEU E 221 -3.69 40.34 30.58
N ASN E 222 -2.75 41.28 30.53
CA ASN E 222 -3.04 42.66 30.13
C ASN E 222 -2.07 43.13 29.04
N PRO E 223 -2.37 42.74 27.78
CA PRO E 223 -1.51 43.04 26.63
C PRO E 223 -1.57 44.50 26.19
N GLN E 224 -0.48 45.00 25.62
CA GLN E 224 -0.45 46.35 25.05
C GLN E 224 0.09 46.34 23.63
N ALA E 225 -0.67 46.88 22.69
CA ALA E 225 -0.20 47.05 21.32
C ALA E 225 -0.02 48.53 21.01
N ILE E 226 1.23 48.96 20.88
CA ILE E 226 1.52 50.37 20.73
C ILE E 226 2.05 50.73 19.34
N PHE E 227 1.28 51.54 18.61
CA PHE E 227 1.74 52.03 17.32
C PHE E 227 2.56 53.30 17.48
N HIS E 228 3.59 53.45 16.65
CA HIS E 228 4.36 54.70 16.62
C HIS E 228 4.96 54.91 15.22
N SER E 229 5.24 56.17 14.90
CA SER E 229 5.74 56.56 13.59
C SER E 229 7.19 56.16 13.31
N ASN E 230 8.00 56.03 14.36
CA ASN E 230 9.39 55.63 14.18
C ASN E 230 9.85 54.60 15.22
N TYR E 231 10.24 53.42 14.76
CA TYR E 231 10.75 52.39 15.67
C TYR E 231 12.18 51.99 15.34
N VAL E 232 13.11 52.25 16.26
CA VAL E 232 14.53 51.99 16.05
C VAL E 232 14.99 50.84 16.93
N ARG E 233 15.77 49.91 16.38
CA ARG E 233 16.23 48.77 17.16
C ARG E 233 17.32 49.17 18.15
N ARG E 234 17.28 48.58 19.34
CA ARG E 234 18.13 48.94 20.48
C ARG E 234 19.65 48.82 20.33
N GLY E 235 20.15 47.59 20.30
CA GLY E 235 21.58 47.34 20.22
C GLY E 235 22.29 47.76 18.96
N THR E 236 21.53 48.29 18.02
CA THR E 236 22.06 48.70 16.72
C THR E 236 22.86 49.99 16.70
N ILE E 237 23.83 50.02 15.80
CA ILE E 237 24.65 51.19 15.48
C ILE E 237 23.88 52.02 14.47
N PHE E 238 22.67 51.57 14.15
CA PHE E 238 21.85 52.17 13.10
C PHE E 238 20.83 53.15 13.70
N GLU E 239 20.79 54.34 13.12
CA GLU E 239 19.89 55.41 13.56
C GLU E 239 18.55 55.51 12.83
N GLU E 240 18.24 54.54 11.98
CA GLU E 240 17.02 54.62 11.17
C GLU E 240 16.02 53.51 11.48
N GLY E 241 14.74 53.87 11.48
CA GLY E 241 13.67 52.98 11.90
C GLY E 241 12.36 53.18 11.16
N GLU E 242 11.37 52.34 11.49
CA GLU E 242 10.10 52.30 10.77
C GLU E 242 8.88 52.53 11.64
N CYS E 243 7.79 53.00 11.02
CA CYS E 243 6.51 53.11 11.71
C CYS E 243 5.93 51.71 11.89
N GLY E 244 5.47 51.40 13.09
CA GLY E 244 4.98 50.07 13.36
C GLY E 244 4.30 49.89 14.70
N ILE E 245 4.04 48.64 15.06
CA ILE E 245 3.38 48.31 16.31
C ILE E 245 4.22 47.36 17.15
N LEU E 246 4.48 47.76 18.40
CA LEU E 246 5.22 46.93 19.34
C LEU E 246 4.31 46.34 20.40
N LEU E 247 4.55 45.08 20.77
CA LEU E 247 3.77 44.40 21.79
C LEU E 247 4.55 44.31 23.09
N ASN E 248 3.88 44.59 24.21
CA ASN E 248 4.51 44.54 25.53
C ASN E 248 4.74 43.11 26.00
N ASP E 249 5.40 42.99 27.15
CA ASP E 249 5.74 41.69 27.74
C ASP E 249 4.57 40.71 27.80
N ASP E 250 3.41 41.20 28.26
CA ASP E 250 2.24 40.34 28.42
C ASP E 250 1.73 39.77 27.09
N ALA E 251 1.71 40.60 26.06
CA ALA E 251 1.27 40.17 24.74
C ALA E 251 2.20 39.07 24.21
N VAL E 252 3.50 39.34 24.29
CA VAL E 252 4.52 38.38 23.87
C VAL E 252 4.34 37.07 24.62
N LYS E 253 4.07 37.16 25.92
CA LYS E 253 3.82 35.99 26.74
C LYS E 253 2.61 35.21 26.25
N ALA E 254 1.56 35.93 25.86
CA ALA E 254 0.36 35.30 25.33
C ALA E 254 0.64 34.55 24.03
N LEU E 255 1.39 35.20 23.13
CA LEU E 255 1.72 34.60 21.84
C LEU E 255 2.62 33.37 22.00
N VAL E 256 3.63 33.49 22.85
CA VAL E 256 4.52 32.39 23.16
C VAL E 256 3.75 31.20 23.74
N ALA E 257 2.88 31.49 24.69
CA ALA E 257 2.08 30.45 25.33
C ALA E 257 1.14 29.78 24.34
N GLU E 258 0.56 30.57 23.44
CA GLU E 258 -0.31 30.05 22.39
C GLU E 258 0.46 29.11 21.48
N THR E 259 1.65 29.53 21.06
CA THR E 259 2.49 28.71 20.19
C THR E 259 2.88 27.40 20.85
N LEU E 260 3.41 27.50 22.07
CA LEU E 260 3.83 26.31 22.81
C LEU E 260 2.66 25.37 23.04
N GLU E 261 1.48 25.93 23.26
CA GLU E 261 0.28 25.13 23.44
C GLU E 261 -0.08 24.37 22.16
N ARG E 262 -0.05 25.07 21.03
CA ARG E 262 -0.34 24.44 19.74
C ARG E 262 0.67 23.35 19.40
N LEU E 263 1.93 23.59 19.74
CA LEU E 263 2.99 22.61 19.50
C LEU E 263 2.82 21.39 20.37
N ALA E 264 2.46 21.60 21.63
CA ALA E 264 2.32 20.52 22.59
C ALA E 264 1.13 19.64 22.23
N ASN E 265 0.09 20.26 21.67
CA ASN E 265 -1.12 19.54 21.30
C ASN E 265 -1.11 19.13 19.82
N LEU E 266 -0.01 19.42 19.13
CA LEU E 266 0.11 19.10 17.71
C LEU E 266 -0.08 17.62 17.43
N SER E 267 -0.94 17.31 16.45
CA SER E 267 -1.13 15.94 16.01
C SER E 267 -1.42 15.90 14.52
N ILE E 268 -0.88 14.89 13.84
CA ILE E 268 -1.04 14.76 12.40
C ILE E 268 -1.58 13.39 12.02
N ARG E 269 -2.69 13.35 11.30
CA ARG E 269 -3.15 12.08 10.76
C ARG E 269 -3.04 12.17 9.24
N GLN E 270 -2.03 11.51 8.68
CA GLN E 270 -1.83 11.59 7.24
C GLN E 270 -1.36 10.25 6.66
N ALA E 271 -1.73 10.00 5.41
CA ALA E 271 -1.30 8.80 4.68
C ALA E 271 -1.39 7.52 5.51
N LYS E 272 -2.54 7.30 6.14
CA LYS E 272 -2.80 6.05 6.87
C LYS E 272 -1.85 5.84 8.06
N GLY E 273 -1.29 6.93 8.56
CA GLY E 273 -0.41 6.88 9.70
C GLY E 273 -0.57 8.14 10.53
N TYR E 274 -0.03 8.14 11.75
CA TYR E 274 -0.25 9.28 12.63
C TYR E 274 0.97 9.68 13.43
N MET E 275 0.95 10.91 13.90
CA MET E 275 2.00 11.48 14.73
C MET E 275 1.38 12.33 15.82
N TYR E 276 1.90 12.22 17.04
CA TYR E 276 1.51 13.15 18.10
C TYR E 276 2.73 13.62 18.88
N VAL E 277 2.71 14.88 19.30
CA VAL E 277 3.81 15.39 20.10
C VAL E 277 3.62 14.89 21.52
N ASP E 278 4.58 14.12 22.00
CA ASP E 278 4.47 13.52 23.32
C ASP E 278 4.93 14.50 24.39
N ASP E 279 6.21 14.84 24.32
CA ASP E 279 6.82 15.70 25.33
C ASP E 279 7.47 16.91 24.66
N ILE E 280 7.52 18.03 25.37
CA ILE E 280 8.20 19.21 24.86
C ILE E 280 9.01 19.87 25.98
N THR E 281 10.28 20.14 25.71
CA THR E 281 11.14 20.79 26.69
C THR E 281 11.40 22.22 26.21
N VAL E 282 11.16 23.18 27.10
CA VAL E 282 11.21 24.59 26.72
C VAL E 282 12.29 25.36 27.47
N ASP E 283 12.98 26.24 26.76
CA ASP E 283 14.00 27.09 27.35
C ASP E 283 13.78 28.54 26.98
N TYR E 284 13.70 29.40 27.99
CA TYR E 284 13.62 30.84 27.78
C TYR E 284 15.05 31.37 27.83
N ASN E 285 15.57 31.85 26.70
CA ASN E 285 17.00 32.13 26.61
C ASN E 285 17.38 33.59 26.75
N ASP E 286 17.97 33.91 27.89
CA ASP E 286 18.53 35.23 28.18
C ASP E 286 20.04 35.30 27.92
N SER E 287 20.64 34.17 27.62
CA SER E 287 22.10 34.08 27.45
C SER E 287 22.59 34.61 26.11
N HIS E 288 23.91 34.63 25.96
CA HIS E 288 24.55 35.06 24.72
C HIS E 288 24.80 33.91 23.74
N LYS E 289 24.26 32.74 24.05
CA LYS E 289 24.38 31.60 23.15
C LYS E 289 23.03 31.22 22.55
N MET E 290 23.04 30.89 21.26
CA MET E 290 21.84 30.48 20.54
C MET E 290 21.66 28.97 20.55
N MET E 291 20.42 28.53 20.77
CA MET E 291 20.08 27.11 20.86
C MET E 291 20.95 26.42 21.90
N ARG E 292 21.06 27.06 23.05
CA ARG E 292 21.71 26.50 24.23
C ARG E 292 21.22 25.09 24.54
N ILE E 293 19.92 24.90 24.36
CA ILE E 293 19.27 23.62 24.64
C ILE E 293 19.84 22.46 23.81
N LYS E 294 20.34 22.76 22.62
CA LYS E 294 20.80 21.71 21.74
C LYS E 294 22.14 21.13 22.21
N ARG E 295 23.10 22.00 22.53
CA ARG E 295 24.39 21.54 23.03
C ARG E 295 24.33 21.07 24.50
N ASP E 296 24.12 22.01 25.43
CA ASP E 296 24.06 21.73 26.86
C ASP E 296 22.63 21.88 27.35
N GLU E 297 22.05 20.82 27.90
CA GLU E 297 20.68 20.87 28.38
C GLU E 297 20.61 21.08 29.89
N SER E 298 21.76 21.31 30.51
CA SER E 298 21.81 21.57 31.94
C SER E 298 21.54 23.04 32.29
N GLU E 299 21.70 23.92 31.32
CA GLU E 299 21.60 25.35 31.59
C GLU E 299 20.20 25.88 31.28
N ILE E 300 19.32 24.96 30.93
CA ILE E 300 17.95 25.28 30.50
C ILE E 300 17.09 25.85 31.61
N ILE E 301 16.21 26.78 31.24
CA ILE E 301 15.27 27.38 32.19
C ILE E 301 13.86 27.21 31.63
N ASN E 302 13.02 26.51 32.39
CA ASN E 302 11.69 26.11 31.94
C ASN E 302 10.60 27.17 32.12
N GLU E 303 10.63 27.86 33.25
CA GLU E 303 9.64 28.90 33.53
C GLU E 303 10.25 30.26 33.24
N GLN E 304 9.45 31.21 32.81
CA GLN E 304 10.01 32.51 32.48
C GLN E 304 10.36 33.26 33.74
N HIS E 305 11.66 33.50 33.93
CA HIS E 305 12.18 34.20 35.08
C HIS E 305 12.17 35.72 34.92
N ALA E 306 12.54 36.17 33.73
CA ALA E 306 12.79 37.59 33.47
C ALA E 306 11.80 38.15 32.46
N PRO E 307 11.81 39.47 32.23
CA PRO E 307 10.92 39.97 31.18
C PRO E 307 11.46 39.69 29.78
N PHE E 308 10.58 39.68 28.79
CA PHE E 308 10.99 39.48 27.41
C PHE E 308 11.79 40.68 26.94
N ALA E 309 12.75 40.44 26.05
CA ALA E 309 13.65 41.49 25.58
C ALA E 309 12.93 42.55 24.75
N GLN E 310 13.28 43.80 25.00
CA GLN E 310 12.74 44.92 24.23
C GLN E 310 13.77 45.37 23.20
N TYR E 311 13.47 45.10 21.94
CA TYR E 311 14.42 45.33 20.86
C TYR E 311 14.32 46.72 20.23
N PHE E 312 13.40 47.56 20.68
CA PHE E 312 13.20 48.83 19.98
C PHE E 312 12.97 50.12 20.79
N TYR E 313 13.20 51.26 20.17
CA TYR E 313 13.02 52.58 20.78
C TYR E 313 11.75 53.17 20.22
N ALA E 314 11.04 53.96 21.02
CA ALA E 314 9.78 54.55 20.58
C ALA E 314 9.96 55.47 19.38
N LYS E 315 10.98 56.32 19.41
CA LYS E 315 11.26 57.13 18.22
C LYS E 315 12.76 57.15 17.92
N MET F 1 39.52 35.58 12.28
CA MET F 1 38.26 35.42 13.00
C MET F 1 37.39 34.36 12.36
N LYS F 2 36.69 33.58 13.19
CA LYS F 2 35.79 32.55 12.70
C LYS F 2 34.42 32.60 13.36
N ILE F 3 33.39 32.41 12.56
CA ILE F 3 32.04 32.22 13.07
C ILE F 3 31.53 30.86 12.58
N ILE F 4 31.30 29.95 13.52
CA ILE F 4 30.76 28.65 13.17
C ILE F 4 29.24 28.67 13.37
N ILE F 5 28.52 28.58 12.26
CA ILE F 5 27.07 28.65 12.24
C ILE F 5 26.46 27.32 11.78
N GLU F 6 25.80 26.63 12.70
CA GLU F 6 25.18 25.34 12.37
C GLU F 6 23.71 25.51 12.02
N TYR F 7 23.27 24.79 10.98
CA TYR F 7 21.91 24.92 10.47
C TYR F 7 21.28 23.57 10.15
N ASP F 8 19.96 23.51 10.24
CA ASP F 8 19.21 22.30 9.91
C ASP F 8 17.95 22.64 9.11
N SER F 9 17.66 21.83 8.11
CA SER F 9 16.45 21.96 7.30
C SER F 9 16.32 23.32 6.62
N CYS F 10 17.18 23.57 5.64
CA CYS F 10 17.14 24.82 4.89
C CYS F 10 16.82 24.58 3.42
N TRP F 11 15.95 25.41 2.87
CA TRP F 11 15.56 25.29 1.46
C TRP F 11 16.66 25.82 0.54
N ARG F 12 17.11 24.96 -0.37
CA ARG F 12 18.19 25.31 -1.28
C ARG F 12 17.70 25.77 -2.66
N ASN F 13 16.40 25.98 -2.82
CA ASN F 13 15.89 26.45 -4.10
C ASN F 13 15.16 27.80 -3.96
N ALA F 14 14.99 28.50 -5.07
CA ALA F 14 14.28 29.78 -5.08
C ALA F 14 13.31 29.85 -6.27
N PHE F 15 12.06 30.20 -5.97
CA PHE F 15 10.98 30.09 -6.94
C PHE F 15 10.62 31.39 -7.67
N LEU F 16 11.35 32.46 -7.39
CA LEU F 16 10.95 33.77 -7.89
C LEU F 16 11.88 34.34 -8.96
N GLY F 17 11.29 35.13 -9.86
CA GLY F 17 12.04 35.91 -10.81
C GLY F 17 12.37 37.26 -10.22
N GLY F 18 13.14 38.07 -10.94
CA GLY F 18 13.58 39.35 -10.42
C GLY F 18 14.75 39.14 -9.48
N SER F 19 14.85 40.00 -8.46
CA SER F 19 15.93 39.86 -7.49
C SER F 19 15.56 40.40 -6.11
N ASN F 20 16.13 39.78 -5.08
CA ASN F 20 16.00 40.24 -3.71
C ASN F 20 17.06 41.30 -3.43
N ASN F 21 17.87 41.54 -4.44
CA ASN F 21 18.99 42.48 -4.40
C ASN F 21 18.58 43.89 -4.82
N GLU F 22 17.27 44.15 -4.85
CA GLU F 22 16.73 45.34 -5.50
C GLU F 22 15.26 45.50 -5.12
N PRO F 23 14.77 46.76 -5.10
CA PRO F 23 13.45 47.07 -4.54
C PRO F 23 12.32 46.24 -5.13
N VAL F 24 11.49 45.68 -4.25
CA VAL F 24 10.40 44.81 -4.67
C VAL F 24 9.29 45.62 -5.34
N PRO F 25 8.82 45.13 -6.50
CA PRO F 25 7.81 45.80 -7.32
C PRO F 25 6.49 45.98 -6.58
N LYS F 26 5.65 46.88 -7.08
CA LYS F 26 4.34 47.14 -6.49
C LYS F 26 3.49 45.87 -6.51
N LYS F 27 3.61 45.11 -7.59
CA LYS F 27 2.86 43.86 -7.74
C LYS F 27 3.66 42.66 -7.25
N GLY F 28 4.83 42.92 -6.69
CA GLY F 28 5.69 41.86 -6.18
C GLY F 28 6.51 41.21 -7.26
N ARG F 29 7.18 40.11 -6.91
CA ARG F 29 8.07 39.42 -7.84
C ARG F 29 7.31 38.33 -8.59
N GLU F 30 7.64 38.15 -9.86
CA GLU F 30 7.01 37.14 -10.68
C GLU F 30 7.28 35.75 -10.11
N PHE F 31 6.22 34.98 -9.90
CA PHE F 31 6.36 33.64 -9.36
C PHE F 31 6.34 32.59 -10.46
N LEU F 32 7.47 31.94 -10.71
CA LEU F 32 7.41 30.69 -11.45
C LEU F 32 7.85 29.52 -10.58
N GLY F 33 6.88 28.84 -9.98
CA GLY F 33 7.10 27.56 -9.32
C GLY F 33 6.32 26.43 -9.95
N SER F 34 5.60 26.73 -11.02
CA SER F 34 4.68 25.76 -11.61
C SER F 34 5.44 24.78 -12.47
N MET F 35 4.91 23.57 -12.59
CA MET F 35 5.55 22.54 -13.39
C MET F 35 5.67 22.99 -14.85
N THR F 36 4.68 23.74 -15.31
CA THR F 36 4.74 24.32 -16.65
C THR F 36 5.92 25.28 -16.73
N SER F 37 6.08 26.10 -15.70
CA SER F 37 7.20 27.03 -15.63
C SER F 37 8.52 26.29 -15.45
N LEU F 38 8.55 25.35 -14.51
CA LEU F 38 9.75 24.60 -14.21
C LEU F 38 10.23 23.76 -15.40
N LYS F 39 9.31 23.48 -16.33
CA LYS F 39 9.69 22.79 -17.56
C LYS F 39 10.59 23.68 -18.41
N LYS F 40 10.27 24.97 -18.44
CA LYS F 40 11.06 25.95 -19.17
C LYS F 40 12.44 26.13 -18.57
N GLU F 41 13.44 26.27 -19.44
CA GLU F 41 14.84 26.40 -19.00
C GLU F 41 15.08 27.72 -18.29
N GLY F 42 15.74 27.65 -17.13
CA GLY F 42 16.11 28.85 -16.39
C GLY F 42 15.20 29.12 -15.20
N ASN F 43 14.00 28.54 -15.21
CA ASN F 43 13.05 28.75 -14.14
C ASN F 43 13.37 27.90 -12.90
N PHE F 44 13.91 26.72 -13.14
CA PHE F 44 14.31 25.85 -12.04
C PHE F 44 15.61 26.39 -11.44
N LYS F 45 15.59 26.70 -10.15
CA LYS F 45 16.74 27.33 -9.53
C LYS F 45 17.29 26.52 -8.36
N VAL F 46 18.58 26.18 -8.45
CA VAL F 46 19.28 25.56 -7.33
C VAL F 46 20.19 26.59 -6.68
N CYS F 47 20.10 26.72 -5.36
CA CYS F 47 20.89 27.72 -4.65
C CYS F 47 21.89 27.07 -3.71
N GLU F 48 22.97 27.80 -3.43
CA GLU F 48 23.95 27.39 -2.46
C GLU F 48 24.36 28.60 -1.66
N ASN F 49 25.08 28.39 -0.56
CA ASN F 49 25.57 29.51 0.23
C ASN F 49 26.57 30.33 -0.56
N THR F 50 26.30 31.63 -0.67
CA THR F 50 27.18 32.53 -1.40
C THR F 50 27.63 33.65 -0.47
N LEU F 51 28.44 34.55 -1.00
CA LEU F 51 28.92 35.68 -0.22
C LEU F 51 27.75 36.58 0.16
N ASP F 52 26.77 36.68 -0.71
CA ASP F 52 25.58 37.48 -0.44
C ASP F 52 24.84 36.95 0.77
N THR F 53 24.65 35.64 0.80
CA THR F 53 23.97 34.95 1.91
C THR F 53 24.71 35.19 3.21
N VAL F 54 26.01 34.96 3.19
CA VAL F 54 26.86 35.11 4.37
C VAL F 54 26.82 36.54 4.89
N MET F 55 26.96 37.52 3.99
CA MET F 55 26.95 38.92 4.40
C MET F 55 25.58 39.31 4.95
N GLY F 56 24.53 38.73 4.39
CA GLY F 56 23.19 38.95 4.88
C GLY F 56 23.06 38.42 6.30
N VAL F 57 23.69 37.28 6.56
CA VAL F 57 23.71 36.71 7.90
C VAL F 57 24.48 37.61 8.87
N LEU F 58 25.65 38.09 8.45
CA LEU F 58 26.46 38.99 9.25
C LEU F 58 25.68 40.26 9.64
N ASN F 59 25.10 40.90 8.64
CA ASN F 59 24.29 42.09 8.86
C ASN F 59 23.08 41.78 9.73
N ARG F 60 22.57 40.56 9.63
CA ARG F 60 21.50 40.12 10.50
C ARG F 60 22.00 40.03 11.94
N LEU F 61 23.26 39.62 12.08
CA LEU F 61 23.86 39.41 13.39
C LEU F 61 24.23 40.72 14.07
N ILE F 62 24.54 41.74 13.29
CA ILE F 62 24.83 43.05 13.88
C ILE F 62 23.53 43.83 14.10
N GLY F 63 22.42 43.27 13.64
CA GLY F 63 21.11 43.82 13.93
C GLY F 63 20.55 44.76 12.88
N ASP F 64 21.11 44.73 11.68
CA ASP F 64 20.63 45.59 10.60
C ASP F 64 19.20 45.21 10.23
N GLN F 65 18.29 46.17 10.27
CA GLN F 65 16.90 45.92 9.90
C GLN F 65 16.65 46.19 8.43
N ARG F 66 17.63 46.78 7.75
CA ARG F 66 17.55 47.04 6.32
C ARG F 66 17.85 45.77 5.54
N LYS F 67 17.34 45.68 4.32
CA LYS F 67 17.71 44.59 3.43
C LYS F 67 19.16 44.75 3.00
N LEU F 68 19.77 43.65 2.56
CA LEU F 68 21.19 43.63 2.21
C LEU F 68 21.55 44.66 1.16
N TYR F 69 20.71 44.78 0.13
CA TYR F 69 20.99 45.68 -0.98
C TYR F 69 20.89 47.14 -0.55
N GLN F 70 20.13 47.40 0.50
CA GLN F 70 20.01 48.74 1.04
C GLN F 70 21.23 49.06 1.90
N ALA F 71 21.75 48.04 2.57
CA ALA F 71 22.94 48.20 3.40
C ALA F 71 24.17 48.43 2.55
N ARG F 72 24.27 47.70 1.43
CA ARG F 72 25.40 47.83 0.52
C ARG F 72 25.41 49.19 -0.15
N SER F 73 24.23 49.77 -0.32
CA SER F 73 24.11 51.06 -1.00
C SER F 73 24.14 52.22 -0.01
N LYS F 74 24.32 51.91 1.26
CA LYS F 74 24.33 52.90 2.33
C LYS F 74 23.08 53.78 2.26
N MET F 75 21.94 53.14 2.03
CA MET F 75 20.69 53.83 1.75
C MET F 75 20.28 54.83 2.83
N TYR F 76 19.87 54.30 3.98
CA TYR F 76 19.35 55.13 5.06
C TYR F 76 20.40 55.45 6.13
N GLU F 77 21.62 55.00 5.92
CA GLU F 77 22.69 55.29 6.88
C GLU F 77 23.85 56.01 6.22
N SER F 78 24.86 56.36 7.01
CA SER F 78 26.02 57.07 6.49
C SER F 78 26.97 56.12 5.77
N ALA F 79 27.55 55.20 6.53
CA ALA F 79 28.51 54.25 5.97
C ALA F 79 28.02 52.81 6.08
N TYR F 80 28.49 51.95 5.18
CA TYR F 80 28.22 50.52 5.27
C TYR F 80 29.36 49.86 6.01
N TYR F 81 29.04 49.30 7.18
CA TYR F 81 30.04 48.79 8.11
C TYR F 81 30.97 47.75 7.50
N PHE F 82 30.43 46.90 6.64
CA PHE F 82 31.20 45.79 6.09
C PHE F 82 31.81 46.10 4.73
N GLU F 83 31.67 47.34 4.27
CA GLU F 83 32.18 47.77 2.98
C GLU F 83 33.66 47.43 2.79
N ALA F 84 34.44 47.59 3.85
CA ALA F 84 35.87 47.27 3.81
C ALA F 84 36.13 45.77 3.96
N LEU F 85 35.36 45.12 4.82
CA LEU F 85 35.64 43.75 5.22
C LEU F 85 35.03 42.70 4.31
N GLU F 86 34.14 43.11 3.41
CA GLU F 86 33.41 42.17 2.57
C GLU F 86 34.32 41.43 1.60
N ASP F 87 35.42 42.05 1.21
CA ASP F 87 36.39 41.42 0.33
C ASP F 87 37.32 40.51 1.13
N LYS F 88 37.29 40.69 2.45
CA LYS F 88 38.20 39.99 3.34
C LYS F 88 37.59 38.73 3.96
N VAL F 89 36.35 38.43 3.59
CA VAL F 89 35.64 37.31 4.21
C VAL F 89 35.38 36.17 3.23
N SER F 90 35.69 34.95 3.68
CA SER F 90 35.39 33.74 2.93
C SER F 90 34.55 32.80 3.78
N PHE F 91 34.16 31.66 3.24
CA PHE F 91 33.40 30.69 4.01
C PHE F 91 33.57 29.26 3.51
N ILE F 92 33.31 28.31 4.38
CA ILE F 92 33.39 26.89 4.07
C ILE F 92 32.08 26.23 4.46
N ASP F 93 31.37 25.69 3.47
CA ASP F 93 30.09 25.07 3.73
C ASP F 93 30.18 23.56 3.83
N LYS F 94 29.63 23.02 4.91
CA LYS F 94 29.51 21.58 5.09
C LYS F 94 28.04 21.19 5.18
N PRO F 95 27.33 21.20 4.03
CA PRO F 95 25.95 20.76 3.98
C PRO F 95 25.82 19.24 3.88
N GLN F 96 24.69 18.73 4.36
CA GLN F 96 24.24 17.40 4.02
C GLN F 96 22.98 17.60 3.19
N LEU F 97 23.04 17.17 1.94
CA LEU F 97 21.95 17.43 1.00
C LEU F 97 20.93 16.31 0.98
N THR F 98 19.65 16.70 0.98
CA THR F 98 18.56 15.76 0.87
C THR F 98 17.66 16.17 -0.28
N ASN F 99 17.25 15.21 -1.09
CA ASN F 99 16.35 15.51 -2.19
C ASN F 99 14.92 15.11 -1.84
N GLU F 100 14.09 16.12 -1.64
CA GLU F 100 12.70 15.89 -1.29
C GLU F 100 11.79 16.75 -2.16
N ILE F 101 10.65 16.19 -2.53
CA ILE F 101 9.65 16.95 -3.24
C ILE F 101 8.70 17.55 -2.22
N SER F 102 8.41 18.83 -2.37
CA SER F 102 7.55 19.53 -1.43
C SER F 102 6.45 20.27 -2.18
N PHE F 103 5.27 20.33 -1.57
CA PHE F 103 4.16 21.03 -2.18
C PHE F 103 4.25 22.52 -1.86
N ILE F 104 4.41 23.33 -2.89
CA ILE F 104 4.54 24.78 -2.71
C ILE F 104 3.31 25.48 -3.26
N ARG F 105 2.92 26.58 -2.60
CA ARG F 105 1.70 27.30 -2.93
C ARG F 105 1.89 28.23 -4.13
N ASN F 106 0.83 28.41 -4.90
CA ASN F 106 0.84 29.30 -6.05
C ASN F 106 -0.11 30.48 -5.85
N MET F 107 0.45 31.67 -5.67
CA MET F 107 -0.34 32.83 -5.25
C MET F 107 -0.99 33.62 -6.39
N ASN F 108 -0.56 33.37 -7.63
CA ASN F 108 -1.08 34.15 -8.75
C ASN F 108 -2.55 33.86 -9.05
N GLY F 109 -3.09 32.83 -8.40
CA GLY F 109 -4.49 32.49 -8.51
C GLY F 109 -4.91 32.08 -9.90
N SER F 110 -4.09 31.26 -10.54
CA SER F 110 -4.35 30.81 -11.90
C SER F 110 -5.48 29.78 -11.92
N THR F 111 -6.48 30.03 -12.77
CA THR F 111 -7.60 29.12 -12.91
C THR F 111 -7.16 27.82 -13.59
N ASP F 112 -7.64 26.70 -13.07
CA ASP F 112 -7.27 25.39 -13.61
C ASP F 112 -7.78 25.20 -15.02
N GLN F 113 -6.93 24.62 -15.87
CA GLN F 113 -7.31 24.29 -17.24
C GLN F 113 -8.52 23.39 -17.26
N ASN F 114 -8.40 22.22 -16.61
CA ASN F 114 -9.52 21.32 -16.45
C ASN F 114 -9.92 21.20 -14.97
N ALA F 115 -11.03 21.86 -14.63
CA ALA F 115 -11.64 21.81 -13.30
C ALA F 115 -12.81 22.79 -13.23
N PHE F 116 -13.63 22.65 -12.18
CA PHE F 116 -14.71 23.59 -11.90
C PHE F 116 -15.14 23.49 -10.45
N THR F 117 -15.82 24.52 -9.95
CA THR F 117 -16.28 24.50 -8.57
C THR F 117 -17.80 24.65 -8.47
N GLY F 118 -18.36 24.17 -7.36
CA GLY F 118 -19.77 24.32 -7.08
C GLY F 118 -20.65 23.29 -7.77
N MET F 119 -21.84 23.73 -8.16
CA MET F 119 -22.82 22.84 -8.79
C MET F 119 -23.07 23.22 -10.24
N ILE F 120 -23.37 22.21 -11.06
CA ILE F 120 -23.60 22.42 -12.48
C ILE F 120 -25.05 22.81 -12.76
N LYS F 121 -25.24 23.81 -13.62
CA LYS F 121 -26.57 24.26 -13.99
C LYS F 121 -27.07 23.54 -15.23
N VAL F 122 -28.07 22.69 -15.06
CA VAL F 122 -28.73 22.05 -16.19
C VAL F 122 -30.00 22.80 -16.57
N SER F 123 -30.30 23.85 -15.81
CA SER F 123 -31.49 24.65 -16.02
C SER F 123 -31.22 25.88 -16.89
N ASP F 124 -29.98 26.01 -17.34
CA ASP F 124 -29.57 27.17 -18.13
C ASP F 124 -30.34 27.23 -19.46
N PRO F 125 -30.88 28.41 -19.78
CA PRO F 125 -31.74 28.65 -20.95
C PRO F 125 -31.18 28.15 -22.28
N VAL F 126 -29.86 28.17 -22.44
CA VAL F 126 -29.26 27.78 -23.72
C VAL F 126 -29.50 26.28 -24.00
N PHE F 127 -29.58 25.47 -22.95
CA PHE F 127 -29.86 24.05 -23.10
C PHE F 127 -31.34 23.74 -23.25
N THR F 128 -32.18 24.47 -22.53
CA THR F 128 -33.60 24.14 -22.41
C THR F 128 -34.50 24.87 -23.41
N SER F 129 -33.90 25.69 -24.27
CA SER F 129 -34.69 26.49 -25.21
C SER F 129 -35.11 25.69 -26.45
N GLU F 130 -35.82 26.37 -27.35
CA GLU F 130 -36.29 25.76 -28.58
C GLU F 130 -35.16 25.59 -29.60
N TYR F 131 -34.35 26.64 -29.74
CA TYR F 131 -33.25 26.63 -30.69
C TYR F 131 -32.13 25.69 -30.26
N SER F 132 -32.15 25.32 -28.99
CA SER F 132 -31.08 24.53 -28.37
C SER F 132 -30.70 23.26 -29.12
N GLN F 133 -31.71 22.47 -29.48
CA GLN F 133 -31.49 21.16 -30.08
C GLN F 133 -30.70 21.23 -31.38
N GLN F 134 -31.16 22.05 -32.32
CA GLN F 134 -30.50 22.14 -33.62
C GLN F 134 -29.29 23.07 -33.57
N PHE F 135 -29.10 23.73 -32.43
CA PHE F 135 -27.91 24.56 -32.22
C PHE F 135 -26.74 23.68 -31.77
N TRP F 136 -26.89 23.06 -30.61
CA TRP F 136 -25.86 22.19 -30.07
C TRP F 136 -25.76 20.88 -30.86
N GLY F 137 -26.77 20.61 -31.68
CA GLY F 137 -26.79 19.40 -32.49
C GLY F 137 -25.72 19.37 -33.57
N VAL F 138 -25.13 20.54 -33.85
CA VAL F 138 -24.08 20.65 -34.86
C VAL F 138 -22.85 19.84 -34.47
N LEU F 139 -22.48 19.92 -33.18
CA LEU F 139 -21.26 19.29 -32.68
C LEU F 139 -21.32 17.76 -32.72
N ALA F 140 -22.53 17.20 -32.82
CA ALA F 140 -22.69 15.76 -32.77
C ALA F 140 -22.62 15.10 -34.14
N LEU F 141 -22.61 15.92 -35.18
CA LEU F 141 -22.51 15.40 -36.55
C LEU F 141 -21.10 14.87 -36.79
N ASP F 142 -20.97 13.88 -37.68
CA ASP F 142 -19.66 13.41 -38.09
C ASP F 142 -19.03 14.42 -39.03
N PHE F 143 -17.83 14.12 -39.53
CA PHE F 143 -17.08 15.09 -40.31
C PHE F 143 -17.72 15.39 -41.66
N THR F 144 -18.34 14.39 -42.26
CA THR F 144 -18.95 14.57 -43.59
C THR F 144 -20.24 15.37 -43.53
N GLN F 145 -21.11 15.05 -42.57
CA GLN F 145 -22.34 15.80 -42.37
C GLN F 145 -22.02 17.24 -41.97
N LEU F 146 -20.90 17.41 -41.28
CA LEU F 146 -20.45 18.74 -40.88
C LEU F 146 -19.96 19.53 -42.09
N CYS F 147 -19.18 18.87 -42.93
CA CYS F 147 -18.67 19.50 -44.15
C CYS F 147 -19.80 19.90 -45.08
N ASP F 148 -20.84 19.06 -45.15
CA ASP F 148 -22.01 19.39 -45.95
C ASP F 148 -22.82 20.50 -45.29
N PHE F 149 -22.83 20.52 -43.96
CA PHE F 149 -23.56 21.54 -43.20
C PHE F 149 -22.92 22.91 -43.36
N ILE F 150 -21.60 22.93 -43.56
CA ILE F 150 -20.86 24.17 -43.72
C ILE F 150 -21.38 24.94 -44.93
N ILE F 151 -21.79 24.23 -45.97
CA ILE F 151 -22.36 24.91 -47.13
C ILE F 151 -23.88 24.81 -47.18
N LYS F 152 -24.53 25.92 -46.82
CA LYS F 152 -25.95 26.15 -47.13
C LYS F 152 -26.93 25.16 -46.52
N GLN F 153 -26.43 24.08 -45.92
CA GLN F 153 -27.31 23.01 -45.45
C GLN F 153 -27.98 23.35 -44.12
N SER F 154 -29.31 23.36 -44.13
CA SER F 154 -30.08 23.72 -42.94
C SER F 154 -30.53 22.50 -42.14
N GLN F 155 -30.13 21.31 -42.58
CA GLN F 155 -30.63 20.07 -41.97
C GLN F 155 -29.72 19.53 -40.88
N VAL F 156 -30.19 19.59 -39.64
CA VAL F 156 -29.57 18.85 -38.54
C VAL F 156 -30.63 18.04 -37.82
N VAL F 157 -30.56 16.72 -37.97
CA VAL F 157 -31.55 15.83 -37.37
C VAL F 157 -31.05 15.25 -36.05
N GLY F 158 -29.81 15.57 -35.70
CA GLY F 158 -29.18 15.00 -34.52
C GLY F 158 -29.93 15.29 -33.23
N SER F 159 -30.31 14.22 -32.54
CA SER F 159 -30.96 14.33 -31.25
C SER F 159 -30.05 13.78 -30.17
N ILE F 160 -29.51 14.68 -29.34
CA ILE F 160 -28.47 14.30 -28.39
C ILE F 160 -28.82 14.71 -26.97
N GLU F 161 -28.09 14.14 -26.01
CA GLU F 161 -28.24 14.51 -24.62
C GLU F 161 -27.76 15.94 -24.40
N LEU F 162 -28.56 16.75 -23.71
CA LEU F 162 -28.14 18.11 -23.43
C LEU F 162 -27.62 18.20 -22.00
N ASN F 163 -26.31 18.29 -21.87
CA ASN F 163 -25.65 18.47 -20.59
C ASN F 163 -24.38 19.27 -20.82
N PRO F 164 -23.99 20.11 -19.85
CA PRO F 164 -22.68 20.75 -19.95
C PRO F 164 -21.56 19.72 -20.04
N LEU F 165 -21.69 18.65 -19.26
CA LEU F 165 -20.69 17.59 -19.25
C LEU F 165 -20.70 16.80 -20.56
N SER F 166 -21.88 16.58 -21.12
CA SER F 166 -22.00 15.86 -22.39
C SER F 166 -21.36 16.67 -23.52
N ILE F 167 -21.63 17.96 -23.52
CA ILE F 167 -21.07 18.86 -24.53
C ILE F 167 -19.56 18.95 -24.41
N ILE F 168 -19.07 19.18 -23.19
CA ILE F 168 -17.63 19.34 -22.99
C ILE F 168 -16.88 18.04 -23.25
N ASN F 169 -17.53 16.90 -22.98
CA ASN F 169 -16.91 15.60 -23.24
C ASN F 169 -16.90 15.32 -24.74
N ARG F 170 -17.95 15.75 -25.41
CA ARG F 170 -18.01 15.65 -26.87
C ARG F 170 -16.88 16.48 -27.49
N LEU F 171 -16.64 17.65 -26.92
CA LEU F 171 -15.53 18.51 -27.37
C LEU F 171 -14.19 17.84 -27.07
N GLU F 172 -14.10 17.17 -25.93
CA GLU F 172 -12.90 16.42 -25.57
C GLU F 172 -12.61 15.34 -26.59
N SER F 173 -13.66 14.67 -27.07
CA SER F 173 -13.51 13.61 -28.05
C SER F 173 -13.18 14.17 -29.44
N LEU F 174 -13.76 15.32 -29.76
CA LEU F 174 -13.54 15.93 -31.07
C LEU F 174 -12.15 16.55 -31.19
N ASN F 175 -11.59 16.98 -30.06
CA ASN F 175 -10.28 17.61 -30.05
C ASN F 175 -9.15 16.59 -30.18
N GLN F 176 -9.42 15.37 -29.73
CA GLN F 176 -8.41 14.32 -29.77
C GLN F 176 -8.41 13.61 -31.13
N GLU F 177 -9.28 14.06 -32.03
CA GLU F 177 -9.30 13.54 -33.39
C GLU F 177 -8.02 13.96 -34.12
N LYS F 178 -7.44 13.03 -34.88
CA LYS F 178 -6.18 13.27 -35.57
C LYS F 178 -6.32 14.33 -36.66
N ALA F 179 -5.22 15.03 -36.94
CA ALA F 179 -5.20 16.09 -37.94
C ALA F 179 -5.46 15.55 -39.34
N LEU F 180 -5.91 16.43 -40.23
CA LEU F 180 -6.24 16.02 -41.59
C LEU F 180 -5.44 16.81 -42.64
N GLU F 181 -5.12 16.15 -43.74
CA GLU F 181 -4.38 16.77 -44.83
C GLU F 181 -5.29 17.68 -45.64
N ASN F 182 -4.71 18.69 -46.28
CA ASN F 182 -5.48 19.63 -47.09
C ASN F 182 -5.81 19.04 -48.46
N SER F 183 -7.09 18.98 -48.77
CA SER F 183 -7.56 18.40 -50.03
C SER F 183 -8.72 19.22 -50.60
N ASP F 184 -9.34 18.70 -51.65
CA ASP F 184 -10.47 19.37 -52.32
C ASP F 184 -11.54 19.88 -51.36
N ASP F 185 -12.18 18.96 -50.64
CA ASP F 185 -13.18 19.30 -49.64
C ASP F 185 -12.66 20.30 -48.61
N LEU F 186 -11.45 20.03 -48.10
CA LEU F 186 -10.83 20.93 -47.14
C LEU F 186 -10.55 22.29 -47.76
N ALA F 187 -10.24 22.31 -49.05
CA ALA F 187 -10.01 23.57 -49.75
C ALA F 187 -11.29 24.39 -49.85
N GLN F 188 -12.39 23.74 -50.20
CA GLN F 188 -13.66 24.44 -50.36
C GLN F 188 -14.18 24.95 -49.02
N VAL F 189 -14.06 24.14 -47.97
CA VAL F 189 -14.54 24.55 -46.67
C VAL F 189 -13.61 25.60 -46.06
N LEU F 190 -12.34 25.57 -46.44
CA LEU F 190 -11.38 26.58 -46.00
C LEU F 190 -11.70 27.91 -46.64
N LYS F 191 -12.04 27.88 -47.93
CA LYS F 191 -12.38 29.10 -48.64
C LYS F 191 -13.68 29.69 -48.11
N VAL F 192 -14.68 28.84 -47.87
CA VAL F 192 -15.95 29.31 -47.33
C VAL F 192 -15.76 29.90 -45.92
N LEU F 193 -15.04 29.17 -45.08
CA LEU F 193 -14.77 29.63 -43.71
C LEU F 193 -14.01 30.95 -43.70
N ASN F 194 -12.98 31.05 -44.54
CA ASN F 194 -12.19 32.27 -44.65
C ASN F 194 -13.01 33.41 -45.24
N GLU F 195 -14.06 33.06 -45.98
CA GLU F 195 -14.98 34.07 -46.50
C GLU F 195 -15.86 34.62 -45.38
N TYR F 196 -16.38 33.72 -44.54
CA TYR F 196 -17.24 34.15 -43.44
C TYR F 196 -16.44 34.66 -42.23
N PHE F 197 -15.31 34.04 -41.95
CA PHE F 197 -14.46 34.47 -40.84
C PHE F 197 -13.03 34.73 -41.32
N PRO F 198 -12.80 35.90 -41.91
CA PRO F 198 -11.51 36.28 -42.53
C PRO F 198 -10.36 36.43 -41.55
N ASP F 199 -10.62 37.00 -40.37
CA ASP F 199 -9.57 37.37 -39.44
C ASP F 199 -8.71 36.20 -38.97
N ILE F 200 -9.32 35.02 -38.83
CA ILE F 200 -8.56 33.84 -38.47
C ILE F 200 -8.49 32.87 -39.64
N GLU F 201 -7.35 32.22 -39.78
CA GLU F 201 -7.14 31.19 -40.80
C GLU F 201 -7.12 29.85 -40.10
N TYR F 202 -7.56 28.79 -40.77
CA TYR F 202 -7.53 27.50 -40.12
C TYR F 202 -6.32 26.73 -40.62
N LEU F 203 -5.31 26.69 -39.76
CA LEU F 203 -4.07 25.98 -39.98
C LEU F 203 -3.38 25.85 -38.64
N ASN F 204 -2.46 24.90 -38.50
CA ASN F 204 -1.60 24.87 -37.34
C ASN F 204 -0.53 25.94 -37.49
N ASN F 205 0.09 26.33 -36.39
CA ASN F 205 1.28 27.15 -36.46
C ASN F 205 2.29 26.47 -37.38
N LYS F 206 2.40 25.15 -37.25
CA LYS F 206 3.13 24.34 -38.23
C LYS F 206 2.26 23.33 -38.96
N GLY F 207 1.96 23.62 -40.22
CA GLY F 207 1.50 22.64 -41.19
C GLY F 207 0.43 21.60 -40.86
N LEU F 208 -0.62 21.98 -40.13
CA LEU F 208 -1.68 21.02 -39.81
C LEU F 208 -3.08 21.64 -39.79
N ILE F 209 -4.09 20.79 -39.89
CA ILE F 209 -5.50 21.19 -39.81
C ILE F 209 -6.20 20.34 -38.74
N THR F 210 -7.06 20.96 -37.93
CA THR F 210 -7.71 20.24 -36.84
C THR F 210 -9.22 20.30 -36.97
N PRO F 211 -9.90 19.16 -36.70
CA PRO F 211 -11.37 19.06 -36.77
C PRO F 211 -12.11 19.94 -35.78
N ILE F 212 -11.59 20.05 -34.55
CA ILE F 212 -12.29 20.78 -33.49
C ILE F 212 -12.50 22.25 -33.86
N SER F 213 -11.55 22.82 -34.60
CA SER F 213 -11.66 24.21 -35.04
C SER F 213 -12.84 24.37 -36.01
N ILE F 214 -12.93 23.44 -36.95
CA ILE F 214 -14.01 23.44 -37.92
C ILE F 214 -15.36 23.25 -37.23
N TYR F 215 -15.39 22.37 -36.23
CA TYR F 215 -16.59 22.15 -35.43
C TYR F 215 -17.04 23.43 -34.72
N CYS F 216 -16.10 24.06 -34.02
CA CYS F 216 -16.39 25.28 -33.28
C CYS F 216 -16.89 26.40 -34.20
N SER F 217 -16.20 26.57 -35.32
CA SER F 217 -16.59 27.59 -36.30
C SER F 217 -17.93 27.26 -36.94
N ALA F 218 -18.26 25.97 -36.97
CA ALA F 218 -19.56 25.55 -37.47
C ALA F 218 -20.64 25.89 -36.45
N LEU F 219 -20.27 25.85 -35.17
CA LEU F 219 -21.18 26.26 -34.11
C LEU F 219 -21.42 27.76 -34.17
N TYR F 220 -20.35 28.51 -34.45
CA TYR F 220 -20.47 29.95 -34.67
C TYR F 220 -21.37 30.24 -35.87
N LEU F 221 -21.17 29.48 -36.94
CA LEU F 221 -21.96 29.61 -38.16
C LEU F 221 -23.44 29.37 -37.85
N GLN F 222 -23.71 28.33 -37.06
CA GLN F 222 -25.07 28.00 -36.67
C GLN F 222 -25.66 29.12 -35.82
N LEU F 223 -24.83 29.73 -34.98
CA LEU F 223 -25.26 30.86 -34.17
C LEU F 223 -25.67 32.03 -35.05
N ALA F 224 -24.91 32.24 -36.12
CA ALA F 224 -25.21 33.33 -37.05
C ALA F 224 -26.45 33.04 -37.87
N ARG F 225 -26.67 31.77 -38.20
CA ARG F 225 -27.80 31.38 -39.04
C ARG F 225 -29.13 31.38 -38.29
N LEU F 226 -29.12 30.81 -37.08
CA LEU F 226 -30.35 30.65 -36.30
C LEU F 226 -30.85 31.97 -35.70
N GLU F 227 -30.07 33.02 -35.84
CA GLU F 227 -30.43 34.33 -35.30
C GLU F 227 -31.67 34.90 -35.98
N THR F 228 -31.89 34.47 -37.23
CA THR F 228 -33.08 34.89 -37.97
C THR F 228 -34.30 34.11 -37.51
N SER F 229 -34.11 32.82 -37.23
CA SER F 229 -35.21 31.95 -36.80
C SER F 229 -35.69 32.30 -35.39
N PHE F 230 -34.75 32.35 -34.44
CA PHE F 230 -35.09 32.63 -33.05
C PHE F 230 -34.14 33.66 -32.45
N ASN F 231 -34.32 33.94 -31.16
CA ASN F 231 -33.47 34.89 -30.46
C ASN F 231 -32.24 34.21 -29.83
N MET F 232 -31.06 34.65 -30.26
CA MET F 232 -29.81 34.07 -29.78
C MET F 232 -29.23 34.84 -28.61
N THR F 233 -29.97 35.84 -28.14
CA THR F 233 -29.51 36.71 -27.06
C THR F 233 -29.15 35.94 -25.78
N THR F 234 -29.86 34.83 -25.55
CA THR F 234 -29.60 34.00 -24.39
C THR F 234 -28.39 33.10 -24.58
N ALA F 235 -28.04 32.84 -25.85
CA ALA F 235 -26.96 31.92 -26.17
C ALA F 235 -25.60 32.62 -26.28
N LYS F 236 -25.60 33.94 -26.21
CA LYS F 236 -24.35 34.70 -26.32
C LYS F 236 -24.15 35.62 -25.11
N THR F 237 -22.91 36.07 -24.94
CA THR F 237 -22.53 36.88 -23.79
C THR F 237 -22.75 38.37 -24.02
N LYS F 238 -22.40 39.16 -23.01
CA LYS F 238 -22.29 40.61 -23.16
C LYS F 238 -21.13 40.86 -24.11
N ALA F 239 -21.36 41.63 -25.16
CA ALA F 239 -20.44 41.68 -26.30
C ALA F 239 -20.26 40.27 -26.82
N GLY F 240 -21.32 39.77 -27.48
CA GLY F 240 -21.53 38.35 -27.70
C GLY F 240 -20.43 37.48 -28.24
N GLY F 241 -20.34 36.29 -27.66
CA GLY F 241 -19.45 35.23 -28.10
C GLY F 241 -19.80 33.98 -27.33
N ILE F 242 -19.48 32.81 -27.88
CA ILE F 242 -19.80 31.56 -27.19
C ILE F 242 -18.83 31.32 -26.04
N SER F 243 -19.37 31.15 -24.84
CA SER F 243 -18.57 30.97 -23.64
C SER F 243 -17.74 29.68 -23.68
N GLY F 244 -16.44 29.83 -23.45
CA GLY F 244 -15.55 28.69 -23.37
C GLY F 244 -15.15 28.11 -24.70
N ILE F 245 -15.72 28.65 -25.77
CA ILE F 245 -15.45 28.13 -27.11
C ILE F 245 -15.02 29.24 -28.06
N SER F 246 -13.79 29.14 -28.56
CA SER F 246 -13.30 30.07 -29.58
C SER F 246 -13.63 29.51 -30.95
N LYS F 247 -13.20 30.22 -32.00
CA LYS F 247 -13.43 29.75 -33.36
C LYS F 247 -12.40 28.68 -33.75
N ARG F 248 -11.23 28.74 -33.14
CA ARG F 248 -10.17 27.77 -33.42
C ARG F 248 -10.23 26.56 -32.47
N GLY F 249 -11.06 26.65 -31.45
CA GLY F 249 -11.14 25.59 -30.46
C GLY F 249 -11.98 25.95 -29.24
N PHE F 250 -11.74 25.27 -28.12
CA PHE F 250 -12.52 25.49 -26.91
C PHE F 250 -11.68 25.49 -25.65
N THR F 251 -12.26 25.97 -24.55
CA THR F 251 -11.61 25.96 -23.26
C THR F 251 -12.59 25.51 -22.18
N LYS F 252 -12.17 24.53 -21.39
CA LYS F 252 -13.07 23.85 -20.45
C LYS F 252 -13.45 24.71 -19.24
N LYS F 253 -12.47 25.44 -18.70
CA LYS F 253 -12.67 26.24 -17.50
C LYS F 253 -13.77 27.28 -17.67
N ASP F 254 -13.75 27.98 -18.80
CA ASP F 254 -14.69 29.07 -19.05
C ASP F 254 -16.10 28.55 -19.28
N PHE F 255 -16.20 27.49 -20.07
CA PHE F 255 -17.46 26.82 -20.34
C PHE F 255 -18.11 26.35 -19.04
N MET F 256 -17.36 25.55 -18.28
CA MET F 256 -17.84 25.03 -17.01
C MET F 256 -18.26 26.15 -16.07
N ASP F 257 -17.35 27.09 -15.81
CA ASP F 257 -17.64 28.21 -14.91
C ASP F 257 -18.89 28.97 -15.33
N ARG F 258 -19.06 29.11 -16.65
CA ARG F 258 -20.26 29.73 -17.20
C ARG F 258 -21.50 28.93 -16.79
N TYR F 259 -21.42 27.61 -16.91
CA TYR F 259 -22.56 26.75 -16.61
C TYR F 259 -22.54 26.13 -15.20
N THR F 260 -21.56 26.50 -14.38
CA THR F 260 -21.54 26.02 -12.99
C THR F 260 -21.79 27.14 -12.00
N THR F 261 -22.43 26.81 -10.90
CA THR F 261 -22.63 27.74 -9.80
C THR F 261 -21.34 27.89 -9.01
N GLY F 262 -20.88 29.12 -8.85
CA GLY F 262 -19.65 29.37 -8.12
C GLY F 262 -18.49 29.72 -9.03
N PRO F 263 -17.36 30.14 -8.44
CA PRO F 263 -16.20 30.66 -9.16
C PRO F 263 -15.40 29.59 -9.88
N LYS F 264 -14.34 30.01 -10.57
CA LYS F 264 -13.42 29.09 -11.24
C LYS F 264 -12.52 28.41 -10.21
N LYS F 265 -11.94 27.28 -10.61
CA LYS F 265 -11.07 26.53 -9.71
C LYS F 265 -9.69 27.18 -9.62
N THR F 266 -9.32 27.57 -8.41
CA THR F 266 -8.02 28.18 -8.16
C THR F 266 -6.96 27.10 -7.95
N ILE F 267 -5.76 27.34 -8.47
CA ILE F 267 -4.66 26.38 -8.25
C ILE F 267 -3.90 26.79 -7.00
N TRP F 268 -4.05 25.97 -5.95
CA TRP F 268 -3.51 26.30 -4.64
C TRP F 268 -2.01 26.08 -4.59
N GLY F 269 -1.51 25.33 -5.57
CA GLY F 269 -0.09 25.06 -5.64
C GLY F 269 0.23 23.80 -6.41
N ASN F 270 1.41 23.26 -6.12
CA ASN F 270 1.94 22.13 -6.86
C ASN F 270 3.25 21.67 -6.23
N PRO F 271 3.59 20.39 -6.38
CA PRO F 271 4.86 19.91 -5.83
C PRO F 271 6.01 20.56 -6.58
N PHE F 272 7.19 20.62 -5.96
CA PHE F 272 8.33 21.16 -6.65
C PHE F 272 9.03 19.99 -7.31
N ILE F 273 8.88 19.87 -8.62
CA ILE F 273 9.41 18.73 -9.35
C ILE F 273 9.66 19.12 -10.81
N LYS F 274 10.74 18.60 -11.38
CA LYS F 274 10.98 18.74 -12.81
C LYS F 274 11.40 17.42 -13.41
N LYS F 275 10.57 16.88 -14.30
CA LYS F 275 10.89 15.63 -14.96
C LYS F 275 11.36 15.91 -16.39
N GLU F 276 12.65 15.69 -16.62
CA GLU F 276 13.24 15.97 -17.92
C GLU F 276 13.81 14.71 -18.53
N LYS F 277 13.97 14.72 -19.85
CA LYS F 277 14.54 13.58 -20.54
C LYS F 277 15.89 13.93 -21.15
N ILE F 278 16.95 13.37 -20.57
CA ILE F 278 18.30 13.66 -21.03
C ILE F 278 18.89 12.42 -21.70
N LYS F 279 19.61 12.60 -22.80
CA LYS F 279 20.11 11.48 -23.58
C LYS F 279 21.08 10.63 -22.77
N GLY F 280 20.77 9.35 -22.67
CA GLY F 280 21.59 8.38 -21.97
C GLY F 280 21.26 8.26 -20.50
N GLN F 281 20.72 9.32 -19.92
CA GLN F 281 20.17 9.26 -18.56
C GLN F 281 18.73 8.77 -18.57
N GLY F 282 18.09 8.90 -19.73
CA GLY F 282 16.67 8.68 -19.84
C GLY F 282 15.88 9.70 -19.05
N GLU F 283 15.00 9.20 -18.18
CA GLU F 283 14.18 10.06 -17.33
C GLU F 283 14.94 10.50 -16.09
N VAL F 284 15.06 11.81 -15.90
CA VAL F 284 15.69 12.35 -14.70
C VAL F 284 14.71 13.29 -13.97
N THR F 285 14.60 13.09 -12.66
CA THR F 285 13.71 13.91 -11.84
C THR F 285 14.49 14.84 -10.92
N SER F 286 14.02 16.07 -10.81
CA SER F 286 14.66 17.08 -9.97
C SER F 286 13.70 17.61 -8.91
N MET F 287 14.10 17.50 -7.65
CA MET F 287 13.24 17.88 -6.54
C MET F 287 13.82 19.07 -5.79
N MET F 288 13.15 19.46 -4.71
CA MET F 288 13.68 20.51 -3.84
C MET F 288 14.81 19.95 -2.99
N THR F 289 15.87 20.73 -2.86
CA THR F 289 17.03 20.34 -2.07
C THR F 289 16.93 20.96 -0.68
N LYS F 290 17.08 20.12 0.35
CA LYS F 290 17.08 20.60 1.72
C LYS F 290 18.40 20.24 2.36
N ALA F 291 19.13 21.24 2.85
CA ALA F 291 20.46 21.00 3.35
C ALA F 291 20.55 21.22 4.86
N SER F 292 21.31 20.35 5.52
CA SER F 292 21.55 20.51 6.95
C SER F 292 23.00 20.18 7.28
N GLY F 293 23.67 21.08 7.99
CA GLY F 293 25.09 20.91 8.27
C GLY F 293 25.65 22.15 8.93
N GLN F 294 26.96 22.36 8.80
CA GLN F 294 27.58 23.50 9.47
C GLN F 294 28.33 24.40 8.50
N LEU F 295 28.41 25.68 8.81
CA LEU F 295 29.05 26.66 7.94
C LEU F 295 30.09 27.47 8.71
N GLU F 296 31.36 27.35 8.31
CA GLU F 296 32.41 28.14 8.93
C GLU F 296 32.69 29.38 8.12
N ILE F 297 32.30 30.55 8.63
CA ILE F 297 32.58 31.78 7.91
C ILE F 297 33.81 32.45 8.53
N SER F 298 34.83 32.65 7.72
CA SER F 298 36.09 33.21 8.17
C SER F 298 36.25 34.68 7.75
N ILE F 299 36.46 35.54 8.72
CA ILE F 299 36.79 36.94 8.46
C ILE F 299 38.22 37.21 8.90
N ASP F 300 39.04 37.71 7.97
CA ASP F 300 40.44 37.97 8.29
C ASP F 300 40.63 39.42 8.74
N VAL F 301 40.92 39.58 10.03
CA VAL F 301 41.12 40.90 10.62
C VAL F 301 42.02 40.79 11.85
N ASP F 302 42.29 41.93 12.47
CA ASP F 302 43.05 41.94 13.71
C ASP F 302 42.16 41.44 14.84
N ARG F 303 42.78 40.94 15.91
CA ARG F 303 42.04 40.41 17.05
C ARG F 303 41.15 41.48 17.69
N ASP F 304 41.62 42.73 17.64
CA ASP F 304 40.87 43.86 18.15
C ASP F 304 39.59 44.06 17.35
N LYS F 305 39.72 44.02 16.03
CA LYS F 305 38.58 44.12 15.13
C LYS F 305 37.58 43.00 15.42
N ALA F 306 38.11 41.79 15.61
CA ALA F 306 37.30 40.62 15.91
C ALA F 306 36.50 40.82 17.19
N GLN F 307 37.16 41.36 18.22
CA GLN F 307 36.50 41.63 19.49
C GLN F 307 35.42 42.69 19.33
N GLU F 308 35.69 43.68 18.48
CA GLU F 308 34.71 44.72 18.17
C GLU F 308 33.47 44.11 17.53
N ILE F 309 33.69 43.21 16.58
CA ILE F 309 32.60 42.49 15.94
C ILE F 309 31.81 41.70 16.98
N LYS F 310 32.54 41.00 17.84
CA LYS F 310 31.92 40.14 18.85
C LYS F 310 31.02 40.93 19.80
N ILE F 311 31.54 42.04 20.33
CA ILE F 311 30.73 42.86 21.24
C ILE F 311 29.61 43.56 20.49
N LEU F 312 29.78 43.72 19.17
CA LEU F 312 28.70 44.27 18.36
C LEU F 312 27.55 43.26 18.28
N ILE F 313 27.91 41.99 18.10
CA ILE F 313 26.90 40.92 18.04
C ILE F 313 26.23 40.77 19.40
N GLU F 314 27.04 40.81 20.46
CA GLU F 314 26.52 40.68 21.82
C GLU F 314 25.59 41.83 22.16
N ASN F 315 25.92 43.02 21.69
CA ASN F 315 25.05 44.18 21.89
C ASN F 315 23.77 44.08 21.06
N ALA F 316 23.87 43.46 19.88
CA ALA F 316 22.70 43.27 19.03
C ALA F 316 21.70 42.33 19.68
N GLY F 317 22.19 41.20 20.18
CA GLY F 317 21.36 40.24 20.87
C GLY F 317 20.42 39.47 19.95
N VAL F 318 20.85 39.27 18.71
CA VAL F 318 20.06 38.50 17.75
C VAL F 318 20.27 37.01 18.01
N SER F 319 19.23 36.21 17.81
CA SER F 319 19.32 34.77 17.98
C SER F 319 18.35 34.02 17.10
N SER F 320 18.71 32.79 16.73
CA SER F 320 17.79 31.87 16.06
C SER F 320 17.24 32.42 14.74
N PHE F 321 18.07 32.44 13.71
CA PHE F 321 17.68 32.93 12.40
C PHE F 321 17.65 31.77 11.41
N TYR F 322 16.90 31.91 10.32
CA TYR F 322 16.92 30.88 9.30
C TYR F 322 18.20 31.04 8.47
N LEU F 323 18.47 30.12 7.55
CA LEU F 323 19.57 30.33 6.62
C LEU F 323 19.15 30.13 5.17
N GLY F 324 19.01 31.25 4.48
CA GLY F 324 18.83 31.33 3.05
C GLY F 324 17.39 31.07 2.63
N LYS F 325 16.73 30.13 3.29
CA LYS F 325 15.28 30.06 3.38
C LYS F 325 14.86 29.10 4.49
N LYS F 326 13.76 29.41 5.18
CA LYS F 326 12.99 28.43 5.93
C LYS F 326 13.77 27.46 6.84
N GLY F 327 14.91 27.90 7.37
CA GLY F 327 15.74 27.02 8.17
C GLY F 327 15.75 27.32 9.66
N LEU F 328 16.43 26.48 10.43
CA LEU F 328 16.83 26.87 11.78
C LEU F 328 18.35 26.91 11.86
N ALA F 329 18.90 28.11 11.95
CA ALA F 329 20.35 28.29 11.97
C ALA F 329 20.79 29.16 13.14
N TYR F 330 21.66 28.62 13.98
CA TYR F 330 22.19 29.39 15.09
C TYR F 330 23.70 29.54 14.97
N VAL F 331 24.30 30.27 15.89
CA VAL F 331 25.74 30.46 15.88
C VAL F 331 26.37 29.52 16.89
N SER F 332 27.04 28.50 16.38
CA SER F 332 27.61 27.47 17.25
C SER F 332 28.81 28.00 18.01
N ASN F 333 29.71 28.70 17.31
CA ASN F 333 30.93 29.16 17.96
C ASN F 333 31.47 30.46 17.39
N ILE F 334 32.25 31.18 18.20
CA ILE F 334 32.98 32.36 17.73
C ILE F 334 34.44 32.30 18.16
N LYS F 335 35.34 32.28 17.18
CA LYS F 335 36.78 32.32 17.44
C LYS F 335 37.36 33.69 17.04
N LEU F 336 38.26 34.21 17.87
CA LEU F 336 38.89 35.49 17.61
C LEU F 336 40.19 35.31 16.83
#